data_5CGM
#
_entry.id   5CGM
#
_cell.length_a   80.330
_cell.length_b   113.900
_cell.length_c   220.500
_cell.angle_alpha   90.00
_cell.angle_beta   90.00
_cell.angle_gamma   90.00
#
_symmetry.space_group_name_H-M   'P 21 21 21'
#
loop_
_entity.id
_entity.type
_entity.pdbx_description
1 polymer 'Alpha-1,4-glucan:maltose-1-phosphate maltosyltransferase'
2 branched alpha-D-glucopyranose-(1-4)-alpha-D-glucopyranose
3 non-polymer 'PHOSPHATE ION'
4 non-polymer 'SODIUM ION'
5 non-polymer 'CHLORIDE ION'
6 non-polymer 'PENTAETHYLENE GLYCOL'
7 non-polymer 'TRIETHYLENE GLYCOL'
8 non-polymer 'TETRAETHYLENE GLYCOL'
9 non-polymer DI(HYDROXYETHYL)ETHER
10 non-polymer 1,2-ETHANEDIOL
11 water water
#
_entity_poly.entity_id   1
_entity_poly.type   'polypeptide(L)'
_entity_poly.pdbx_seq_one_letter_code
;GSVAGRIVIDDVQPVVSNGRYPAKAVVGEVVPVAATVWREGHDAVAATLVVRYHGTTYPDLADPPPGVPGADRTAVPIGD
VMTPAAPVKPQRLPMSPGHTPDVFHGHFTPDRVGLWTYRVDGWGDPIASWRHNVTAKLDAGQGESELNNDLLVGARLLER
AATGVPRELREALLEAAAALRAPGDPFTRAGAALSAEVSDLLAEYPLREFVTRGEQYGVWVDRPEARFSSWYEMFPRSTG
GWDAEGRPVHGTFATAAEALPRIARMGFDVVYLPPIHPIGKVHRKGRNNSVTAAPGDVGSPWAIGSDEGGHDAVHPQLGT
IEDFDEFVASARDLGLEVALDLALQCAPDHPWAREHPEWFTVLPDGSIAYAENPPKKYQDIYPLNFDNDPAGIYQEVLRV
VRFWISHGVNIFRVDNPHTKPPNFWAWLIGQIKNENPDVLFLSEAFTRPARLYGLAKLGFTQSYTYFTWRTSKWELTEFG
QEIAAKADIARPNLFVNTPDILHESLQHGGPGMFAIRAVLAATMGPAWGVYSGYELFENQPVRPGSEEYLNSEKYELRPR
DFESALARGESLEPFLTRLNEIRRLHPALRELRTIRFHHVDNDALLAYSKFDPGTGDTVLVVVTLNPFGAEEATLWLDMP
ELGMEPYDRFWVRDEITGEEYQWGQANYVRLDPAKAVAHVLNMPLIPADKRLQLLRRE
;
_entity_poly.pdbx_strand_id   A,B
#
loop_
_chem_comp.id
_chem_comp.type
_chem_comp.name
_chem_comp.formula
1PE non-polymer 'PENTAETHYLENE GLYCOL' 'C10 H22 O6'
CL non-polymer 'CHLORIDE ION' 'Cl -1'
EDO non-polymer 1,2-ETHANEDIOL 'C2 H6 O2'
GLC D-saccharide, alpha linking alpha-D-glucopyranose 'C6 H12 O6'
NA non-polymer 'SODIUM ION' 'Na 1'
PEG non-polymer DI(HYDROXYETHYL)ETHER 'C4 H10 O3'
PG4 non-polymer 'TETRAETHYLENE GLYCOL' 'C8 H18 O5'
PGE non-polymer 'TRIETHYLENE GLYCOL' 'C6 H14 O4'
PO4 non-polymer 'PHOSPHATE ION' 'O4 P -3'
#
# COMPACT_ATOMS: atom_id res chain seq x y z
N GLY A 1 1.33 1.61 -9.61
CA GLY A 1 1.19 2.93 -10.16
C GLY A 1 0.66 2.84 -11.55
N SER A 2 1.57 2.90 -12.55
CA SER A 2 1.06 2.69 -13.89
C SER A 2 0.42 3.80 -14.71
N VAL A 3 -0.30 3.33 -15.73
CA VAL A 3 -0.82 4.11 -16.85
C VAL A 3 -2.19 3.59 -17.32
N ALA A 4 -2.93 4.45 -18.04
CA ALA A 4 -4.20 4.08 -18.63
C ALA A 4 -4.21 4.49 -20.07
N GLY A 5 -4.32 3.51 -20.94
CA GLY A 5 -4.43 3.72 -22.38
C GLY A 5 -5.53 2.81 -22.85
N ARG A 6 -5.33 2.18 -24.01
CA ARG A 6 -6.25 1.18 -24.54
C ARG A 6 -6.22 -0.06 -23.61
N ILE A 7 -5.06 -0.30 -22.98
CA ILE A 7 -4.82 -1.30 -21.93
C ILE A 7 -4.49 -0.47 -20.66
N VAL A 8 -4.90 -0.95 -19.47
CA VAL A 8 -4.62 -0.28 -18.21
C VAL A 8 -3.59 -1.11 -17.43
N ILE A 9 -2.56 -0.46 -16.90
CA ILE A 9 -1.54 -1.10 -16.06
C ILE A 9 -1.63 -0.38 -14.72
N ASP A 10 -1.70 -1.15 -13.63
CA ASP A 10 -1.88 -0.56 -12.30
C ASP A 10 -1.12 -1.32 -11.24
N ASP A 11 -0.90 -0.66 -10.10
CA ASP A 11 -0.32 -1.20 -8.88
C ASP A 11 0.95 -2.03 -9.13
N VAL A 12 1.89 -1.42 -9.83
CA VAL A 12 3.18 -2.03 -10.18
C VAL A 12 4.10 -2.14 -8.95
N GLN A 13 4.77 -3.28 -8.78
CA GLN A 13 5.72 -3.48 -7.68
C GLN A 13 7.00 -4.18 -8.21
N PRO A 14 8.23 -3.86 -7.73
CA PRO A 14 8.55 -2.93 -6.62
C PRO A 14 8.61 -1.49 -7.01
N VAL A 15 7.89 -0.64 -6.24
CA VAL A 15 7.90 0.81 -6.44
C VAL A 15 8.07 1.40 -5.03
N VAL A 16 9.09 2.25 -4.83
CA VAL A 16 9.36 2.81 -3.49
C VAL A 16 8.94 4.26 -3.41
N SER A 17 8.09 4.63 -2.42
CA SER A 17 7.61 6.02 -2.26
C SER A 17 7.10 6.63 -3.57
N ASN A 18 6.26 5.84 -4.32
CA ASN A 18 5.71 6.27 -5.62
C ASN A 18 6.74 6.51 -6.71
N GLY A 19 7.93 5.94 -6.55
CA GLY A 19 8.99 6.11 -7.55
C GLY A 19 10.06 7.11 -7.16
N ARG A 20 9.97 7.70 -5.95
CA ARG A 20 10.96 8.68 -5.48
C ARG A 20 12.34 8.03 -5.25
N TYR A 21 12.34 6.76 -4.85
CA TYR A 21 13.62 6.08 -4.61
C TYR A 21 13.68 4.79 -5.41
N PRO A 22 14.88 4.34 -5.84
CA PRO A 22 14.97 3.02 -6.49
C PRO A 22 14.83 1.90 -5.45
N ALA A 23 14.37 0.74 -5.89
CA ALA A 23 14.31 -0.44 -5.05
C ALA A 23 15.74 -1.00 -4.95
N LYS A 24 15.98 -1.98 -4.06
CA LYS A 24 17.31 -2.54 -3.84
C LYS A 24 17.36 -3.99 -4.33
N ALA A 25 18.52 -4.41 -4.84
CA ALA A 25 18.81 -5.79 -5.21
C ALA A 25 20.31 -5.95 -5.23
N VAL A 26 20.77 -7.19 -5.41
CA VAL A 26 22.19 -7.47 -5.54
C VAL A 26 22.41 -8.32 -6.82
N VAL A 27 23.65 -8.35 -7.29
CA VAL A 27 24.02 -9.15 -8.46
C VAL A 27 23.65 -10.63 -8.17
N GLY A 28 22.93 -11.26 -9.10
CA GLY A 28 22.57 -12.66 -8.96
C GLY A 28 21.26 -12.92 -8.24
N GLU A 29 20.63 -11.85 -7.70
CA GLU A 29 19.35 -11.99 -6.99
C GLU A 29 18.20 -12.03 -8.02
N VAL A 30 17.21 -12.92 -7.82
CA VAL A 30 16.02 -12.98 -8.68
C VAL A 30 15.09 -11.89 -8.17
N VAL A 31 14.82 -10.89 -9.00
CA VAL A 31 13.95 -9.78 -8.58
C VAL A 31 12.51 -10.01 -9.11
N PRO A 32 11.49 -10.23 -8.27
CA PRO A 32 10.12 -10.38 -8.80
C PRO A 32 9.41 -9.05 -9.05
N VAL A 33 8.65 -8.98 -10.15
CA VAL A 33 7.89 -7.80 -10.55
C VAL A 33 6.42 -8.24 -10.73
N ALA A 34 5.47 -7.47 -10.18
CA ALA A 34 4.04 -7.72 -10.34
C ALA A 34 3.33 -6.47 -10.86
N ALA A 35 2.24 -6.66 -11.65
CA ALA A 35 1.43 -5.55 -12.14
C ALA A 35 0.04 -6.04 -12.44
N THR A 36 -0.95 -5.18 -12.22
CA THR A 36 -2.34 -5.48 -12.59
C THR A 36 -2.48 -4.98 -14.01
N VAL A 37 -2.92 -5.85 -14.92
CA VAL A 37 -3.05 -5.46 -16.34
C VAL A 37 -4.43 -5.90 -16.83
N TRP A 38 -5.22 -4.96 -17.35
CA TRP A 38 -6.59 -5.27 -17.76
C TRP A 38 -7.07 -4.47 -18.95
N ARG A 39 -8.14 -4.99 -19.59
CA ARG A 39 -8.77 -4.38 -20.75
C ARG A 39 -10.28 -4.69 -20.69
N GLU A 40 -11.00 -4.38 -21.76
CA GLU A 40 -12.45 -4.64 -21.88
C GLU A 40 -12.76 -6.09 -22.28
N GLY A 41 -14.01 -6.50 -22.09
CA GLY A 41 -14.53 -7.80 -22.51
C GLY A 41 -13.85 -9.02 -21.95
N HIS A 42 -13.99 -10.15 -22.67
CA HIS A 42 -13.42 -11.46 -22.28
C HIS A 42 -12.13 -11.75 -23.05
N ASP A 43 -11.66 -10.79 -23.86
CA ASP A 43 -10.45 -10.90 -24.67
C ASP A 43 -9.18 -10.98 -23.83
N ALA A 44 -8.24 -11.85 -24.25
CA ALA A 44 -6.99 -12.06 -23.55
C ALA A 44 -6.07 -10.83 -23.52
N VAL A 45 -5.38 -10.69 -22.40
CA VAL A 45 -4.43 -9.62 -22.25
C VAL A 45 -3.12 -10.29 -21.90
N ALA A 46 -2.02 -9.66 -22.26
CA ALA A 46 -0.69 -10.16 -21.93
C ALA A 46 0.21 -9.01 -21.53
N ALA A 47 1.39 -9.34 -21.00
CA ALA A 47 2.32 -8.30 -20.58
C ALA A 47 3.75 -8.69 -20.81
N THR A 48 4.58 -7.72 -21.11
CA THR A 48 6.02 -7.91 -21.30
C THR A 48 6.77 -7.04 -20.29
N LEU A 49 7.77 -7.62 -19.63
CA LEU A 49 8.67 -6.91 -18.72
C LEU A 49 9.87 -6.43 -19.52
N VAL A 50 10.06 -5.10 -19.64
CA VAL A 50 11.15 -4.51 -20.43
C VAL A 50 12.25 -4.08 -19.46
N VAL A 51 13.42 -4.73 -19.53
CA VAL A 51 14.55 -4.49 -18.62
C VAL A 51 15.75 -3.80 -19.33
N ARG A 52 16.30 -2.74 -18.69
CA ARG A 52 17.47 -2.02 -19.22
C ARG A 52 18.52 -1.84 -18.14
N TYR A 53 19.79 -1.84 -18.53
CA TYR A 53 20.95 -1.57 -17.68
C TYR A 53 21.47 -0.21 -18.08
N HIS A 54 21.59 0.71 -17.11
CA HIS A 54 22.03 2.09 -17.36
C HIS A 54 23.48 2.42 -16.99
N GLY A 55 24.24 1.45 -16.57
CA GLY A 55 25.62 1.71 -16.13
C GLY A 55 25.65 1.97 -14.64
N THR A 56 26.78 2.51 -14.14
CA THR A 56 26.97 2.76 -12.70
C THR A 56 26.61 4.17 -12.25
N THR A 57 25.88 4.95 -13.09
CA THR A 57 25.45 6.31 -12.68
C THR A 57 24.45 6.20 -11.53
N TYR A 58 24.80 6.78 -10.39
CA TYR A 58 24.00 6.72 -9.18
C TYR A 58 23.22 8.04 -9.00
N PRO A 59 21.90 7.99 -8.73
CA PRO A 59 21.14 9.25 -8.58
C PRO A 59 21.35 9.99 -7.26
N ASP A 60 21.04 11.31 -7.24
CA ASP A 60 21.09 12.08 -5.99
C ASP A 60 19.66 11.96 -5.47
N LEU A 61 19.50 11.28 -4.34
CA LEU A 61 18.17 10.95 -3.80
C LEU A 61 17.52 12.01 -2.91
N ALA A 62 18.18 13.19 -2.76
CA ALA A 62 17.63 14.30 -1.97
C ALA A 62 18.06 15.64 -2.53
N ASP A 63 17.36 16.71 -2.13
CA ASP A 63 17.70 18.07 -2.57
C ASP A 63 18.88 18.55 -1.73
N PRO A 64 20.08 18.77 -2.34
CA PRO A 64 21.22 19.26 -1.54
C PRO A 64 21.09 20.77 -1.23
N PRO A 65 21.87 21.33 -0.26
CA PRO A 65 21.76 22.78 0.03
C PRO A 65 22.26 23.67 -1.12
N PRO A 66 21.89 24.99 -1.17
CA PRO A 66 22.34 25.86 -2.26
C PRO A 66 23.85 25.88 -2.60
N GLY A 67 24.71 25.83 -1.57
CA GLY A 67 26.16 25.85 -1.73
C GLY A 67 26.75 24.67 -2.49
N PRO A 90 17.45 -3.30 -24.87
CA PRO A 90 16.56 -3.71 -23.79
C PRO A 90 16.13 -5.14 -23.91
N GLN A 91 16.07 -5.87 -22.80
CA GLN A 91 15.59 -7.24 -22.79
C GLN A 91 14.08 -7.19 -22.64
N ARG A 92 13.38 -8.04 -23.38
CA ARG A 92 11.92 -8.16 -23.36
C ARG A 92 11.65 -9.50 -22.75
N LEU A 93 11.06 -9.51 -21.56
CA LEU A 93 10.84 -10.74 -20.81
C LEU A 93 9.36 -11.05 -20.68
N PRO A 94 8.96 -12.33 -20.81
CA PRO A 94 7.52 -12.65 -20.69
C PRO A 94 7.03 -12.57 -19.24
N MET A 95 5.78 -12.15 -19.06
CA MET A 95 5.16 -12.12 -17.76
C MET A 95 4.04 -13.14 -17.76
N SER A 96 3.91 -13.87 -16.67
CA SER A 96 2.92 -14.93 -16.58
C SER A 96 1.68 -14.49 -15.83
N PRO A 97 0.48 -14.87 -16.35
CA PRO A 97 -0.75 -14.59 -15.60
C PRO A 97 -0.76 -15.45 -14.33
N GLY A 98 -1.14 -14.86 -13.20
CA GLY A 98 -1.14 -15.62 -11.95
C GLY A 98 -2.50 -16.18 -11.59
N HIS A 99 -2.60 -16.77 -10.39
CA HIS A 99 -3.85 -17.30 -9.88
C HIS A 99 -4.73 -16.16 -9.37
N THR A 100 -4.13 -15.00 -9.04
CA THR A 100 -4.86 -13.80 -8.63
C THR A 100 -5.34 -13.12 -9.92
N PRO A 101 -6.67 -13.01 -10.14
CA PRO A 101 -7.14 -12.45 -11.41
C PRO A 101 -6.59 -11.07 -11.73
N ASP A 102 -6.25 -10.87 -13.00
CA ASP A 102 -5.74 -9.62 -13.57
C ASP A 102 -4.30 -9.24 -13.17
N VAL A 103 -3.61 -10.09 -12.39
CA VAL A 103 -2.22 -9.81 -11.97
C VAL A 103 -1.25 -10.63 -12.83
N PHE A 104 -0.18 -9.98 -13.33
CA PHE A 104 0.89 -10.59 -14.15
C PHE A 104 2.19 -10.55 -13.34
N HIS A 105 3.00 -11.63 -13.44
CA HIS A 105 4.21 -11.78 -12.67
C HIS A 105 5.42 -11.97 -13.60
N GLY A 106 6.49 -11.25 -13.33
CA GLY A 106 7.73 -11.36 -14.08
C GLY A 106 8.91 -11.38 -13.12
N HIS A 107 10.12 -11.54 -13.68
CA HIS A 107 11.34 -11.51 -12.88
C HIS A 107 12.51 -11.25 -13.78
N PHE A 108 13.58 -10.72 -13.18
CA PHE A 108 14.86 -10.50 -13.84
C PHE A 108 15.97 -10.68 -12.83
N THR A 109 17.11 -11.18 -13.30
CA THR A 109 18.27 -11.42 -12.46
C THR A 109 19.39 -10.51 -12.96
N PRO A 110 19.61 -9.34 -12.30
CA PRO A 110 20.71 -8.47 -12.74
C PRO A 110 22.05 -9.16 -12.58
N ASP A 111 22.94 -9.01 -13.58
CA ASP A 111 24.23 -9.71 -13.59
C ASP A 111 25.42 -8.81 -13.31
N ARG A 112 25.16 -7.52 -13.00
CA ARG A 112 26.22 -6.57 -12.74
C ARG A 112 25.74 -5.38 -11.94
N VAL A 113 26.67 -4.76 -11.23
CA VAL A 113 26.46 -3.61 -10.36
C VAL A 113 26.00 -2.41 -11.18
N GLY A 114 25.03 -1.66 -10.64
CA GLY A 114 24.60 -0.41 -11.25
C GLY A 114 23.10 -0.19 -11.29
N LEU A 115 22.68 0.82 -12.04
CA LEU A 115 21.27 1.18 -12.16
C LEU A 115 20.55 0.40 -13.25
N TRP A 116 19.59 -0.43 -12.84
CA TRP A 116 18.75 -1.16 -13.75
C TRP A 116 17.37 -0.55 -13.68
N THR A 117 16.63 -0.60 -14.78
CA THR A 117 15.24 -0.16 -14.74
C THR A 117 14.39 -1.23 -15.39
N TYR A 118 13.11 -1.29 -15.02
CA TYR A 118 12.14 -2.19 -15.63
C TYR A 118 10.91 -1.36 -15.97
N ARG A 119 10.14 -1.82 -16.95
CA ARG A 119 8.90 -1.18 -17.36
C ARG A 119 7.98 -2.35 -17.73
N VAL A 120 6.69 -2.23 -17.39
CA VAL A 120 5.70 -3.25 -17.76
C VAL A 120 4.96 -2.71 -19.00
N ASP A 121 4.90 -3.51 -20.06
CA ASP A 121 4.17 -3.16 -21.28
C ASP A 121 2.97 -4.11 -21.40
N GLY A 122 1.77 -3.56 -21.49
CA GLY A 122 0.55 -4.35 -21.60
C GLY A 122 0.04 -4.37 -23.04
N TRP A 123 -0.59 -5.47 -23.44
CA TRP A 123 -1.09 -5.61 -24.82
C TRP A 123 -2.21 -6.63 -24.95
N GLY A 124 -3.07 -6.44 -25.96
CA GLY A 124 -4.14 -7.39 -26.25
C GLY A 124 -3.50 -8.58 -26.94
N ASP A 125 -3.92 -9.80 -26.61
CA ASP A 125 -3.33 -11.03 -27.17
C ASP A 125 -4.44 -11.74 -28.02
N PRO A 126 -4.73 -11.29 -29.26
CA PRO A 126 -5.84 -11.91 -30.04
C PRO A 126 -5.70 -13.40 -30.36
N ILE A 127 -4.48 -13.88 -30.53
CA ILE A 127 -4.24 -15.31 -30.81
C ILE A 127 -4.58 -16.20 -29.61
N ALA A 128 -4.29 -15.73 -28.36
CA ALA A 128 -4.67 -16.52 -27.17
C ALA A 128 -6.20 -16.59 -27.04
N SER A 129 -6.92 -15.48 -27.32
CA SER A 129 -8.38 -15.44 -27.30
C SER A 129 -8.94 -16.40 -28.37
N TRP A 130 -8.32 -16.40 -29.58
CA TRP A 130 -8.75 -17.27 -30.67
C TRP A 130 -8.52 -18.73 -30.32
N ARG A 131 -7.30 -19.07 -29.83
CA ARG A 131 -6.96 -20.45 -29.46
C ARG A 131 -7.91 -21.02 -28.42
N HIS A 132 -8.35 -20.18 -27.45
CA HIS A 132 -9.29 -20.57 -26.39
C HIS A 132 -10.69 -20.83 -26.96
N ASN A 133 -11.25 -19.87 -27.74
CA ASN A 133 -12.56 -19.96 -28.38
C ASN A 133 -12.68 -21.18 -29.31
N VAL A 134 -11.64 -21.45 -30.11
CA VAL A 134 -11.60 -22.56 -31.06
C VAL A 134 -11.53 -23.93 -30.37
N THR A 135 -10.65 -24.07 -29.35
CA THR A 135 -10.48 -25.32 -28.59
C THR A 135 -11.76 -25.70 -27.84
N ALA A 136 -12.49 -24.69 -27.31
CA ALA A 136 -13.75 -24.84 -26.60
C ALA A 136 -14.82 -25.45 -27.52
N LYS A 137 -14.99 -24.86 -28.74
CA LYS A 137 -15.96 -25.32 -29.74
C LYS A 137 -15.58 -26.71 -30.29
N LEU A 138 -14.29 -26.92 -30.60
CA LEU A 138 -13.76 -28.20 -31.10
C LEU A 138 -13.76 -29.26 -30.00
N GLN A 142 -18.41 -29.24 -32.01
CA GLN A 142 -19.02 -28.48 -33.11
C GLN A 142 -18.41 -28.85 -34.48
N GLY A 143 -19.20 -28.67 -35.53
CA GLY A 143 -18.83 -28.99 -36.91
C GLY A 143 -18.22 -27.84 -37.71
N GLU A 144 -17.95 -28.12 -39.00
CA GLU A 144 -17.33 -27.19 -39.96
C GLU A 144 -18.11 -25.90 -40.21
N SER A 145 -19.44 -26.00 -40.40
CA SER A 145 -20.32 -24.85 -40.69
C SER A 145 -20.33 -23.83 -39.54
N GLU A 146 -20.35 -24.30 -38.28
CA GLU A 146 -20.36 -23.46 -37.08
C GLU A 146 -18.99 -22.75 -36.85
N LEU A 147 -17.89 -23.51 -36.99
CA LEU A 147 -16.52 -23.04 -36.78
C LEU A 147 -15.92 -22.25 -37.93
N ASN A 148 -16.52 -22.33 -39.14
CA ASN A 148 -16.02 -21.67 -40.34
C ASN A 148 -15.53 -20.25 -40.18
N ASN A 149 -16.35 -19.35 -39.61
CA ASN A 149 -15.97 -17.96 -39.39
C ASN A 149 -14.75 -17.82 -38.47
N ASP A 150 -14.71 -18.60 -37.38
CA ASP A 150 -13.59 -18.62 -36.42
C ASP A 150 -12.31 -19.09 -37.07
N LEU A 151 -12.40 -20.15 -37.90
CA LEU A 151 -11.24 -20.68 -38.61
C LEU A 151 -10.66 -19.62 -39.57
N LEU A 152 -11.52 -18.87 -40.26
CA LEU A 152 -11.13 -17.81 -41.19
C LEU A 152 -10.55 -16.59 -40.43
N VAL A 153 -11.11 -16.25 -39.25
CA VAL A 153 -10.57 -15.17 -38.38
C VAL A 153 -9.14 -15.57 -37.93
N GLY A 154 -8.97 -16.85 -37.59
CA GLY A 154 -7.67 -17.38 -37.19
C GLY A 154 -6.61 -17.26 -38.26
N ALA A 155 -7.01 -17.49 -39.54
CA ALA A 155 -6.10 -17.39 -40.68
C ALA A 155 -5.64 -15.96 -40.82
N ARG A 156 -6.54 -14.98 -40.68
CA ARG A 156 -6.18 -13.56 -40.74
C ARG A 156 -5.19 -13.19 -39.58
N LEU A 157 -5.39 -13.77 -38.38
CA LEU A 157 -4.54 -13.47 -37.20
C LEU A 157 -3.10 -13.96 -37.42
N LEU A 158 -2.95 -15.18 -37.97
CA LEU A 158 -1.65 -15.77 -38.28
C LEU A 158 -0.90 -14.94 -39.32
N GLU A 159 -1.62 -14.33 -40.27
CA GLU A 159 -1.03 -13.47 -41.30
C GLU A 159 -0.62 -12.13 -40.71
N ARG A 160 -1.45 -11.56 -39.81
CA ARG A 160 -1.07 -10.32 -39.10
C ARG A 160 0.22 -10.61 -38.31
N ALA A 161 0.31 -11.79 -37.64
CA ALA A 161 1.48 -12.19 -36.85
C ALA A 161 2.72 -12.38 -37.74
N ALA A 162 2.53 -12.99 -38.95
CA ALA A 162 3.62 -13.24 -39.91
C ALA A 162 4.32 -11.98 -40.40
N THR A 163 3.62 -10.84 -40.44
CA THR A 163 4.21 -9.55 -40.84
C THR A 163 5.33 -9.11 -39.87
N GLY A 164 5.23 -9.51 -38.60
CA GLY A 164 6.22 -9.20 -37.58
C GLY A 164 7.26 -10.28 -37.41
N VAL A 165 7.28 -11.28 -38.33
CA VAL A 165 8.19 -12.42 -38.31
C VAL A 165 9.21 -12.30 -39.46
N PRO A 166 10.53 -12.63 -39.25
CA PRO A 166 11.49 -12.56 -40.36
C PRO A 166 11.08 -13.47 -41.52
N ARG A 167 11.25 -12.98 -42.77
CA ARG A 167 10.86 -13.67 -44.02
C ARG A 167 11.23 -15.15 -44.06
N GLU A 168 12.42 -15.51 -43.56
CA GLU A 168 12.92 -16.88 -43.53
C GLU A 168 12.19 -17.80 -42.55
N LEU A 169 11.39 -17.22 -41.63
CA LEU A 169 10.64 -18.01 -40.63
C LEU A 169 9.12 -18.06 -40.83
N ARG A 170 8.56 -17.20 -41.72
CA ARG A 170 7.13 -17.08 -42.00
C ARG A 170 6.39 -18.32 -42.49
N GLU A 171 7.06 -19.18 -43.27
CA GLU A 171 6.48 -20.38 -43.89
C GLU A 171 5.44 -21.14 -43.09
N ALA A 172 5.77 -21.53 -41.84
CA ALA A 172 4.88 -22.29 -40.97
C ALA A 172 3.54 -21.56 -40.71
N LEU A 173 3.59 -20.22 -40.55
CA LEU A 173 2.40 -19.41 -40.31
C LEU A 173 1.55 -19.32 -41.58
N LEU A 174 2.21 -19.17 -42.75
CA LEU A 174 1.53 -19.05 -44.05
C LEU A 174 0.82 -20.34 -44.44
N GLU A 175 1.46 -21.48 -44.19
CA GLU A 175 0.91 -22.82 -44.45
C GLU A 175 -0.26 -23.11 -43.53
N ALA A 176 -0.15 -22.75 -42.22
CA ALA A 176 -1.23 -22.95 -41.25
C ALA A 176 -2.47 -22.11 -41.61
N ALA A 177 -2.26 -20.89 -42.14
CA ALA A 177 -3.34 -20.01 -42.58
C ALA A 177 -4.07 -20.61 -43.80
N ALA A 178 -3.33 -21.19 -44.78
CA ALA A 178 -3.95 -21.82 -45.97
C ALA A 178 -4.78 -23.04 -45.53
N ALA A 179 -4.22 -23.88 -44.60
CA ALA A 179 -4.89 -25.07 -44.04
C ALA A 179 -6.19 -24.72 -43.29
N LEU A 180 -6.22 -23.58 -42.57
CA LEU A 180 -7.44 -23.11 -41.88
C LEU A 180 -8.56 -22.78 -42.86
N ARG A 181 -8.19 -22.32 -44.07
CA ARG A 181 -9.13 -21.94 -45.13
C ARG A 181 -9.56 -23.10 -46.04
N ALA A 182 -8.76 -24.18 -46.11
CA ALA A 182 -9.05 -25.34 -46.96
C ALA A 182 -10.33 -26.04 -46.50
N PRO A 183 -11.20 -26.54 -47.40
CA PRO A 183 -12.41 -27.23 -46.94
C PRO A 183 -12.09 -28.54 -46.22
N GLY A 184 -12.97 -28.97 -45.31
CA GLY A 184 -12.78 -30.20 -44.56
C GLY A 184 -13.17 -30.11 -43.10
N ASP A 185 -12.80 -31.16 -42.34
CA ASP A 185 -13.07 -31.29 -40.91
C ASP A 185 -12.29 -30.22 -40.11
N PRO A 186 -12.95 -29.49 -39.18
CA PRO A 186 -12.26 -28.42 -38.43
C PRO A 186 -11.00 -28.82 -37.67
N PHE A 187 -10.91 -30.09 -37.21
CA PHE A 187 -9.72 -30.60 -36.49
C PHE A 187 -8.50 -30.57 -37.42
N THR A 188 -8.67 -31.08 -38.65
CA THR A 188 -7.64 -31.13 -39.71
C THR A 188 -7.23 -29.70 -40.14
N ARG A 189 -8.20 -28.79 -40.22
CA ARG A 189 -7.97 -27.39 -40.64
C ARG A 189 -7.24 -26.59 -39.56
N ALA A 190 -7.62 -26.77 -38.27
CA ALA A 190 -7.03 -26.09 -37.12
C ALA A 190 -5.71 -26.69 -36.65
N GLY A 191 -5.41 -27.91 -37.10
CA GLY A 191 -4.22 -28.68 -36.75
C GLY A 191 -2.90 -27.93 -36.73
N ALA A 192 -2.46 -27.44 -37.90
CA ALA A 192 -1.22 -26.70 -38.04
C ALA A 192 -1.24 -25.39 -37.23
N ALA A 193 -2.40 -24.71 -37.17
CA ALA A 193 -2.58 -23.47 -36.43
C ALA A 193 -2.38 -23.65 -34.90
N LEU A 194 -2.69 -24.85 -34.37
CA LEU A 194 -2.56 -25.20 -32.94
C LEU A 194 -1.27 -25.97 -32.62
N SER A 195 -0.47 -26.32 -33.64
CA SER A 195 0.79 -27.06 -33.49
C SER A 195 1.83 -26.33 -32.65
N ALA A 196 2.72 -27.10 -32.00
CA ALA A 196 3.82 -26.58 -31.17
C ALA A 196 4.76 -25.68 -31.98
N GLU A 197 5.05 -26.08 -33.25
CA GLU A 197 5.92 -25.34 -34.17
C GLU A 197 5.44 -23.91 -34.41
N VAL A 198 4.11 -23.73 -34.61
CA VAL A 198 3.49 -22.40 -34.81
C VAL A 198 3.50 -21.65 -33.47
N SER A 199 3.11 -22.35 -32.38
CA SER A 199 3.05 -21.84 -31.01
C SER A 199 4.41 -21.28 -30.53
N ASP A 200 5.52 -22.02 -30.81
CA ASP A 200 6.88 -21.61 -30.45
C ASP A 200 7.29 -20.33 -31.19
N LEU A 201 6.91 -20.22 -32.47
CA LEU A 201 7.21 -19.07 -33.31
C LEU A 201 6.49 -17.82 -32.78
N LEU A 202 5.21 -17.98 -32.36
CA LEU A 202 4.40 -16.90 -31.80
C LEU A 202 4.91 -16.47 -30.42
N ALA A 203 5.58 -17.37 -29.69
CA ALA A 203 6.19 -17.08 -28.38
C ALA A 203 7.44 -16.21 -28.59
N GLU A 204 8.10 -16.34 -29.74
CA GLU A 204 9.29 -15.56 -30.09
C GLU A 204 8.89 -14.21 -30.74
N TYR A 205 7.83 -14.22 -31.59
CA TYR A 205 7.35 -13.01 -32.27
C TYR A 205 5.83 -12.89 -32.07
N PRO A 206 5.35 -12.54 -30.83
CA PRO A 206 3.90 -12.49 -30.61
C PRO A 206 3.19 -11.38 -31.34
N LEU A 207 1.91 -11.59 -31.66
CA LEU A 207 1.08 -10.57 -32.28
C LEU A 207 0.52 -9.80 -31.07
N ARG A 208 0.99 -8.57 -30.91
CA ARG A 208 0.64 -7.71 -29.79
C ARG A 208 -0.16 -6.55 -30.29
N GLU A 209 -1.39 -6.41 -29.79
CA GLU A 209 -2.20 -5.28 -30.21
C GLU A 209 -2.33 -4.27 -29.08
N PHE A 210 -2.45 -2.99 -29.44
CA PHE A 210 -2.63 -1.89 -28.49
C PHE A 210 -1.53 -1.85 -27.40
N VAL A 211 -0.26 -2.01 -27.80
CA VAL A 211 0.87 -1.98 -26.87
C VAL A 211 0.83 -0.69 -26.06
N THR A 212 0.71 -0.85 -24.73
CA THR A 212 0.62 0.27 -23.81
C THR A 212 1.86 0.20 -22.92
N ARG A 213 2.67 1.25 -22.96
CA ARG A 213 3.93 1.31 -22.24
C ARG A 213 3.78 1.91 -20.84
N GLY A 214 4.18 1.13 -19.84
CA GLY A 214 4.14 1.59 -18.45
C GLY A 214 5.23 2.55 -18.09
N GLU A 215 5.29 2.92 -16.82
CA GLU A 215 6.32 3.83 -16.29
C GLU A 215 7.59 3.04 -16.04
N GLN A 216 8.74 3.70 -16.20
CA GLN A 216 10.06 3.09 -15.96
C GLN A 216 10.39 3.25 -14.46
N TYR A 217 10.76 2.15 -13.78
CA TYR A 217 11.11 2.20 -12.35
C TYR A 217 12.52 1.71 -12.15
N GLY A 218 13.23 2.29 -11.19
CA GLY A 218 14.61 1.94 -10.90
C GLY A 218 14.88 0.86 -9.87
N VAL A 219 15.97 0.13 -10.09
CA VAL A 219 16.50 -0.89 -9.18
C VAL A 219 18.03 -0.67 -9.13
N TRP A 220 18.57 -0.21 -7.97
CA TRP A 220 20.02 -0.06 -7.80
C TRP A 220 20.54 -1.42 -7.40
N VAL A 221 21.48 -1.96 -8.17
CA VAL A 221 22.02 -3.29 -7.93
C VAL A 221 23.45 -3.20 -7.38
N ASP A 222 23.65 -3.69 -6.13
CA ASP A 222 24.96 -3.68 -5.49
C ASP A 222 25.62 -5.05 -5.60
N ARG A 223 26.92 -5.14 -5.25
CA ARG A 223 27.69 -6.40 -5.20
C ARG A 223 27.06 -7.33 -4.14
N PRO A 224 27.24 -8.67 -4.21
CA PRO A 224 26.53 -9.55 -3.27
C PRO A 224 26.71 -9.29 -1.77
N GLU A 225 27.89 -8.78 -1.35
CA GLU A 225 28.21 -8.50 0.07
C GLU A 225 27.24 -7.49 0.71
N ALA A 226 26.59 -6.65 -0.12
CA ALA A 226 25.61 -5.66 0.36
C ALA A 226 24.47 -6.39 1.07
N ARG A 227 24.17 -7.65 0.64
CA ARG A 227 23.10 -8.43 1.26
C ARG A 227 23.63 -9.54 2.14
N PHE A 228 24.58 -10.32 1.60
CA PHE A 228 25.08 -11.50 2.27
C PHE A 228 26.53 -11.32 2.72
N SER A 229 26.73 -11.10 4.04
CA SER A 229 28.06 -10.89 4.63
C SER A 229 28.02 -11.18 6.11
N SER A 230 29.13 -11.66 6.65
CA SER A 230 29.26 -12.05 8.05
C SER A 230 30.33 -11.15 8.66
N TRP A 231 29.92 -10.36 9.65
CA TRP A 231 30.76 -9.33 10.27
C TRP A 231 31.30 -9.68 11.64
N TYR A 232 32.57 -9.34 11.91
CA TYR A 232 33.16 -9.49 13.24
C TYR A 232 33.74 -8.12 13.67
N GLU A 233 33.28 -7.62 14.81
CA GLU A 233 33.73 -6.34 15.33
C GLU A 233 34.87 -6.55 16.33
N MET A 234 35.99 -5.87 16.12
CA MET A 234 37.13 -5.93 17.06
C MET A 234 37.85 -4.59 17.17
N PHE A 235 38.42 -4.30 18.33
CA PHE A 235 39.17 -3.07 18.58
C PHE A 235 40.66 -3.36 18.32
N PRO A 236 41.33 -2.75 17.30
CA PRO A 236 42.78 -2.99 17.10
C PRO A 236 43.66 -2.82 18.35
N ARG A 237 43.35 -1.82 19.20
CA ARG A 237 44.14 -1.58 20.44
C ARG A 237 44.08 -2.75 21.43
N SER A 238 43.04 -3.58 21.36
CA SER A 238 42.92 -4.71 22.30
C SER A 238 43.59 -5.98 21.79
N THR A 239 44.34 -5.89 20.69
CA THR A 239 45.04 -7.07 20.12
C THR A 239 46.53 -7.14 20.56
N GLY A 240 46.97 -6.26 21.46
CA GLY A 240 48.36 -6.24 21.89
C GLY A 240 48.74 -7.25 22.97
N GLY A 241 47.75 -7.95 23.51
CA GLY A 241 48.01 -8.90 24.59
C GLY A 241 48.39 -8.18 25.87
N TRP A 242 49.24 -8.85 26.67
CA TRP A 242 49.63 -8.35 27.99
C TRP A 242 51.15 -8.38 28.12
N ASP A 243 51.67 -7.60 29.08
CA ASP A 243 53.10 -7.65 29.40
C ASP A 243 53.31 -8.73 30.50
N ALA A 244 54.55 -8.87 30.99
CA ALA A 244 54.94 -9.87 32.00
C ALA A 244 54.24 -9.69 33.35
N GLU A 245 53.75 -8.47 33.64
CA GLU A 245 53.03 -8.07 34.85
C GLU A 245 51.52 -8.27 34.75
N GLY A 246 51.04 -8.70 33.58
CA GLY A 246 49.61 -8.91 33.36
C GLY A 246 48.87 -7.62 33.08
N ARG A 247 49.59 -6.58 32.62
CA ARG A 247 48.98 -5.30 32.28
C ARG A 247 48.72 -5.32 30.76
N PRO A 248 47.49 -4.94 30.29
CA PRO A 248 47.26 -4.91 28.83
C PRO A 248 48.23 -3.97 28.10
N VAL A 249 48.68 -4.39 26.92
CA VAL A 249 49.59 -3.64 26.08
C VAL A 249 48.78 -3.04 24.90
N HIS A 250 48.91 -1.73 24.62
CA HIS A 250 48.16 -1.12 23.51
C HIS A 250 48.55 -1.81 22.18
N GLY A 251 47.57 -2.41 21.51
CA GLY A 251 47.79 -3.08 20.23
C GLY A 251 48.21 -2.11 19.13
N THR A 252 48.66 -2.65 18.01
CA THR A 252 49.05 -1.82 16.85
C THR A 252 48.34 -2.41 15.61
N PHE A 253 48.49 -1.79 14.43
CA PHE A 253 47.97 -2.39 13.20
C PHE A 253 48.65 -3.75 12.93
N ALA A 254 49.91 -3.94 13.36
CA ALA A 254 50.64 -5.20 13.17
C ALA A 254 50.07 -6.32 14.04
N THR A 255 49.79 -6.04 15.32
CA THR A 255 49.19 -7.07 16.19
C THR A 255 47.77 -7.34 15.76
N ALA A 256 47.07 -6.30 15.22
CA ALA A 256 45.68 -6.44 14.76
C ALA A 256 45.60 -7.39 13.56
N ALA A 257 46.60 -7.29 12.64
CA ALA A 257 46.70 -8.17 11.46
C ALA A 257 46.91 -9.60 11.93
N GLU A 258 47.68 -9.80 13.03
CA GLU A 258 47.91 -11.15 13.59
C GLU A 258 46.66 -11.74 14.25
N ALA A 259 45.68 -10.87 14.60
CA ALA A 259 44.40 -11.35 15.17
C ALA A 259 43.38 -11.75 14.07
N LEU A 260 43.69 -11.49 12.77
CA LEU A 260 42.78 -11.75 11.64
C LEU A 260 42.65 -13.21 11.23
N PRO A 261 43.74 -14.04 11.20
CA PRO A 261 43.55 -15.46 10.81
C PRO A 261 42.45 -16.20 11.57
N ARG A 262 42.33 -16.05 12.90
CA ARG A 262 41.24 -16.76 13.61
C ARG A 262 39.83 -16.25 13.21
N ILE A 263 39.70 -14.96 12.86
CA ILE A 263 38.43 -14.35 12.42
C ILE A 263 38.05 -14.92 11.04
N ALA A 264 39.03 -15.01 10.12
CA ALA A 264 38.83 -15.63 8.80
C ALA A 264 38.47 -17.12 8.93
N ARG A 265 39.13 -17.86 9.85
CA ARG A 265 38.82 -19.31 10.08
C ARG A 265 37.41 -19.51 10.61
N MET A 266 36.86 -18.52 11.35
CA MET A 266 35.49 -18.61 11.83
C MET A 266 34.48 -18.36 10.72
N GLY A 267 34.94 -17.93 9.54
CA GLY A 267 34.06 -17.73 8.39
C GLY A 267 33.46 -16.35 8.25
N PHE A 268 34.01 -15.36 8.95
CA PHE A 268 33.53 -13.98 8.77
C PHE A 268 34.25 -13.44 7.56
N ASP A 269 33.64 -12.49 6.83
CA ASP A 269 34.31 -11.92 5.66
C ASP A 269 34.40 -10.40 5.77
N VAL A 270 33.85 -9.83 6.85
CA VAL A 270 34.00 -8.38 7.06
C VAL A 270 34.54 -8.19 8.50
N VAL A 271 35.64 -7.43 8.65
CA VAL A 271 36.15 -7.11 9.99
C VAL A 271 35.82 -5.61 10.20
N TYR A 272 35.01 -5.33 11.22
CA TYR A 272 34.55 -3.97 11.49
C TYR A 272 35.39 -3.37 12.67
N LEU A 273 36.04 -2.23 12.41
CA LEU A 273 36.84 -1.60 13.44
C LEU A 273 36.17 -0.34 13.97
N PRO A 274 36.13 -0.14 15.30
CA PRO A 274 35.72 1.19 15.86
C PRO A 274 36.72 2.26 15.33
N PRO A 275 36.49 3.59 15.50
CA PRO A 275 37.42 4.57 14.89
C PRO A 275 38.90 4.36 15.24
N ILE A 276 39.75 4.47 14.22
CA ILE A 276 41.22 4.21 14.31
C ILE A 276 42.06 5.51 14.31
N HIS A 277 41.41 6.66 14.59
CA HIS A 277 42.09 7.95 14.55
C HIS A 277 42.68 8.34 15.93
N PRO A 278 43.44 9.45 16.03
CA PRO A 278 43.87 9.90 17.38
C PRO A 278 42.62 10.17 18.24
N ILE A 279 42.74 9.98 19.54
CA ILE A 279 41.66 10.15 20.52
C ILE A 279 41.87 11.43 21.32
N GLY A 280 40.81 12.20 21.50
CA GLY A 280 40.82 13.44 22.27
C GLY A 280 41.45 13.34 23.64
N LYS A 281 42.26 14.37 24.01
CA LYS A 281 42.95 14.46 25.31
C LYS A 281 42.15 15.32 26.29
N VAL A 282 41.27 16.19 25.76
CA VAL A 282 40.44 17.10 26.55
C VAL A 282 39.09 16.43 26.84
N HIS A 283 38.71 16.33 28.14
CA HIS A 283 37.48 15.70 28.63
C HIS A 283 37.39 14.22 28.27
N ARG A 284 38.55 13.56 28.25
CA ARG A 284 38.67 12.14 27.95
C ARG A 284 37.94 11.32 28.99
N LYS A 285 37.14 10.34 28.56
CA LYS A 285 36.41 9.49 29.49
C LYS A 285 37.31 8.43 30.08
N GLY A 286 37.11 8.13 31.37
CA GLY A 286 37.83 7.05 32.04
C GLY A 286 37.11 5.71 31.97
N ARG A 287 37.67 4.69 32.64
CA ARG A 287 37.12 3.32 32.70
C ARG A 287 35.66 3.29 33.12
N ASN A 288 34.86 2.37 32.52
CA ASN A 288 33.44 2.23 32.88
C ASN A 288 32.65 3.53 32.73
N ASN A 289 32.93 4.32 31.66
CA ASN A 289 32.19 5.54 31.31
C ASN A 289 32.31 6.67 32.35
N SER A 290 33.45 6.72 33.05
CA SER A 290 33.76 7.75 34.03
C SER A 290 33.99 9.09 33.28
N VAL A 291 33.39 10.18 33.76
CA VAL A 291 33.51 11.48 33.10
C VAL A 291 34.95 12.08 33.14
N THR A 292 35.75 11.66 34.13
CA THR A 292 37.14 12.09 34.31
C THR A 292 38.06 10.90 34.08
N ALA A 293 39.10 11.09 33.25
CA ALA A 293 40.07 10.03 32.98
C ALA A 293 41.23 10.09 33.96
N ALA A 294 41.82 8.92 34.24
CA ALA A 294 43.01 8.79 35.06
C ALA A 294 44.22 8.76 34.12
N PRO A 295 45.43 9.23 34.52
CA PRO A 295 46.58 9.14 33.61
C PRO A 295 46.79 7.70 33.16
N GLY A 296 47.01 7.52 31.87
CA GLY A 296 47.16 6.17 31.31
C GLY A 296 45.86 5.65 30.71
N ASP A 297 44.70 6.31 30.99
CA ASP A 297 43.41 5.87 30.41
C ASP A 297 43.38 6.15 28.90
N VAL A 298 42.89 5.16 28.09
CA VAL A 298 42.89 5.24 26.61
C VAL A 298 41.79 6.08 25.98
N GLY A 299 40.68 6.24 26.72
CA GLY A 299 39.52 6.99 26.24
C GLY A 299 38.68 6.27 25.21
N SER A 300 37.61 6.92 24.78
CA SER A 300 36.72 6.30 23.79
C SER A 300 37.24 6.52 22.38
N PRO A 301 37.36 5.48 21.52
CA PRO A 301 37.76 5.72 20.10
C PRO A 301 36.83 6.67 19.35
N TRP A 302 35.56 6.81 19.80
CA TRP A 302 34.61 7.70 19.16
C TRP A 302 34.84 9.20 19.47
N ALA A 303 35.78 9.52 20.38
CA ALA A 303 36.12 10.94 20.68
C ALA A 303 37.29 11.26 19.74
N ILE A 304 36.96 11.45 18.48
CA ILE A 304 37.94 11.60 17.44
C ILE A 304 38.68 12.93 17.43
N GLY A 305 40.01 12.84 17.32
CA GLY A 305 40.86 13.99 17.09
C GLY A 305 41.63 14.55 18.25
N SER A 306 42.87 14.94 17.99
CA SER A 306 43.75 15.59 18.96
C SER A 306 44.75 16.45 18.18
N ASP A 307 45.74 17.01 18.88
CA ASP A 307 46.80 17.75 18.20
C ASP A 307 47.62 16.80 17.28
N GLU A 308 47.42 15.46 17.41
CA GLU A 308 48.09 14.47 16.53
C GLU A 308 47.38 14.28 15.17
N GLY A 309 46.16 14.81 15.02
CA GLY A 309 45.42 14.69 13.77
C GLY A 309 43.94 14.42 13.94
N GLY A 310 43.23 14.45 12.82
CA GLY A 310 41.78 14.26 12.76
C GLY A 310 41.32 12.97 12.11
N HIS A 311 40.25 13.06 11.29
CA HIS A 311 39.62 11.91 10.64
C HIS A 311 40.47 11.28 9.52
N ASP A 312 41.47 12.00 9.02
CA ASP A 312 42.37 11.46 7.97
C ASP A 312 43.71 10.98 8.57
N ALA A 313 43.75 10.75 9.89
CA ALA A 313 44.96 10.35 10.60
C ALA A 313 44.72 9.05 11.35
N VAL A 314 45.79 8.33 11.65
CA VAL A 314 45.73 7.09 12.41
C VAL A 314 46.21 7.41 13.83
N HIS A 315 45.69 6.69 14.85
CA HIS A 315 46.08 6.88 16.25
C HIS A 315 47.61 6.58 16.33
N PRO A 316 48.43 7.48 16.95
CA PRO A 316 49.90 7.22 16.98
C PRO A 316 50.31 5.92 17.65
N GLN A 317 49.49 5.41 18.58
CA GLN A 317 49.81 4.11 19.21
C GLN A 317 49.48 2.90 18.35
N LEU A 318 48.68 3.09 17.28
CA LEU A 318 48.36 2.01 16.35
C LEU A 318 49.47 1.84 15.29
N GLY A 319 50.14 2.93 14.99
CA GLY A 319 51.20 2.94 13.99
C GLY A 319 51.03 4.08 13.03
N THR A 320 51.43 3.87 11.77
CA THR A 320 51.31 4.91 10.74
C THR A 320 50.24 4.51 9.72
N ILE A 321 49.99 5.37 8.72
CA ILE A 321 49.06 5.09 7.60
C ILE A 321 49.64 3.94 6.77
N GLU A 322 50.98 3.77 6.74
CA GLU A 322 51.59 2.64 6.00
C GLU A 322 51.31 1.31 6.71
N ASP A 323 51.31 1.29 8.04
CA ASP A 323 50.97 0.09 8.83
C ASP A 323 49.49 -0.25 8.60
N PHE A 324 48.61 0.78 8.44
CA PHE A 324 47.18 0.52 8.12
C PHE A 324 47.04 -0.17 6.75
N ASP A 325 47.81 0.30 5.73
CA ASP A 325 47.80 -0.32 4.38
C ASP A 325 48.18 -1.80 4.42
N GLU A 326 49.14 -2.15 5.29
CA GLU A 326 49.60 -3.53 5.48
C GLU A 326 48.51 -4.32 6.19
N PHE A 327 47.78 -3.66 7.12
CA PHE A 327 46.63 -4.31 7.79
C PHE A 327 45.53 -4.66 6.77
N VAL A 328 45.17 -3.74 5.88
CA VAL A 328 44.16 -3.98 4.83
C VAL A 328 44.65 -5.10 3.87
N ALA A 329 45.97 -5.11 3.53
CA ALA A 329 46.52 -6.14 2.64
C ALA A 329 46.44 -7.51 3.32
N SER A 330 46.70 -7.55 4.64
CA SER A 330 46.62 -8.79 5.44
C SER A 330 45.19 -9.31 5.45
N ALA A 331 44.20 -8.41 5.62
CA ALA A 331 42.76 -8.74 5.61
C ALA A 331 42.35 -9.32 4.24
N ARG A 332 42.72 -8.66 3.13
CA ARG A 332 42.39 -9.11 1.77
C ARG A 332 42.92 -10.50 1.48
N ASP A 333 44.20 -10.75 1.84
CA ASP A 333 44.85 -12.05 1.60
C ASP A 333 44.20 -13.17 2.39
N LEU A 334 43.51 -12.81 3.48
CA LEU A 334 42.78 -13.78 4.30
C LEU A 334 41.31 -13.93 3.86
N GLY A 335 40.89 -13.17 2.85
CA GLY A 335 39.52 -13.20 2.34
C GLY A 335 38.58 -12.30 3.12
N LEU A 336 39.12 -11.29 3.84
CA LEU A 336 38.32 -10.36 4.62
C LEU A 336 38.36 -8.99 3.99
N GLU A 337 37.32 -8.22 4.20
CA GLU A 337 37.40 -6.84 3.83
C GLU A 337 37.20 -6.02 5.09
N VAL A 338 37.70 -4.78 5.09
CA VAL A 338 37.68 -3.91 6.26
C VAL A 338 36.53 -2.95 6.19
N ALA A 339 35.81 -2.80 7.31
CA ALA A 339 34.76 -1.80 7.43
C ALA A 339 35.24 -0.83 8.51
N LEU A 340 35.32 0.45 8.18
CA LEU A 340 35.74 1.46 9.15
C LEU A 340 34.52 2.17 9.68
N ASP A 341 34.60 2.58 10.91
CA ASP A 341 33.54 3.32 11.56
C ASP A 341 33.67 4.77 11.09
N LEU A 342 32.57 5.38 10.66
CA LEU A 342 32.51 6.78 10.20
C LEU A 342 31.67 7.57 11.21
N ALA A 343 32.34 8.32 12.07
CA ALA A 343 31.73 9.07 13.18
C ALA A 343 31.90 10.56 12.95
N LEU A 344 30.82 11.23 12.56
CA LEU A 344 30.85 12.65 12.24
C LEU A 344 30.63 13.51 13.45
N GLN A 345 31.68 13.64 14.24
CA GLN A 345 31.71 14.37 15.51
C GLN A 345 33.19 14.55 15.85
N CYS A 346 33.50 15.40 16.85
CA CYS A 346 34.90 15.77 17.19
CA CYS A 346 34.90 15.55 17.21
C CYS A 346 35.14 15.86 18.67
N ALA A 347 36.32 15.48 19.13
CA ALA A 347 36.76 15.72 20.50
C ALA A 347 37.07 17.25 20.56
N PRO A 348 37.05 17.91 21.73
CA PRO A 348 37.31 19.37 21.76
C PRO A 348 38.69 19.78 21.19
N ASP A 349 39.67 18.86 21.22
CA ASP A 349 41.02 19.08 20.68
C ASP A 349 41.24 18.59 19.23
N HIS A 350 40.16 18.26 18.49
CA HIS A 350 40.27 17.85 17.09
C HIS A 350 40.66 19.11 16.29
N PRO A 351 41.52 19.00 15.26
CA PRO A 351 41.86 20.20 14.45
C PRO A 351 40.66 21.05 13.99
N TRP A 352 39.52 20.42 13.56
CA TRP A 352 38.34 21.16 13.07
C TRP A 352 37.76 22.10 14.11
N ALA A 353 37.78 21.71 15.39
CA ALA A 353 37.19 22.51 16.48
C ALA A 353 38.00 23.81 16.67
N ARG A 354 39.27 23.76 16.27
CA ARG A 354 40.17 24.93 16.31
C ARG A 354 40.08 25.75 15.02
N GLU A 355 40.20 25.08 13.87
CA GLU A 355 40.25 25.72 12.57
C GLU A 355 38.93 26.11 11.94
N HIS A 356 37.83 25.39 12.29
CA HIS A 356 36.54 25.67 11.64
C HIS A 356 35.40 25.81 12.64
N PRO A 357 35.38 26.90 13.46
CA PRO A 357 34.27 27.08 14.43
C PRO A 357 32.89 27.16 13.76
N GLU A 358 32.84 27.49 12.45
CA GLU A 358 31.61 27.58 11.67
C GLU A 358 30.93 26.18 11.52
N TRP A 359 31.65 25.10 11.79
CA TRP A 359 31.11 23.72 11.72
C TRP A 359 30.53 23.23 13.04
N PHE A 360 30.27 24.18 13.97
CA PHE A 360 29.74 23.89 15.31
C PHE A 360 28.70 24.89 15.69
N THR A 361 27.90 24.55 16.71
CA THR A 361 26.90 25.48 17.25
C THR A 361 27.62 26.18 18.39
N VAL A 362 27.97 27.44 18.16
CA VAL A 362 28.65 28.26 19.16
C VAL A 362 27.57 28.94 20.00
N LEU A 363 27.58 28.70 21.31
CA LEU A 363 26.63 29.26 22.26
C LEU A 363 26.90 30.75 22.57
N PRO A 364 25.96 31.49 23.22
CA PRO A 364 26.19 32.93 23.48
C PRO A 364 27.44 33.31 24.29
N ASP A 365 27.96 32.39 25.14
CA ASP A 365 29.17 32.64 25.92
C ASP A 365 30.46 32.28 25.15
N GLY A 366 30.30 31.70 23.95
CA GLY A 366 31.43 31.31 23.10
C GLY A 366 31.82 29.84 23.16
N SER A 367 31.20 29.06 24.05
CA SER A 367 31.49 27.62 24.15
C SER A 367 30.62 26.82 23.16
N ILE A 368 30.88 25.49 23.05
CA ILE A 368 30.16 24.54 22.21
C ILE A 368 29.63 23.47 23.15
N ALA A 369 28.29 23.20 23.14
CA ALA A 369 27.70 22.16 24.00
C ALA A 369 28.13 20.78 23.54
N TYR A 370 28.26 19.82 24.48
CA TYR A 370 28.63 18.46 24.14
C TYR A 370 27.49 17.72 23.41
N ALA A 371 27.80 16.61 22.70
CA ALA A 371 26.80 15.83 21.97
C ALA A 371 25.89 15.02 22.88
N GLU A 372 24.63 14.78 22.43
CA GLU A 372 23.62 13.99 23.15
C GLU A 372 22.82 13.08 22.22
N LYS A 377 24.22 10.82 26.64
CA LYS A 377 25.20 11.87 26.99
C LYS A 377 26.63 11.53 26.55
N TYR A 378 27.23 12.42 25.72
CA TYR A 378 28.60 12.23 25.22
C TYR A 378 29.50 13.47 25.56
N GLN A 379 29.93 13.57 26.83
CA GLN A 379 30.73 14.68 27.38
C GLN A 379 32.11 14.91 26.72
N ASP A 380 32.67 13.88 26.08
CA ASP A 380 33.98 13.91 25.42
C ASP A 380 33.93 14.41 23.96
N ILE A 381 32.76 14.75 23.43
CA ILE A 381 32.65 15.17 22.02
C ILE A 381 31.71 16.32 21.76
N TYR A 382 31.98 17.02 20.65
CA TYR A 382 31.11 18.05 20.13
C TYR A 382 30.41 17.49 18.90
N PRO A 383 29.09 17.78 18.71
CA PRO A 383 28.47 17.39 17.42
C PRO A 383 28.76 18.46 16.36
N LEU A 384 28.74 18.06 15.09
CA LEU A 384 28.97 18.97 13.97
C LEU A 384 27.67 19.69 13.60
N ASN A 385 27.79 20.90 13.05
CA ASN A 385 26.66 21.66 12.57
C ASN A 385 26.82 21.71 11.05
N PHE A 386 25.84 21.16 10.31
CA PHE A 386 25.87 21.09 8.84
C PHE A 386 25.15 22.23 8.17
N ASP A 387 24.52 23.12 8.94
CA ASP A 387 23.72 24.20 8.39
C ASP A 387 24.41 25.56 8.25
N ASN A 388 25.43 25.86 9.09
CA ASN A 388 26.13 27.15 9.03
C ASN A 388 26.89 27.35 7.73
N ASP A 389 27.63 26.32 7.28
CA ASP A 389 28.45 26.34 6.08
C ASP A 389 28.33 24.95 5.43
N PRO A 390 27.19 24.69 4.75
CA PRO A 390 27.00 23.36 4.15
C PRO A 390 28.08 22.97 3.14
N ALA A 391 28.46 23.88 2.22
CA ALA A 391 29.47 23.60 1.20
C ALA A 391 30.81 23.18 1.76
N GLY A 392 31.30 23.88 2.79
CA GLY A 392 32.59 23.58 3.41
C GLY A 392 32.64 22.23 4.09
N ILE A 393 31.68 21.99 4.99
CA ILE A 393 31.62 20.73 5.74
C ILE A 393 31.31 19.53 4.83
N TYR A 394 30.43 19.68 3.82
CA TYR A 394 30.09 18.60 2.87
C TYR A 394 31.37 18.15 2.15
N GLN A 395 32.12 19.11 1.60
CA GLN A 395 33.34 18.85 0.84
C GLN A 395 34.43 18.22 1.70
N GLU A 396 34.52 18.62 2.97
CA GLU A 396 35.50 18.07 3.90
C GLU A 396 35.19 16.62 4.27
N VAL A 397 33.89 16.30 4.55
CA VAL A 397 33.52 14.90 4.83
C VAL A 397 33.78 14.04 3.59
N LEU A 398 33.44 14.55 2.41
CA LEU A 398 33.69 13.83 1.15
C LEU A 398 35.19 13.51 0.96
N ARG A 399 36.08 14.50 1.23
CA ARG A 399 37.55 14.34 1.15
C ARG A 399 38.00 13.20 2.10
N VAL A 400 37.50 13.22 3.35
CA VAL A 400 37.82 12.20 4.38
C VAL A 400 37.39 10.80 3.91
N VAL A 401 36.14 10.66 3.44
CA VAL A 401 35.66 9.34 2.97
C VAL A 401 36.52 8.85 1.78
N ARG A 402 36.77 9.72 0.78
CA ARG A 402 37.60 9.40 -0.39
CA ARG A 402 37.59 9.37 -0.39
C ARG A 402 39.01 9.00 0.05
N PHE A 403 39.53 9.66 1.09
CA PHE A 403 40.86 9.34 1.61
C PHE A 403 40.87 7.86 2.04
N TRP A 404 39.86 7.42 2.84
CA TRP A 404 39.82 6.02 3.29
C TRP A 404 39.60 4.99 2.17
N ILE A 405 38.76 5.34 1.16
CA ILE A 405 38.55 4.49 -0.03
C ILE A 405 39.92 4.31 -0.78
N SER A 406 40.70 5.40 -0.91
CA SER A 406 42.05 5.35 -1.55
C SER A 406 43.00 4.41 -0.78
N HIS A 407 42.71 4.16 0.53
CA HIS A 407 43.46 3.20 1.34
C HIS A 407 42.83 1.79 1.43
N GLY A 408 41.93 1.46 0.51
CA GLY A 408 41.34 0.13 0.38
C GLY A 408 40.12 -0.18 1.23
N VAL A 409 39.47 0.86 1.76
CA VAL A 409 38.25 0.66 2.57
C VAL A 409 37.01 0.80 1.69
N ASN A 410 36.23 -0.29 1.52
CA ASN A 410 35.05 -0.20 0.67
C ASN A 410 33.75 -0.33 1.43
N ILE A 411 33.81 -0.27 2.79
CA ILE A 411 32.62 -0.38 3.63
C ILE A 411 32.80 0.57 4.80
N PHE A 412 31.76 1.35 5.09
CA PHE A 412 31.73 2.26 6.23
C PHE A 412 30.53 1.95 7.11
N ARG A 413 30.78 1.73 8.40
CA ARG A 413 29.72 1.54 9.38
C ARG A 413 29.51 2.98 9.91
N VAL A 414 28.35 3.56 9.64
CA VAL A 414 28.09 4.97 9.96
C VAL A 414 27.34 5.14 11.30
N ASP A 415 27.91 5.90 12.26
CA ASP A 415 27.28 6.11 13.58
C ASP A 415 26.08 6.96 13.50
N ASN A 416 25.02 6.60 14.29
CA ASN A 416 23.77 7.32 14.46
C ASN A 416 23.44 8.27 13.30
N PRO A 417 23.23 7.75 12.05
CA PRO A 417 22.96 8.67 10.92
C PRO A 417 21.71 9.53 11.12
N HIS A 418 20.78 9.09 11.99
CA HIS A 418 19.56 9.82 12.28
C HIS A 418 19.84 11.13 13.05
N THR A 419 21.10 11.37 13.50
CA THR A 419 21.42 12.63 14.20
C THR A 419 22.04 13.66 13.26
N LYS A 420 22.22 13.32 11.98
CA LYS A 420 22.78 14.22 10.94
C LYS A 420 21.71 14.50 9.88
N PRO A 421 21.76 15.64 9.14
CA PRO A 421 20.70 15.92 8.16
C PRO A 421 20.55 14.85 7.09
N PRO A 422 19.28 14.43 6.83
CA PRO A 422 19.05 13.37 5.86
C PRO A 422 19.54 13.65 4.44
N ASN A 423 19.44 14.90 3.98
CA ASN A 423 19.90 15.26 2.62
C ASN A 423 21.42 15.20 2.50
N PHE A 424 22.14 15.33 3.64
CA PHE A 424 23.60 15.20 3.66
C PHE A 424 23.96 13.74 3.30
N TRP A 425 23.28 12.76 3.91
CA TRP A 425 23.59 11.35 3.58
C TRP A 425 23.33 10.99 2.12
N ALA A 426 22.20 11.44 1.56
CA ALA A 426 21.88 11.16 0.16
C ALA A 426 22.93 11.75 -0.77
N TRP A 427 23.35 13.01 -0.49
CA TRP A 427 24.40 13.67 -1.28
C TRP A 427 25.73 12.90 -1.18
N LEU A 428 26.18 12.58 0.05
CA LEU A 428 27.44 11.87 0.26
C LEU A 428 27.47 10.48 -0.38
N ILE A 429 26.44 9.64 -0.13
CA ILE A 429 26.39 8.30 -0.72
C ILE A 429 26.37 8.44 -2.25
N GLY A 430 25.61 9.43 -2.75
CA GLY A 430 25.51 9.73 -4.17
C GLY A 430 26.87 10.07 -4.80
N GLN A 431 27.62 11.01 -4.17
CA GLN A 431 28.98 11.41 -4.64
C GLN A 431 29.96 10.22 -4.62
N ILE A 432 29.93 9.44 -3.54
CA ILE A 432 30.81 8.29 -3.41
C ILE A 432 30.51 7.19 -4.42
N LYS A 433 29.25 6.74 -4.49
CA LYS A 433 28.86 5.63 -5.37
C LYS A 433 29.00 5.91 -6.86
N ASN A 434 28.92 7.18 -7.25
CA ASN A 434 29.10 7.57 -8.65
C ASN A 434 30.56 7.37 -9.12
N GLU A 435 31.52 7.48 -8.19
CA GLU A 435 32.94 7.32 -8.46
C GLU A 435 33.36 5.90 -8.11
N ASN A 436 32.80 5.34 -7.02
CA ASN A 436 33.19 4.03 -6.54
C ASN A 436 31.92 3.26 -6.21
N PRO A 437 31.26 2.63 -7.22
CA PRO A 437 29.96 1.97 -6.97
C PRO A 437 29.96 0.78 -6.05
N ASP A 438 31.15 0.20 -5.73
CA ASP A 438 31.28 -0.92 -4.81
C ASP A 438 31.40 -0.51 -3.32
N VAL A 439 31.34 0.80 -3.04
CA VAL A 439 31.44 1.27 -1.64
C VAL A 439 30.07 1.10 -0.96
N LEU A 440 30.04 0.45 0.23
CA LEU A 440 28.81 0.13 0.97
C LEU A 440 28.75 0.89 2.31
N PHE A 441 27.53 1.16 2.77
CA PHE A 441 27.30 1.95 3.99
C PHE A 441 26.32 1.23 4.89
N LEU A 442 26.71 0.98 6.14
CA LEU A 442 25.81 0.33 7.11
C LEU A 442 25.33 1.42 8.07
N SER A 443 24.02 1.55 8.21
CA SER A 443 23.38 2.57 9.07
C SER A 443 23.17 2.07 10.48
N GLU A 444 23.87 2.67 11.48
CA GLU A 444 23.65 2.35 12.88
C GLU A 444 22.60 3.30 13.44
N ALA A 445 21.37 3.18 12.97
CA ALA A 445 20.29 4.05 13.41
C ALA A 445 19.26 3.28 14.27
N PHE A 446 19.48 3.24 15.59
CA PHE A 446 18.55 2.61 16.56
C PHE A 446 17.52 3.68 16.88
N THR A 447 16.59 3.88 15.94
CA THR A 447 15.58 4.93 16.03
C THR A 447 14.18 4.38 15.67
N ARG A 448 13.21 5.26 15.59
CA ARG A 448 11.82 4.95 15.23
C ARG A 448 11.76 4.45 13.76
N PRO A 449 10.77 3.57 13.42
CA PRO A 449 10.70 3.00 12.05
C PRO A 449 10.75 3.95 10.86
N ALA A 450 10.07 5.10 10.93
CA ALA A 450 10.08 6.04 9.81
C ALA A 450 11.47 6.54 9.46
N ARG A 451 12.33 6.75 10.48
CA ARG A 451 13.71 7.23 10.27
C ARG A 451 14.60 6.06 9.95
N LEU A 452 14.41 4.91 10.64
CA LEU A 452 15.25 3.73 10.35
C LEU A 452 15.07 3.35 8.87
N TYR A 453 13.82 3.18 8.39
CA TYR A 453 13.58 2.83 7.00
C TYR A 453 13.76 3.99 6.07
N GLY A 454 13.55 5.20 6.56
CA GLY A 454 13.76 6.39 5.74
C GLY A 454 15.22 6.54 5.29
N LEU A 455 16.15 6.22 6.18
CA LEU A 455 17.59 6.28 5.86
C LEU A 455 17.96 5.14 4.92
N ALA A 456 17.34 3.97 5.07
CA ALA A 456 17.59 2.87 4.12
C ALA A 456 17.12 3.32 2.71
N LYS A 457 15.93 3.98 2.59
CA LYS A 457 15.41 4.48 1.29
C LYS A 457 16.33 5.50 0.66
N LEU A 458 16.95 6.37 1.49
CA LEU A 458 17.87 7.43 1.04
C LEU A 458 19.24 6.88 0.54
N GLY A 459 19.47 5.58 0.67
CA GLY A 459 20.72 4.99 0.17
C GLY A 459 21.55 4.10 1.08
N PHE A 460 21.21 3.97 2.39
CA PHE A 460 22.05 3.11 3.25
C PHE A 460 21.89 1.67 2.81
N THR A 461 23.02 1.04 2.45
CA THR A 461 23.10 -0.34 1.96
C THR A 461 22.49 -1.34 2.92
N GLN A 462 22.86 -1.24 4.22
CA GLN A 462 22.37 -2.11 5.30
C GLN A 462 21.94 -1.25 6.46
N SER A 463 21.15 -1.83 7.36
CA SER A 463 20.67 -1.12 8.54
C SER A 463 20.76 -2.03 9.74
N TYR A 464 21.17 -1.47 10.91
CA TYR A 464 21.04 -2.17 12.19
C TYR A 464 19.51 -2.21 12.48
N THR A 465 19.09 -3.15 13.32
CA THR A 465 17.65 -3.41 13.57
C THR A 465 17.37 -3.51 15.06
N TYR A 466 16.09 -3.79 15.41
CA TYR A 466 15.68 -3.98 16.80
C TYR A 466 15.91 -5.40 17.28
N PHE A 467 16.60 -6.23 16.47
CA PHE A 467 16.88 -7.64 16.76
C PHE A 467 17.15 -7.99 18.25
N THR A 468 18.14 -7.33 18.89
CA THR A 468 18.52 -7.67 20.28
C THR A 468 17.38 -7.59 21.27
N TRP A 469 16.41 -6.70 21.01
CA TRP A 469 15.26 -6.48 21.89
C TRP A 469 14.04 -7.37 21.54
N ARG A 470 14.22 -8.33 20.59
CA ARG A 470 13.18 -9.25 20.13
C ARG A 470 13.54 -10.63 20.63
N THR A 471 12.93 -11.04 21.75
CA THR A 471 13.31 -12.28 22.44
C THR A 471 12.20 -13.33 22.57
N SER A 472 10.95 -12.90 22.66
CA SER A 472 9.83 -13.84 22.74
C SER A 472 9.49 -14.38 21.34
N LYS A 473 8.80 -15.52 21.29
CA LYS A 473 8.36 -16.16 20.04
C LYS A 473 7.56 -15.20 19.16
N TRP A 474 6.65 -14.45 19.76
CA TRP A 474 5.80 -13.53 19.02
C TRP A 474 6.56 -12.29 18.51
N GLU A 475 7.51 -11.78 19.32
CA GLU A 475 8.38 -10.67 18.88
C GLU A 475 9.28 -11.14 17.72
N LEU A 476 9.86 -12.35 17.79
CA LEU A 476 10.74 -12.86 16.72
C LEU A 476 10.00 -13.19 15.44
N THR A 477 8.73 -13.63 15.56
CA THR A 477 7.88 -13.92 14.39
C THR A 477 7.57 -12.61 13.67
N GLU A 478 7.09 -11.61 14.39
CA GLU A 478 6.77 -10.31 13.80
C GLU A 478 8.04 -9.71 13.16
N PHE A 479 9.18 -9.82 13.86
CA PHE A 479 10.48 -9.30 13.41
C PHE A 479 10.86 -9.92 12.05
N GLY A 480 10.87 -11.24 11.96
CA GLY A 480 11.19 -11.93 10.71
C GLY A 480 10.26 -11.57 9.58
N GLN A 481 8.94 -11.50 9.84
CA GLN A 481 7.98 -11.17 8.80
C GLN A 481 8.16 -9.71 8.31
N GLU A 482 8.53 -8.80 9.22
CA GLU A 482 8.75 -7.38 8.88
C GLU A 482 9.99 -7.22 8.01
N ILE A 483 11.09 -7.94 8.34
CA ILE A 483 12.28 -7.84 7.48
C ILE A 483 12.05 -8.39 6.06
N ALA A 484 11.22 -9.44 5.92
CA ALA A 484 10.85 -9.98 4.61
C ALA A 484 9.97 -8.95 3.88
N ALA A 485 9.04 -8.26 4.59
CA ALA A 485 8.15 -7.29 3.93
C ALA A 485 8.88 -6.03 3.46
N LYS A 486 10.01 -5.71 4.09
CA LYS A 486 10.79 -4.53 3.76
C LYS A 486 11.98 -4.82 2.85
N ALA A 487 12.12 -6.06 2.33
CA ALA A 487 13.28 -6.43 1.50
C ALA A 487 13.60 -5.48 0.32
N ASP A 488 12.61 -4.81 -0.31
CA ASP A 488 12.91 -3.90 -1.42
C ASP A 488 13.53 -2.57 -0.97
N ILE A 489 13.42 -2.27 0.31
CA ILE A 489 13.88 -0.98 0.82
C ILE A 489 15.06 -1.00 1.77
N ALA A 490 15.24 -2.08 2.56
CA ALA A 490 16.28 -2.13 3.57
C ALA A 490 16.84 -3.53 3.66
N ARG A 491 18.13 -3.63 3.98
CA ARG A 491 18.77 -4.92 4.19
C ARG A 491 19.21 -4.96 5.65
N PRO A 492 18.74 -5.92 6.46
CA PRO A 492 19.17 -5.91 7.87
C PRO A 492 20.58 -6.45 8.04
N ASN A 493 21.25 -6.01 9.11
CA ASN A 493 22.47 -6.64 9.55
C ASN A 493 22.21 -6.97 11.03
N LEU A 494 22.07 -8.28 11.32
CA LEU A 494 21.73 -8.74 12.67
C LEU A 494 22.92 -9.01 13.56
N PHE A 495 23.26 -8.03 14.41
CA PHE A 495 24.33 -8.18 15.39
C PHE A 495 23.73 -8.80 16.64
N VAL A 496 24.32 -9.89 17.14
CA VAL A 496 23.89 -10.58 18.37
C VAL A 496 24.19 -9.72 19.62
N ASN A 497 25.23 -8.89 19.51
CA ASN A 497 25.69 -8.01 20.57
C ASN A 497 26.48 -6.88 19.90
N THR A 498 26.65 -5.75 20.60
CA THR A 498 27.51 -4.66 20.12
C THR A 498 28.27 -4.16 21.37
N PRO A 499 29.28 -3.26 21.26
CA PRO A 499 29.92 -2.75 22.49
C PRO A 499 28.94 -1.94 23.36
N ASP A 500 27.78 -1.57 22.81
CA ASP A 500 26.78 -0.78 23.55
C ASP A 500 25.60 -1.63 23.99
N ILE A 501 25.55 -2.91 23.60
CA ILE A 501 24.35 -3.72 23.88
C ILE A 501 24.68 -5.12 24.34
N LEU A 502 24.60 -5.33 25.63
CA LEU A 502 24.68 -6.65 26.24
C LEU A 502 23.23 -6.87 26.70
N HIS A 503 22.45 -7.59 25.89
CA HIS A 503 21.03 -7.77 26.24
C HIS A 503 20.80 -8.63 27.49
N GLU A 504 19.78 -8.31 28.28
CA GLU A 504 19.37 -9.03 29.50
C GLU A 504 19.21 -10.55 29.26
N SER A 505 18.76 -10.95 28.06
CA SER A 505 18.59 -12.37 27.69
C SER A 505 19.93 -13.10 27.75
N LEU A 506 21.01 -12.40 27.31
CA LEU A 506 22.37 -12.94 27.34
C LEU A 506 22.96 -12.89 28.77
N GLN A 507 22.60 -11.87 29.56
CA GLN A 507 23.07 -11.73 30.95
C GLN A 507 22.52 -12.86 31.84
N HIS A 508 21.28 -13.32 31.58
CA HIS A 508 20.64 -14.36 32.41
C HIS A 508 20.52 -15.76 31.80
N GLY A 509 20.81 -15.91 30.49
CA GLY A 509 20.61 -17.19 29.80
C GLY A 509 21.73 -18.20 29.76
N GLY A 510 22.94 -17.81 30.16
CA GLY A 510 24.10 -18.70 30.12
C GLY A 510 24.58 -18.99 28.71
N PRO A 511 25.54 -19.94 28.54
CA PRO A 511 26.06 -20.25 27.19
C PRO A 511 25.03 -20.70 26.16
N GLY A 512 23.98 -21.37 26.63
CA GLY A 512 22.88 -21.81 25.76
C GLY A 512 22.24 -20.65 25.02
N MET A 513 22.03 -19.52 25.72
CA MET A 513 21.43 -18.34 25.10
C MET A 513 22.34 -17.71 24.05
N PHE A 514 23.66 -17.73 24.29
CA PHE A 514 24.62 -17.20 23.31
C PHE A 514 24.49 -18.01 22.01
N ALA A 515 24.29 -19.32 22.14
CA ALA A 515 24.13 -20.22 21.00
C ALA A 515 22.80 -19.97 20.27
N ILE A 516 21.70 -19.78 21.03
CA ILE A 516 20.36 -19.50 20.46
C ILE A 516 20.37 -18.20 19.65
N ARG A 517 20.87 -17.09 20.25
CA ARG A 517 20.86 -15.80 19.57
C ARG A 517 21.69 -15.85 18.29
N ALA A 518 22.81 -16.63 18.29
CA ALA A 518 23.64 -16.76 17.08
C ALA A 518 22.90 -17.55 15.98
N VAL A 519 22.14 -18.63 16.34
CA VAL A 519 21.34 -19.33 15.31
C VAL A 519 20.36 -18.37 14.68
N LEU A 520 19.63 -17.61 15.50
CA LEU A 520 18.61 -16.68 15.01
C LEU A 520 19.21 -15.63 14.09
N ALA A 521 20.28 -14.96 14.51
CA ALA A 521 20.91 -13.91 13.69
C ALA A 521 21.47 -14.47 12.37
N ALA A 522 22.16 -15.60 12.42
CA ALA A 522 22.80 -16.17 11.21
C ALA A 522 21.83 -16.77 10.20
N THR A 523 20.66 -17.22 10.67
CA THR A 523 19.65 -17.84 9.77
C THR A 523 18.55 -16.91 9.36
N MET A 524 18.25 -15.87 10.18
CA MET A 524 17.28 -14.86 9.80
C MET A 524 17.95 -13.74 9.01
N GLY A 525 19.19 -13.42 9.35
CA GLY A 525 19.89 -12.32 8.72
C GLY A 525 20.90 -12.69 7.64
N PRO A 526 20.63 -12.33 6.36
CA PRO A 526 21.62 -12.56 5.29
C PRO A 526 22.92 -11.84 5.62
N ALA A 527 22.83 -10.71 6.38
CA ALA A 527 24.02 -10.10 6.99
C ALA A 527 23.83 -10.21 8.49
N TRP A 528 24.87 -10.63 9.18
CA TRP A 528 24.81 -10.74 10.64
C TRP A 528 26.18 -10.36 11.19
N GLY A 529 26.24 -10.12 12.49
CA GLY A 529 27.49 -9.75 13.12
C GLY A 529 27.64 -10.23 14.54
N VAL A 530 28.90 -10.29 14.99
CA VAL A 530 29.28 -10.67 16.34
C VAL A 530 30.33 -9.63 16.81
N TYR A 531 30.19 -9.15 18.05
CA TYR A 531 31.22 -8.28 18.63
C TYR A 531 32.12 -9.13 19.55
N SER A 532 33.47 -9.02 19.33
CA SER A 532 34.51 -9.75 20.04
CA SER A 532 34.52 -9.75 20.06
C SER A 532 34.26 -9.89 21.54
N GLY A 533 34.38 -11.13 22.02
CA GLY A 533 34.14 -11.49 23.40
C GLY A 533 32.85 -12.28 23.56
N TYR A 534 31.93 -12.16 22.57
CA TYR A 534 30.65 -12.90 22.56
C TYR A 534 31.00 -14.39 22.64
N GLU A 535 32.06 -14.84 21.92
CA GLU A 535 32.47 -16.27 21.90
C GLU A 535 33.01 -16.78 23.26
N LEU A 536 33.34 -15.86 24.20
CA LEU A 536 33.81 -16.19 25.56
C LEU A 536 32.66 -16.09 26.57
N PHE A 537 31.45 -15.84 26.06
CA PHE A 537 30.20 -15.75 26.84
C PHE A 537 30.23 -14.58 27.83
N GLU A 538 30.82 -13.44 27.42
CA GLU A 538 30.90 -12.27 28.31
C GLU A 538 29.49 -11.78 28.58
N ASN A 539 29.07 -11.85 29.86
CA ASN A 539 27.69 -11.56 30.23
C ASN A 539 27.52 -10.60 31.40
N GLN A 540 28.59 -10.02 31.94
CA GLN A 540 28.46 -9.14 33.12
C GLN A 540 28.16 -7.69 32.74
N PRO A 541 27.01 -7.11 33.19
CA PRO A 541 26.73 -5.70 32.88
C PRO A 541 27.41 -4.78 33.90
N VAL A 542 27.46 -3.45 33.60
CA VAL A 542 28.14 -2.50 34.48
C VAL A 542 27.43 -2.41 35.86
N ARG A 543 26.08 -2.53 35.83
CA ARG A 543 25.22 -2.52 37.02
C ARG A 543 23.90 -3.21 36.66
N PRO A 544 23.11 -3.71 37.65
CA PRO A 544 21.80 -4.31 37.30
C PRO A 544 20.86 -3.32 36.61
N GLY A 545 20.17 -3.80 35.58
CA GLY A 545 19.26 -2.97 34.78
C GLY A 545 19.93 -2.26 33.61
N SER A 546 21.24 -2.44 33.43
CA SER A 546 21.99 -1.81 32.32
C SER A 546 22.27 -2.80 31.18
N GLU A 547 22.38 -2.27 29.97
CA GLU A 547 22.78 -3.07 28.80
C GLU A 547 24.26 -2.80 28.43
N GLU A 548 24.98 -2.08 29.31
CA GLU A 548 26.41 -1.75 29.14
C GLU A 548 27.22 -2.88 29.72
N TYR A 549 28.31 -3.26 29.06
CA TYR A 549 29.24 -4.28 29.58
C TYR A 549 30.05 -3.67 30.72
N LEU A 550 30.35 -4.51 31.72
CA LEU A 550 31.23 -4.14 32.83
C LEU A 550 32.64 -4.10 32.26
N ASN A 551 33.42 -3.07 32.63
CA ASN A 551 34.79 -2.87 32.12
C ASN A 551 34.78 -2.81 30.59
N SER A 552 33.82 -2.08 30.07
CA SER A 552 33.56 -1.88 28.63
C SER A 552 34.84 -1.55 27.89
N GLU A 553 35.08 -2.30 26.80
CA GLU A 553 36.20 -2.15 25.86
C GLU A 553 36.20 -0.75 25.21
N LYS A 554 35.08 -0.03 25.31
CA LYS A 554 35.00 1.33 24.77
C LYS A 554 35.93 2.28 25.57
N TYR A 555 36.18 1.99 26.85
CA TYR A 555 36.97 2.87 27.74
C TYR A 555 38.27 2.25 28.27
N GLU A 556 38.60 0.99 27.88
CA GLU A 556 39.82 0.34 28.35
C GLU A 556 40.25 -0.76 27.40
N LEU A 557 41.52 -1.11 27.45
CA LEU A 557 42.06 -2.20 26.65
C LEU A 557 41.49 -3.53 27.14
N ARG A 558 41.01 -4.35 26.19
CA ARG A 558 40.45 -5.64 26.55
C ARG A 558 41.08 -6.79 25.77
N PRO A 559 42.37 -7.11 26.00
CA PRO A 559 42.93 -8.33 25.37
C PRO A 559 42.20 -9.56 25.91
N ARG A 560 42.11 -10.62 25.08
CA ARG A 560 41.40 -11.85 25.43
C ARG A 560 42.20 -13.00 24.88
N ASP A 561 42.31 -14.06 25.66
CA ASP A 561 43.06 -15.22 25.21
C ASP A 561 42.04 -16.24 24.65
N PHE A 562 41.66 -16.04 23.39
CA PHE A 562 40.67 -16.90 22.71
C PHE A 562 41.18 -18.33 22.56
N GLU A 563 42.48 -18.49 22.36
CA GLU A 563 43.13 -19.80 22.15
C GLU A 563 43.05 -20.68 23.38
N SER A 564 43.36 -20.16 24.59
CA SER A 564 43.28 -20.95 25.81
CA SER A 564 43.27 -20.94 25.82
C SER A 564 41.83 -21.30 26.13
N ALA A 565 40.88 -20.36 25.91
CA ALA A 565 39.46 -20.64 26.16
C ALA A 565 38.95 -21.78 25.24
N LEU A 566 39.41 -21.78 23.97
CA LEU A 566 39.11 -22.80 22.96
C LEU A 566 39.66 -24.18 23.40
N ALA A 567 40.93 -24.23 23.89
CA ALA A 567 41.56 -25.48 24.38
C ALA A 567 40.86 -26.06 25.62
N ARG A 568 40.24 -25.20 26.43
CA ARG A 568 39.50 -25.57 27.64
C ARG A 568 38.01 -25.89 27.34
N GLY A 569 37.61 -25.80 26.07
CA GLY A 569 36.21 -26.04 25.68
C GLY A 569 35.24 -25.03 26.25
N GLU A 570 35.70 -23.78 26.49
CA GLU A 570 34.88 -22.69 27.07
C GLU A 570 34.66 -21.58 26.05
N SER A 571 34.56 -21.96 24.77
CA SER A 571 34.40 -21.00 23.68
C SER A 571 33.29 -21.40 22.70
N LEU A 572 32.61 -20.38 22.13
CA LEU A 572 31.58 -20.54 21.09
C LEU A 572 32.24 -20.49 19.70
N GLU A 573 33.58 -20.32 19.65
CA GLU A 573 34.32 -20.21 18.39
C GLU A 573 33.99 -21.37 17.42
N PRO A 574 34.00 -22.67 17.83
CA PRO A 574 33.59 -23.76 16.91
C PRO A 574 32.16 -23.65 16.40
N PHE A 575 31.19 -23.25 17.27
CA PHE A 575 29.78 -23.08 16.86
C PHE A 575 29.58 -21.92 15.84
N LEU A 576 30.23 -20.76 16.08
CA LEU A 576 30.17 -19.65 15.10
C LEU A 576 30.77 -20.09 13.75
N THR A 577 31.84 -20.90 13.78
CA THR A 577 32.47 -21.43 12.54
C THR A 577 31.46 -22.26 11.75
N ARG A 578 30.77 -23.20 12.44
CA ARG A 578 29.73 -24.08 11.85
C ARG A 578 28.59 -23.25 11.27
N LEU A 579 28.13 -22.22 11.99
CA LEU A 579 27.06 -21.35 11.45
C LEU A 579 27.46 -20.65 10.15
N ASN A 580 28.70 -20.13 10.05
CA ASN A 580 29.15 -19.49 8.80
C ASN A 580 29.33 -20.52 7.68
N GLU A 581 29.74 -21.76 8.01
CA GLU A 581 29.84 -22.87 7.04
C GLU A 581 28.45 -23.21 6.48
N ILE A 582 27.44 -23.34 7.36
CA ILE A 582 26.06 -23.62 6.91
C ILE A 582 25.56 -22.51 5.95
N ARG A 583 25.86 -21.23 6.29
CA ARG A 583 25.43 -20.11 5.46
C ARG A 583 26.02 -20.17 4.07
N ARG A 584 27.34 -20.45 3.95
CA ARG A 584 28.06 -20.59 2.67
C ARG A 584 27.51 -21.75 1.83
N LEU A 585 27.09 -22.85 2.48
CA LEU A 585 26.55 -24.06 1.85
C LEU A 585 25.12 -23.91 1.35
N HIS A 586 24.34 -22.97 1.93
CA HIS A 586 22.93 -22.81 1.61
C HIS A 586 22.54 -21.43 1.09
N PRO A 587 22.38 -21.29 -0.25
CA PRO A 587 21.98 -19.98 -0.81
C PRO A 587 20.62 -19.47 -0.34
N ALA A 588 19.76 -20.34 0.25
CA ALA A 588 18.47 -19.91 0.82
C ALA A 588 18.73 -18.89 1.94
N LEU A 589 19.87 -19.04 2.65
CA LEU A 589 20.28 -18.14 3.72
C LEU A 589 20.74 -16.73 3.27
N ARG A 590 20.83 -16.51 1.93
CA ARG A 590 21.16 -15.19 1.36
C ARG A 590 19.91 -14.38 1.27
N GLU A 591 18.75 -15.06 1.28
CA GLU A 591 17.45 -14.46 1.04
C GLU A 591 16.78 -13.80 2.23
N LEU A 592 16.00 -12.77 1.94
CA LEU A 592 15.18 -12.03 2.89
C LEU A 592 13.67 -12.27 2.68
N ARG A 593 13.20 -12.06 1.44
CA ARG A 593 11.77 -12.13 1.11
CA ARG A 593 11.78 -12.14 1.09
C ARG A 593 11.11 -13.52 1.20
N THR A 594 11.88 -14.60 1.24
CA THR A 594 11.32 -15.96 1.28
C THR A 594 11.09 -16.57 2.67
N ILE A 595 11.34 -15.82 3.77
CA ILE A 595 11.13 -16.35 5.12
C ILE A 595 9.65 -16.66 5.36
N ARG A 596 9.36 -17.87 5.86
CA ARG A 596 7.99 -18.27 6.19
C ARG A 596 8.02 -18.98 7.51
N PHE A 597 7.17 -18.56 8.44
CA PHE A 597 7.09 -19.20 9.75
C PHE A 597 6.10 -20.38 9.69
N HIS A 598 6.42 -21.45 10.39
CA HIS A 598 5.61 -22.68 10.44
C HIS A 598 5.15 -22.89 11.86
N HIS A 599 3.90 -23.35 12.03
CA HIS A 599 3.34 -23.51 13.37
C HIS A 599 3.97 -24.66 14.15
N VAL A 600 4.44 -24.39 15.37
CA VAL A 600 5.04 -25.34 16.30
C VAL A 600 4.36 -25.14 17.68
N ASP A 601 3.78 -26.23 18.25
CA ASP A 601 2.93 -26.18 19.46
C ASP A 601 3.66 -26.05 20.80
N ASN A 602 4.46 -24.98 20.94
CA ASN A 602 5.21 -24.76 22.15
C ASN A 602 5.66 -23.32 22.12
N ASP A 603 5.28 -22.53 23.15
CA ASP A 603 5.63 -21.11 23.28
C ASP A 603 7.15 -20.84 23.34
N ALA A 604 7.96 -21.88 23.64
CA ALA A 604 9.43 -21.79 23.70
C ALA A 604 10.13 -22.35 22.42
N LEU A 605 9.37 -22.73 21.39
CA LEU A 605 9.94 -23.20 20.13
C LEU A 605 9.54 -22.28 18.98
N LEU A 606 10.47 -22.07 18.04
CA LEU A 606 10.22 -21.23 16.87
C LEU A 606 10.68 -21.97 15.63
N ALA A 607 9.91 -21.90 14.53
CA ALA A 607 10.24 -22.60 13.29
C ALA A 607 10.00 -21.72 12.07
N TYR A 608 10.95 -21.72 11.13
CA TYR A 608 10.85 -20.91 9.92
C TYR A 608 11.72 -21.48 8.82
N SER A 609 11.30 -21.30 7.57
CA SER A 609 12.11 -21.73 6.45
C SER A 609 12.42 -20.57 5.52
N LYS A 610 13.40 -20.78 4.65
CA LYS A 610 13.73 -19.87 3.56
C LYS A 610 14.05 -20.76 2.35
N PHE A 611 13.94 -20.20 1.16
CA PHE A 611 14.36 -20.90 -0.05
C PHE A 611 15.05 -19.91 -0.98
N ASP A 612 15.88 -20.43 -1.86
CA ASP A 612 16.56 -19.65 -2.88
C ASP A 612 15.79 -19.80 -4.23
N PRO A 613 15.21 -18.73 -4.80
CA PRO A 613 14.51 -18.89 -6.09
C PRO A 613 15.43 -19.25 -7.26
N GLY A 614 16.72 -18.98 -7.13
CA GLY A 614 17.71 -19.27 -8.16
C GLY A 614 17.98 -20.75 -8.33
N THR A 615 18.23 -21.48 -7.21
CA THR A 615 18.59 -22.91 -7.20
C THR A 615 17.57 -23.88 -6.59
N GLY A 616 16.63 -23.38 -5.81
CA GLY A 616 15.67 -24.23 -5.11
C GLY A 616 16.16 -24.73 -3.76
N ASP A 617 17.39 -24.33 -3.34
CA ASP A 617 17.93 -24.65 -2.03
C ASP A 617 16.91 -24.18 -0.95
N THR A 618 16.58 -25.05 0.01
CA THR A 618 15.57 -24.78 1.05
C THR A 618 16.10 -25.22 2.38
N VAL A 619 15.91 -24.36 3.39
CA VAL A 619 16.40 -24.60 4.75
CA VAL A 619 16.35 -24.66 4.74
C VAL A 619 15.25 -24.41 5.72
N LEU A 620 15.15 -25.24 6.74
CA LEU A 620 14.16 -25.07 7.78
C LEU A 620 14.85 -25.04 9.14
N VAL A 621 14.59 -23.99 9.92
CA VAL A 621 15.18 -23.89 11.23
C VAL A 621 14.12 -24.21 12.26
N VAL A 622 14.45 -25.03 13.26
CA VAL A 622 13.61 -25.24 14.43
C VAL A 622 14.53 -24.83 15.59
N VAL A 623 14.18 -23.77 16.35
CA VAL A 623 15.07 -23.30 17.43
C VAL A 623 14.33 -23.14 18.75
N THR A 624 14.98 -23.46 19.88
CA THR A 624 14.39 -23.29 21.19
C THR A 624 14.75 -21.90 21.73
N LEU A 625 13.82 -21.29 22.47
CA LEU A 625 14.06 -20.02 23.13
C LEU A 625 14.31 -20.23 24.63
N ASN A 626 14.41 -21.51 25.03
CA ASN A 626 14.67 -21.89 26.43
C ASN A 626 16.07 -22.51 26.53
N PRO A 627 17.03 -21.77 27.13
CA PRO A 627 18.40 -22.31 27.23
C PRO A 627 18.63 -23.31 28.38
N PHE A 628 17.64 -23.46 29.27
CA PHE A 628 17.75 -24.30 30.48
C PHE A 628 17.23 -25.74 30.39
N GLY A 629 16.04 -25.93 29.81
CA GLY A 629 15.43 -27.25 29.70
C GLY A 629 14.95 -27.68 28.34
N ALA A 630 14.74 -29.01 28.17
CA ALA A 630 14.24 -29.63 26.94
C ALA A 630 12.84 -29.13 26.59
N GLU A 631 12.54 -29.00 25.30
CA GLU A 631 11.25 -28.54 24.82
C GLU A 631 10.86 -29.41 23.66
N GLU A 632 9.60 -29.84 23.63
CA GLU A 632 9.11 -30.67 22.54
C GLU A 632 7.77 -30.20 22.02
N ALA A 633 7.37 -30.65 20.82
CA ALA A 633 6.11 -30.29 20.17
C ALA A 633 5.97 -30.99 18.86
N THR A 634 4.78 -30.85 18.23
CA THR A 634 4.59 -31.26 16.87
C THR A 634 4.76 -29.97 16.07
N LEU A 635 5.51 -30.06 15.00
CA LEU A 635 5.74 -28.99 14.02
C LEU A 635 4.81 -29.25 12.84
N TRP A 636 3.93 -28.28 12.55
CA TRP A 636 2.95 -28.37 11.45
C TRP A 636 3.43 -27.54 10.26
N LEU A 637 3.91 -28.24 9.23
CA LEU A 637 4.43 -27.59 8.03
C LEU A 637 3.37 -27.08 7.09
N ASP A 638 3.65 -25.89 6.51
CA ASP A 638 2.83 -25.26 5.49
C ASP A 638 3.44 -25.84 4.20
N MET A 639 2.98 -27.06 3.83
CA MET A 639 3.51 -27.83 2.71
C MET A 639 3.56 -27.14 1.35
N PRO A 640 2.53 -26.39 0.89
CA PRO A 640 2.65 -25.67 -0.40
C PRO A 640 3.83 -24.68 -0.42
N GLU A 641 4.14 -24.02 0.75
CA GLU A 641 5.27 -23.09 0.91
C GLU A 641 6.61 -23.80 0.72
N LEU A 642 6.64 -25.14 0.84
CA LEU A 642 7.85 -25.93 0.63
C LEU A 642 7.82 -26.68 -0.74
N GLY A 643 6.90 -26.27 -1.60
CA GLY A 643 6.69 -26.83 -2.94
C GLY A 643 6.16 -28.25 -2.95
N MET A 644 5.42 -28.64 -1.88
CA MET A 644 4.89 -30.00 -1.70
C MET A 644 3.39 -30.04 -1.38
N GLU A 645 2.80 -31.25 -1.43
CA GLU A 645 1.39 -31.50 -1.12
C GLU A 645 1.24 -31.87 0.36
N PRO A 646 0.08 -31.62 1.05
CA PRO A 646 -0.03 -31.98 2.47
C PRO A 646 0.24 -33.45 2.80
N TYR A 647 -0.15 -34.37 1.89
CA TYR A 647 0.02 -35.82 2.04
C TYR A 647 1.45 -36.29 1.76
N ASP A 648 2.31 -35.41 1.21
CA ASP A 648 3.70 -35.77 0.87
C ASP A 648 4.54 -36.17 2.07
N ARG A 649 5.49 -37.06 1.82
CA ARG A 649 6.46 -37.53 2.79
C ARG A 649 7.83 -37.36 2.15
N PHE A 650 8.82 -36.97 2.94
CA PHE A 650 10.14 -36.59 2.42
C PHE A 650 11.24 -36.76 3.46
N TRP A 651 12.49 -36.71 3.01
CA TRP A 651 13.65 -36.81 3.88
C TRP A 651 14.28 -35.43 4.10
N VAL A 652 14.84 -35.23 5.30
CA VAL A 652 15.55 -33.99 5.69
C VAL A 652 16.85 -34.38 6.31
N ARG A 653 17.83 -33.47 6.29
CA ARG A 653 19.11 -33.70 6.92
C ARG A 653 19.44 -32.53 7.88
N ASP A 654 19.75 -32.84 9.15
CA ASP A 654 20.13 -31.85 10.15
C ASP A 654 21.59 -31.44 9.95
N GLU A 655 21.83 -30.14 9.69
CA GLU A 655 23.19 -29.62 9.49
C GLU A 655 24.00 -29.54 10.78
N ILE A 656 23.33 -29.38 11.95
CA ILE A 656 23.98 -29.27 13.27
C ILE A 656 24.49 -30.64 13.80
N THR A 657 23.67 -31.71 13.70
CA THR A 657 24.02 -33.04 14.22
C THR A 657 24.41 -34.08 13.16
N GLY A 658 23.93 -33.91 11.94
CA GLY A 658 24.17 -34.84 10.84
C GLY A 658 23.03 -35.83 10.61
N GLU A 659 22.14 -35.98 11.62
CA GLU A 659 20.98 -36.87 11.61
C GLU A 659 20.04 -36.60 10.44
N GLU A 660 19.49 -37.68 9.83
CA GLU A 660 18.49 -37.61 8.77
C GLU A 660 17.16 -38.15 9.32
N TYR A 661 16.02 -37.56 8.89
CA TYR A 661 14.68 -37.95 9.35
C TYR A 661 13.69 -38.01 8.19
N GLN A 662 12.67 -38.88 8.31
CA GLN A 662 11.58 -38.97 7.34
C GLN A 662 10.46 -38.11 7.92
N TRP A 663 10.04 -37.09 7.18
CA TRP A 663 9.02 -36.14 7.60
C TRP A 663 7.78 -36.10 6.71
N GLY A 664 6.72 -35.50 7.22
CA GLY A 664 5.47 -35.23 6.53
C GLY A 664 4.98 -33.85 6.89
N GLN A 665 3.66 -33.65 6.91
CA GLN A 665 3.03 -32.38 7.27
C GLN A 665 3.10 -32.11 8.77
N ALA A 666 3.04 -33.16 9.62
CA ALA A 666 3.04 -33.04 11.08
C ALA A 666 4.18 -33.85 11.63
N ASN A 667 5.16 -33.17 12.29
CA ASN A 667 6.37 -33.83 12.76
C ASN A 667 6.69 -33.56 14.20
N TYR A 668 7.05 -34.63 14.93
CA TYR A 668 7.44 -34.49 16.34
C TYR A 668 8.87 -33.93 16.42
N VAL A 669 9.08 -32.89 17.22
CA VAL A 669 10.42 -32.31 17.41
C VAL A 669 10.74 -32.14 18.89
N ARG A 670 12.02 -32.29 19.24
CA ARG A 670 12.53 -32.13 20.59
C ARG A 670 13.91 -31.49 20.52
N LEU A 671 14.12 -30.45 21.32
CA LEU A 671 15.41 -29.78 21.48
C LEU A 671 15.83 -29.76 22.93
N ASP A 672 17.00 -30.35 23.22
CA ASP A 672 17.62 -30.34 24.55
C ASP A 672 18.80 -29.39 24.41
N PRO A 673 18.75 -28.20 25.06
CA PRO A 673 19.83 -27.21 24.89
C PRO A 673 21.21 -27.66 25.34
N ALA A 674 21.28 -28.73 26.17
CA ALA A 674 22.55 -29.32 26.60
C ALA A 674 23.17 -30.09 25.41
N LYS A 675 22.36 -30.50 24.40
CA LYS A 675 22.86 -31.21 23.23
C LYS A 675 22.95 -30.30 21.99
N ALA A 676 21.85 -29.59 21.66
CA ALA A 676 21.77 -28.69 20.51
C ALA A 676 20.58 -27.79 20.72
N VAL A 677 20.77 -26.48 20.49
CA VAL A 677 19.70 -25.48 20.68
C VAL A 677 18.82 -25.34 19.43
N ALA A 678 19.18 -26.01 18.34
CA ALA A 678 18.43 -25.91 17.10
C ALA A 678 18.68 -27.06 16.16
N HIS A 679 17.73 -27.27 15.23
CA HIS A 679 17.89 -28.15 14.07
C HIS A 679 17.96 -27.16 12.91
N VAL A 680 18.93 -27.30 12.02
CA VAL A 680 19.00 -26.46 10.82
C VAL A 680 18.92 -27.51 9.73
N LEU A 681 17.72 -27.69 9.17
CA LEU A 681 17.45 -28.76 8.22
C LEU A 681 17.56 -28.41 6.76
N ASN A 682 18.31 -29.22 6.04
CA ASN A 682 18.41 -29.16 4.58
C ASN A 682 17.14 -29.88 4.08
N MET A 683 16.26 -29.15 3.41
CA MET A 683 14.99 -29.64 2.91
C MET A 683 15.10 -30.08 1.44
N PRO A 684 14.12 -30.86 0.89
CA PRO A 684 14.17 -31.16 -0.55
C PRO A 684 14.17 -29.88 -1.40
N LEU A 685 14.89 -29.89 -2.52
CA LEU A 685 14.98 -28.77 -3.45
C LEU A 685 13.62 -28.44 -4.00
N ILE A 686 13.31 -27.16 -4.13
CA ILE A 686 12.03 -26.76 -4.71
C ILE A 686 12.18 -26.76 -6.25
N PRO A 687 11.29 -27.44 -7.03
CA PRO A 687 11.39 -27.40 -8.51
C PRO A 687 11.29 -25.98 -9.06
N ALA A 688 11.90 -25.72 -10.23
CA ALA A 688 11.95 -24.39 -10.87
C ALA A 688 10.64 -23.61 -11.06
N ASP A 689 9.58 -24.27 -11.53
CA ASP A 689 8.28 -23.61 -11.77
C ASP A 689 7.63 -23.18 -10.46
N LYS A 690 7.72 -24.05 -9.43
CA LYS A 690 7.13 -23.79 -8.12
C LYS A 690 7.87 -22.67 -7.39
N ARG A 691 9.19 -22.64 -7.49
CA ARG A 691 9.95 -21.61 -6.76
C ARG A 691 9.74 -20.18 -7.23
N LEU A 692 9.56 -19.96 -8.54
CA LEU A 692 9.23 -18.64 -9.07
C LEU A 692 7.84 -18.25 -8.67
N GLN A 693 6.91 -19.25 -8.61
CA GLN A 693 5.53 -19.05 -8.15
C GLN A 693 5.51 -18.71 -6.65
N LEU A 694 6.35 -19.38 -5.84
CA LEU A 694 6.46 -19.07 -4.41
C LEU A 694 7.06 -17.69 -4.14
N LEU A 695 7.79 -17.12 -5.12
CA LEU A 695 8.40 -15.80 -5.03
C LEU A 695 7.43 -14.67 -5.37
N ARG A 696 6.22 -15.00 -5.88
CA ARG A 696 5.24 -13.98 -6.28
C ARG A 696 4.82 -13.03 -5.18
N ARG A 697 4.71 -11.74 -5.53
CA ARG A 697 4.37 -10.62 -4.62
C ARG A 697 2.93 -10.62 -4.10
N GLU A 698 1.97 -11.05 -4.93
CA GLU A 698 0.55 -11.03 -4.55
C GLU A 698 -0.24 -12.16 -5.20
N GLY B 1 4.05 8.80 -0.81
CA GLY B 1 5.46 8.95 -1.14
C GLY B 1 5.79 10.40 -1.27
N SER B 2 7.05 10.78 -1.09
CA SER B 2 7.16 12.22 -1.20
C SER B 2 8.39 12.82 -1.75
N VAL B 3 9.06 13.56 -0.88
CA VAL B 3 10.23 14.35 -1.21
C VAL B 3 11.29 14.16 -0.16
N ALA B 4 12.56 14.26 -0.56
CA ALA B 4 13.63 14.17 0.42
C ALA B 4 14.43 15.46 0.28
N GLY B 5 14.41 16.25 1.33
CA GLY B 5 15.16 17.50 1.38
C GLY B 5 15.85 17.57 2.72
N ARG B 6 15.95 18.79 3.29
CA ARG B 6 16.51 18.97 4.62
C ARG B 6 15.54 18.34 5.63
N ILE B 7 14.24 18.29 5.25
CA ILE B 7 13.18 17.59 6.00
C ILE B 7 12.68 16.52 5.02
N VAL B 8 12.29 15.34 5.53
CA VAL B 8 11.78 14.27 4.64
C VAL B 8 10.26 14.14 4.82
N ILE B 9 9.53 14.08 3.69
CA ILE B 9 8.08 13.85 3.64
C ILE B 9 7.89 12.54 2.89
N ASP B 10 7.15 11.60 3.49
CA ASP B 10 6.95 10.27 2.90
C ASP B 10 5.50 9.74 3.11
N ASP B 11 5.10 8.73 2.30
CA ASP B 11 3.82 8.00 2.40
C ASP B 11 2.61 8.90 2.62
N VAL B 12 2.42 9.84 1.71
CA VAL B 12 1.34 10.82 1.75
C VAL B 12 0.03 10.14 1.28
N GLN B 13 -1.10 10.41 1.96
CA GLN B 13 -2.41 9.85 1.59
CA GLN B 13 -2.42 9.85 1.63
C GLN B 13 -3.44 10.99 1.74
N PRO B 14 -4.47 11.08 0.86
CA PRO B 14 -4.84 10.16 -0.23
C PRO B 14 -4.06 10.36 -1.52
N VAL B 15 -3.48 9.26 -2.00
CA VAL B 15 -2.73 9.24 -3.27
C VAL B 15 -3.21 7.97 -3.99
N VAL B 16 -3.67 8.11 -5.24
CA VAL B 16 -4.24 6.98 -6.01
C VAL B 16 -3.29 6.58 -7.12
N SER B 17 -2.93 5.30 -7.20
CA SER B 17 -2.03 4.78 -8.24
C SER B 17 -0.78 5.66 -8.43
N ASN B 18 -0.13 6.06 -7.29
CA ASN B 18 1.05 6.94 -7.25
C ASN B 18 0.84 8.32 -7.77
N GLY B 19 -0.40 8.76 -7.89
CA GLY B 19 -0.69 10.12 -8.35
C GLY B 19 -1.24 10.15 -9.75
N ARG B 20 -1.42 8.98 -10.36
CA ARG B 20 -1.94 8.83 -11.72
C ARG B 20 -3.42 9.28 -11.82
N TYR B 21 -4.20 9.19 -10.71
CA TYR B 21 -5.61 9.60 -10.75
C TYR B 21 -5.92 10.46 -9.55
N PRO B 22 -6.84 11.44 -9.63
CA PRO B 22 -7.18 12.17 -8.41
C PRO B 22 -8.03 11.31 -7.48
N ALA B 23 -8.05 11.66 -6.20
CA ALA B 23 -8.91 11.01 -5.20
C ALA B 23 -10.32 11.64 -5.40
N LYS B 24 -11.33 11.06 -4.79
CA LYS B 24 -12.70 11.55 -4.92
C LYS B 24 -13.16 12.17 -3.63
N ALA B 25 -14.03 13.20 -3.72
CA ALA B 25 -14.67 13.77 -2.53
C ALA B 25 -15.88 14.55 -3.01
N VAL B 26 -16.69 15.07 -2.07
CA VAL B 26 -17.85 15.88 -2.44
C VAL B 26 -17.83 17.17 -1.65
N VAL B 27 -18.58 18.19 -2.10
CA VAL B 27 -18.70 19.47 -1.40
C VAL B 27 -19.21 19.22 0.05
N GLY B 28 -18.52 19.80 1.05
CA GLY B 28 -18.89 19.69 2.46
C GLY B 28 -18.39 18.44 3.15
N GLU B 29 -17.62 17.60 2.45
CA GLU B 29 -17.03 16.39 3.03
C GLU B 29 -15.73 16.76 3.70
N VAL B 30 -15.45 16.20 4.89
CA VAL B 30 -14.17 16.43 5.58
C VAL B 30 -13.17 15.41 4.99
N VAL B 31 -12.13 15.90 4.31
CA VAL B 31 -11.12 15.03 3.68
C VAL B 31 -9.87 14.89 4.59
N PRO B 32 -9.59 13.71 5.19
CA PRO B 32 -8.38 13.60 6.02
C PRO B 32 -7.14 13.38 5.14
N VAL B 33 -6.01 13.95 5.56
CA VAL B 33 -4.71 13.84 4.88
C VAL B 33 -3.69 13.37 5.90
N ALA B 34 -2.86 12.37 5.56
CA ALA B 34 -1.80 11.90 6.43
C ALA B 34 -0.45 11.99 5.70
N ALA B 35 0.64 12.22 6.45
CA ALA B 35 1.99 12.23 5.88
C ALA B 35 3.01 11.87 6.94
N THR B 36 4.05 11.12 6.56
CA THR B 36 5.14 10.85 7.49
C THR B 36 6.14 11.99 7.26
N VAL B 37 6.54 12.68 8.34
CA VAL B 37 7.44 13.86 8.25
C VAL B 37 8.50 13.70 9.32
N TRP B 38 9.79 13.70 8.91
CA TRP B 38 10.87 13.51 9.85
C TRP B 38 12.14 14.27 9.49
N ARG B 39 13.01 14.41 10.50
CA ARG B 39 14.30 15.08 10.37
C ARG B 39 15.28 14.39 11.30
N GLU B 40 16.45 15.00 11.48
CA GLU B 40 17.50 14.49 12.34
C GLU B 40 17.28 14.86 13.81
N GLY B 41 17.98 14.15 14.69
CA GLY B 41 18.05 14.39 16.12
C GLY B 41 16.74 14.33 16.88
N HIS B 42 16.72 14.97 18.06
CA HIS B 42 15.53 15.02 18.91
C HIS B 42 14.79 16.34 18.66
N ASP B 43 15.25 17.11 17.66
CA ASP B 43 14.69 18.41 17.25
C ASP B 43 13.27 18.29 16.70
N ALA B 44 12.42 19.26 17.10
CA ALA B 44 11.02 19.32 16.73
C ALA B 44 10.82 19.57 15.25
N VAL B 45 9.87 18.86 14.70
CA VAL B 45 9.51 18.99 13.31
C VAL B 45 8.01 19.23 13.25
N ALA B 46 7.57 19.98 12.26
CA ALA B 46 6.14 20.27 12.07
C ALA B 46 5.77 20.21 10.58
N ALA B 47 4.46 20.30 10.26
CA ALA B 47 3.99 20.26 8.88
C ALA B 47 2.78 21.15 8.66
N THR B 48 2.68 21.70 7.46
CA THR B 48 1.59 22.55 7.00
C THR B 48 0.90 21.89 5.81
N LEU B 49 -0.44 21.86 5.84
CA LEU B 49 -1.24 21.34 4.75
C LEU B 49 -1.60 22.52 3.90
N VAL B 50 -1.14 22.54 2.65
CA VAL B 50 -1.41 23.66 1.74
C VAL B 50 -2.49 23.22 0.76
N VAL B 51 -3.65 23.87 0.80
CA VAL B 51 -4.78 23.47 -0.04
C VAL B 51 -5.14 24.56 -1.03
N ARG B 52 -5.41 24.18 -2.27
CA ARG B 52 -5.80 25.17 -3.29
C ARG B 52 -6.93 24.66 -4.18
N TYR B 53 -7.86 25.57 -4.56
CA TYR B 53 -8.95 25.28 -5.50
C TYR B 53 -8.47 25.69 -6.90
N HIS B 54 -8.60 24.78 -7.90
CA HIS B 54 -8.14 24.97 -9.29
C HIS B 54 -9.23 25.27 -10.31
N GLY B 55 -10.46 25.42 -9.87
CA GLY B 55 -11.57 25.65 -10.79
C GLY B 55 -12.18 24.33 -11.22
N THR B 56 -13.01 24.38 -12.28
CA THR B 56 -13.78 23.24 -12.78
C THR B 56 -13.12 22.48 -13.93
N THR B 57 -11.85 22.79 -14.26
CA THR B 57 -11.13 22.09 -15.32
CA THR B 57 -11.15 22.07 -15.33
C THR B 57 -10.90 20.65 -14.88
N TYR B 58 -11.38 19.70 -15.66
CA TYR B 58 -11.31 18.27 -15.39
C TYR B 58 -10.24 17.61 -16.26
N PRO B 59 -9.41 16.70 -15.69
CA PRO B 59 -8.33 16.11 -16.48
C PRO B 59 -8.77 15.00 -17.42
N ASP B 60 -7.91 14.72 -18.42
CA ASP B 60 -8.06 13.58 -19.33
C ASP B 60 -7.23 12.51 -18.63
N LEU B 61 -7.89 11.44 -18.19
CA LEU B 61 -7.24 10.39 -17.40
C LEU B 61 -6.68 9.20 -18.15
N ALA B 62 -6.87 9.15 -19.47
CA ALA B 62 -6.29 8.07 -20.27
C ALA B 62 -5.83 8.58 -21.61
N ASP B 63 -4.93 7.83 -22.24
CA ASP B 63 -4.38 8.15 -23.56
C ASP B 63 -5.48 7.87 -24.60
N PRO B 64 -5.98 8.91 -25.31
CA PRO B 64 -7.00 8.66 -26.35
C PRO B 64 -6.39 8.03 -27.61
N PRO B 65 -7.20 7.45 -28.54
CA PRO B 65 -6.62 6.88 -29.78
C PRO B 65 -5.99 7.95 -30.65
N LYS B 89 -6.58 31.97 -3.89
CA LYS B 89 -5.64 32.03 -2.79
C LYS B 89 -5.60 30.69 -2.02
N PRO B 90 -4.40 30.10 -1.81
CA PRO B 90 -4.34 28.82 -1.07
C PRO B 90 -4.59 28.96 0.42
N GLN B 91 -5.03 27.87 1.06
CA GLN B 91 -5.24 27.81 2.51
C GLN B 91 -4.05 27.08 3.10
N ARG B 92 -3.49 27.62 4.19
CA ARG B 92 -2.38 27.03 4.93
C ARG B 92 -3.00 26.51 6.22
N LEU B 93 -3.04 25.18 6.37
CA LEU B 93 -3.73 24.52 7.46
C LEU B 93 -2.80 23.76 8.39
N PRO B 94 -3.08 23.75 9.71
CA PRO B 94 -2.20 23.03 10.64
C PRO B 94 -2.28 21.52 10.50
N MET B 95 -1.17 20.84 10.72
CA MET B 95 -1.18 19.39 10.76
C MET B 95 -0.78 18.99 12.16
N SER B 96 -1.48 18.01 12.72
CA SER B 96 -1.22 17.60 14.09
C SER B 96 -0.44 16.31 14.14
N PRO B 97 0.51 16.19 15.10
CA PRO B 97 1.23 14.92 15.25
C PRO B 97 0.29 13.89 15.86
N GLY B 98 0.41 12.67 15.39
CA GLY B 98 -0.46 11.60 15.86
C GLY B 98 0.18 10.78 16.96
N HIS B 99 -0.58 9.79 17.40
CA HIS B 99 -0.12 8.84 18.39
C HIS B 99 0.80 7.84 17.70
N THR B 100 0.71 7.74 16.35
CA THR B 100 1.62 6.95 15.52
C THR B 100 2.87 7.86 15.36
N PRO B 101 4.05 7.48 15.87
CA PRO B 101 5.21 8.39 15.78
C PRO B 101 5.59 8.78 14.34
N ASP B 102 5.92 10.07 14.14
CA ASP B 102 6.36 10.66 12.86
C ASP B 102 5.27 10.85 11.80
N VAL B 103 4.00 10.59 12.17
CA VAL B 103 2.89 10.76 11.24
C VAL B 103 2.13 12.01 11.62
N PHE B 104 1.90 12.87 10.64
CA PHE B 104 1.14 14.11 10.80
C PHE B 104 -0.22 13.99 10.12
N HIS B 105 -1.24 14.64 10.68
CA HIS B 105 -2.60 14.54 10.17
C HIS B 105 -3.21 15.89 9.99
N GLY B 106 -3.91 16.07 8.88
CA GLY B 106 -4.64 17.29 8.58
C GLY B 106 -5.98 16.95 7.96
N HIS B 107 -6.75 17.96 7.60
CA HIS B 107 -8.02 17.79 6.91
C HIS B 107 -8.41 19.09 6.25
N PHE B 108 -9.23 19.00 5.20
CA PHE B 108 -9.80 20.16 4.52
C PHE B 108 -11.23 19.78 4.09
N THR B 109 -12.11 20.78 4.00
CA THR B 109 -13.52 20.60 3.63
C THR B 109 -13.74 21.43 2.38
N PRO B 110 -13.68 20.83 1.17
CA PRO B 110 -13.91 21.62 -0.06
C PRO B 110 -15.32 22.20 -0.08
N ASP B 111 -15.46 23.47 -0.49
CA ASP B 111 -16.76 24.14 -0.48
C ASP B 111 -17.35 24.37 -1.86
N ARG B 112 -16.73 23.81 -2.91
CA ARG B 112 -17.25 23.96 -4.26
C ARG B 112 -16.74 22.87 -5.15
N VAL B 113 -17.53 22.58 -6.20
CA VAL B 113 -17.28 21.57 -7.20
C VAL B 113 -16.03 21.96 -8.01
N GLY B 114 -15.18 20.97 -8.27
CA GLY B 114 -14.00 21.16 -9.10
C GLY B 114 -12.77 20.46 -8.60
N LEU B 115 -11.62 20.79 -9.21
CA LEU B 115 -10.35 20.19 -8.87
C LEU B 115 -9.69 20.97 -7.74
N TRP B 116 -9.40 20.25 -6.64
CA TRP B 116 -8.71 20.80 -5.48
C TRP B 116 -7.40 20.08 -5.40
N THR B 117 -6.34 20.76 -4.96
CA THR B 117 -5.08 20.06 -4.75
C THR B 117 -4.63 20.26 -3.33
N TYR B 118 -3.80 19.38 -2.86
CA TYR B 118 -3.21 19.58 -1.55
C TYR B 118 -1.73 19.22 -1.65
N ARG B 119 -0.93 19.78 -0.74
CA ARG B 119 0.52 19.55 -0.66
C ARG B 119 0.88 19.57 0.82
N VAL B 120 1.79 18.70 1.25
CA VAL B 120 2.29 18.74 2.64
C VAL B 120 3.66 19.43 2.60
N ASP B 121 3.88 20.47 3.47
CA ASP B 121 5.17 21.17 3.62
C ASP B 121 5.72 20.84 4.99
N GLY B 122 6.96 20.33 5.02
CA GLY B 122 7.64 19.97 6.26
C GLY B 122 8.59 21.08 6.67
N TRP B 123 8.76 21.28 7.98
CA TRP B 123 9.66 22.32 8.50
C TRP B 123 10.15 22.04 9.88
N GLY B 124 11.35 22.55 10.18
CA GLY B 124 11.93 22.45 11.51
C GLY B 124 11.31 23.54 12.36
N ASP B 125 10.97 23.20 13.61
CA ASP B 125 10.28 24.03 14.60
C ASP B 125 11.30 24.37 15.74
N PRO B 126 12.26 25.34 15.53
CA PRO B 126 13.30 25.58 16.56
C PRO B 126 12.85 25.92 17.99
N ILE B 127 11.75 26.65 18.14
CA ILE B 127 11.20 27.04 19.44
C ILE B 127 10.65 25.86 20.26
N ALA B 128 9.95 24.90 19.62
CA ALA B 128 9.45 23.72 20.33
C ALA B 128 10.62 22.84 20.81
N SER B 129 11.72 22.81 20.02
CA SER B 129 12.94 22.09 20.37
C SER B 129 13.55 22.72 21.65
N TRP B 130 13.61 24.08 21.69
CA TRP B 130 14.13 24.86 22.82
C TRP B 130 13.32 24.55 24.09
N ARG B 131 11.97 24.64 23.99
CA ARG B 131 11.01 24.40 25.08
C ARG B 131 11.19 23.03 25.72
N HIS B 132 11.39 21.98 24.90
CA HIS B 132 11.60 20.61 25.38
C HIS B 132 12.95 20.50 26.13
N ASN B 133 14.02 21.04 25.53
CA ASN B 133 15.38 21.02 26.09
C ASN B 133 15.47 21.77 27.43
N VAL B 134 14.83 22.96 27.54
CA VAL B 134 14.85 23.76 28.77
C VAL B 134 14.02 23.18 29.91
N THR B 135 12.86 22.57 29.59
CA THR B 135 11.99 21.94 30.59
C THR B 135 12.68 20.71 31.16
N ALA B 136 13.36 19.91 30.30
CA ALA B 136 14.13 18.74 30.70
C ALA B 136 15.31 19.16 31.61
N LYS B 137 15.93 20.32 31.30
CA LYS B 137 17.04 20.88 32.06
C LYS B 137 16.58 21.45 33.42
N LEU B 138 15.35 22.03 33.47
CA LEU B 138 14.73 22.57 34.69
C LEU B 138 14.01 21.45 35.43
N LEU B 147 22.37 26.75 32.73
CA LEU B 147 21.19 26.98 31.90
C LEU B 147 21.23 28.30 31.15
N ASN B 148 22.10 29.26 31.59
CA ASN B 148 22.25 30.61 31.02
C ASN B 148 22.37 30.67 29.49
N ASN B 149 23.23 29.80 28.91
CA ASN B 149 23.47 29.71 27.46
C ASN B 149 22.18 29.39 26.73
N ASP B 150 21.44 28.37 27.21
CA ASP B 150 20.17 27.91 26.65
C ASP B 150 19.11 29.01 26.71
N LEU B 151 19.03 29.74 27.84
CA LEU B 151 18.08 30.83 28.09
C LEU B 151 18.26 32.00 27.12
N LEU B 152 19.54 32.39 26.84
CA LEU B 152 19.88 33.46 25.89
C LEU B 152 19.61 33.01 24.44
N VAL B 153 19.85 31.70 24.13
CA VAL B 153 19.55 31.12 22.81
C VAL B 153 18.04 31.29 22.56
N GLY B 154 17.22 30.98 23.57
CA GLY B 154 15.77 31.14 23.52
C GLY B 154 15.35 32.55 23.17
N ALA B 155 16.00 33.56 23.80
CA ALA B 155 15.77 34.98 23.57
C ALA B 155 15.99 35.41 22.11
N ARG B 156 17.08 34.94 21.47
CA ARG B 156 17.39 35.21 20.06
C ARG B 156 16.35 34.54 19.13
N LEU B 157 15.84 33.33 19.51
CA LEU B 157 14.80 32.62 18.75
C LEU B 157 13.49 33.41 18.79
N LEU B 158 13.05 33.83 20.01
CA LEU B 158 11.81 34.63 20.17
C LEU B 158 11.88 35.97 19.43
N GLU B 159 13.07 36.62 19.42
CA GLU B 159 13.32 37.88 18.71
C GLU B 159 13.17 37.67 17.20
N ARG B 160 13.71 36.54 16.69
CA ARG B 160 13.61 36.15 15.27
C ARG B 160 12.15 35.78 14.93
N ALA B 161 11.44 35.12 15.86
CA ALA B 161 10.03 34.76 15.67
C ALA B 161 9.17 36.02 15.53
N ALA B 162 9.45 37.06 16.36
CA ALA B 162 8.75 38.35 16.38
C ALA B 162 8.77 39.08 15.03
N THR B 163 9.85 38.92 14.23
CA THR B 163 9.99 39.53 12.90
C THR B 163 8.93 38.99 11.90
N GLY B 164 8.34 37.83 12.21
CA GLY B 164 7.30 37.21 11.38
C GLY B 164 5.88 37.28 11.96
N VAL B 165 5.71 38.01 13.08
CA VAL B 165 4.45 38.18 13.80
C VAL B 165 3.91 39.61 13.55
N PRO B 166 2.56 39.83 13.41
CA PRO B 166 2.05 41.19 13.21
C PRO B 166 2.42 42.12 14.38
N ARG B 167 2.78 43.39 14.07
CA ARG B 167 3.20 44.45 15.01
C ARG B 167 2.39 44.47 16.31
N GLU B 168 1.06 44.30 16.20
CA GLU B 168 0.13 44.30 17.32
C GLU B 168 0.27 43.09 18.26
N LEU B 169 0.96 42.00 17.82
CA LEU B 169 1.12 40.80 18.63
C LEU B 169 2.57 40.47 19.07
N ARG B 170 3.57 41.24 18.57
CA ARG B 170 5.00 41.10 18.87
C ARG B 170 5.39 41.14 20.35
N GLU B 171 4.77 42.08 21.12
CA GLU B 171 5.03 42.33 22.54
C GLU B 171 5.22 41.09 23.41
N ALA B 172 4.28 40.13 23.37
CA ALA B 172 4.33 38.87 24.15
C ALA B 172 5.65 38.11 23.96
N LEU B 173 6.20 38.12 22.73
CA LEU B 173 7.45 37.45 22.39
C LEU B 173 8.64 38.29 22.83
N LEU B 174 8.62 39.61 22.53
CA LEU B 174 9.69 40.56 22.90
C LEU B 174 9.91 40.62 24.41
N GLU B 175 8.82 40.70 25.19
CA GLU B 175 8.84 40.74 26.66
C GLU B 175 9.38 39.43 27.26
N ALA B 176 9.01 38.28 26.67
CA ALA B 176 9.46 36.94 27.07
C ALA B 176 10.95 36.81 26.83
N ALA B 177 11.46 37.41 25.73
CA ALA B 177 12.88 37.40 25.37
C ALA B 177 13.69 38.21 26.39
N ALA B 178 13.15 39.39 26.80
CA ALA B 178 13.74 40.30 27.78
C ALA B 178 13.90 39.65 29.16
N ALA B 179 12.90 38.84 29.57
CA ALA B 179 12.92 38.11 30.84
C ALA B 179 14.07 37.09 30.85
N LEU B 180 14.22 36.32 29.74
CA LEU B 180 15.26 35.32 29.55
C LEU B 180 16.66 35.96 29.66
N ARG B 181 16.84 37.14 29.04
CA ARG B 181 18.08 37.91 29.05
C ARG B 181 18.44 38.45 30.44
N ALA B 182 17.42 38.96 31.19
CA ALA B 182 17.54 39.53 32.54
C ALA B 182 18.20 38.55 33.53
N PRO B 183 19.04 39.03 34.48
CA PRO B 183 19.68 38.09 35.42
C PRO B 183 18.75 37.60 36.53
N GLY B 184 19.07 36.44 37.10
CA GLY B 184 18.31 35.83 38.18
C GLY B 184 18.11 34.33 38.05
N ASP B 185 17.11 33.80 38.79
CA ASP B 185 16.72 32.38 38.80
C ASP B 185 16.26 31.91 37.41
N PRO B 186 16.64 30.69 36.95
CA PRO B 186 16.23 30.25 35.61
C PRO B 186 14.72 30.03 35.44
N PHE B 187 14.00 29.70 36.53
CA PHE B 187 12.55 29.47 36.52
C PHE B 187 11.74 30.74 36.27
N THR B 188 12.20 31.88 36.82
CA THR B 188 11.57 33.19 36.65
C THR B 188 11.83 33.67 35.21
N ARG B 189 13.10 33.56 34.77
CA ARG B 189 13.62 33.95 33.47
C ARG B 189 12.90 33.27 32.30
N ALA B 190 12.61 31.96 32.42
CA ALA B 190 11.97 31.15 31.37
C ALA B 190 10.44 31.08 31.43
N GLY B 191 9.85 31.58 32.53
CA GLY B 191 8.42 31.58 32.79
C GLY B 191 7.52 32.02 31.65
N ALA B 192 7.73 33.25 31.16
CA ALA B 192 6.96 33.83 30.05
C ALA B 192 7.18 33.04 28.74
N ALA B 193 8.45 32.66 28.44
CA ALA B 193 8.80 31.90 27.24
C ALA B 193 8.18 30.49 27.20
N LEU B 194 7.92 29.88 28.38
CA LEU B 194 7.31 28.55 28.51
C LEU B 194 5.79 28.60 28.67
N SER B 195 5.21 29.81 28.74
CA SER B 195 3.77 30.03 28.94
C SER B 195 2.93 29.59 27.73
N ALA B 196 1.63 29.33 27.99
CA ALA B 196 0.64 28.95 26.97
C ALA B 196 0.37 30.13 26.04
N GLU B 197 0.48 31.39 26.54
CA GLU B 197 0.29 32.65 25.80
C GLU B 197 1.26 32.75 24.62
N VAL B 198 2.56 32.47 24.86
CA VAL B 198 3.62 32.47 23.86
C VAL B 198 3.44 31.26 22.91
N SER B 199 3.18 30.07 23.49
CA SER B 199 2.94 28.81 22.77
C SER B 199 1.77 28.90 21.77
N ASP B 200 0.65 29.55 22.16
CA ASP B 200 -0.54 29.74 21.30
C ASP B 200 -0.25 30.72 20.16
N LEU B 201 0.49 31.80 20.46
CA LEU B 201 0.85 32.84 19.48
C LEU B 201 1.76 32.23 18.41
N LEU B 202 2.73 31.40 18.82
CA LEU B 202 3.63 30.72 17.90
C LEU B 202 2.93 29.64 17.07
N ALA B 203 1.86 29.01 17.62
CA ALA B 203 1.05 28.02 16.90
C ALA B 203 0.30 28.67 15.72
N GLU B 204 0.13 30.00 15.75
CA GLU B 204 -0.54 30.78 14.69
C GLU B 204 0.48 31.44 13.74
N TYR B 205 1.65 31.88 14.28
CA TYR B 205 2.74 32.51 13.53
C TYR B 205 4.04 31.81 13.92
N PRO B 206 4.36 30.65 13.30
CA PRO B 206 5.54 29.91 13.73
C PRO B 206 6.84 30.33 13.09
N LEU B 207 7.94 30.13 13.84
CA LEU B 207 9.26 30.36 13.30
C LEU B 207 9.59 29.02 12.62
N ARG B 208 9.57 29.01 11.28
CA ARG B 208 9.77 27.81 10.46
C ARG B 208 11.16 27.75 9.86
N GLU B 209 11.85 26.62 10.02
CA GLU B 209 13.18 26.41 9.43
C GLU B 209 13.13 25.30 8.36
N PHE B 210 13.99 25.42 7.32
CA PHE B 210 14.20 24.41 6.28
C PHE B 210 12.91 23.91 5.64
N VAL B 211 12.06 24.86 5.20
CA VAL B 211 10.75 24.60 4.61
C VAL B 211 10.93 23.75 3.37
N THR B 212 10.42 22.52 3.44
CA THR B 212 10.54 21.56 2.35
C THR B 212 9.15 21.35 1.74
N ARG B 213 9.02 21.63 0.46
CA ARG B 213 7.77 21.53 -0.26
C ARG B 213 7.47 20.15 -0.79
N GLY B 214 6.33 19.59 -0.39
CA GLY B 214 5.93 18.25 -0.84
C GLY B 214 5.38 18.25 -2.25
N GLU B 215 5.02 17.07 -2.74
CA GLU B 215 4.39 16.93 -4.06
C GLU B 215 2.90 17.29 -3.91
N GLN B 216 2.33 17.84 -4.97
CA GLN B 216 0.94 18.27 -5.08
C GLN B 216 0.07 17.11 -5.58
N TYR B 217 -1.02 16.78 -4.86
CA TYR B 217 -1.94 15.71 -5.27
C TYR B 217 -3.33 16.25 -5.48
N GLY B 218 -4.06 15.68 -6.44
CA GLY B 218 -5.39 16.14 -6.79
C GLY B 218 -6.55 15.42 -6.13
N VAL B 219 -7.64 16.18 -5.92
CA VAL B 219 -8.89 15.61 -5.41
C VAL B 219 -9.98 16.18 -6.30
N TRP B 220 -10.73 15.33 -7.05
CA TRP B 220 -11.85 15.88 -7.83
C TRP B 220 -13.07 15.97 -6.89
N VAL B 221 -13.66 17.17 -6.79
CA VAL B 221 -14.78 17.39 -5.87
C VAL B 221 -16.11 17.56 -6.62
N ASP B 222 -17.02 16.59 -6.44
CA ASP B 222 -18.33 16.64 -7.10
C ASP B 222 -19.40 17.20 -6.18
N ARG B 223 -20.60 17.46 -6.72
CA ARG B 223 -21.77 17.90 -5.96
C ARG B 223 -22.17 16.80 -4.95
N PRO B 224 -22.90 17.12 -3.85
CA PRO B 224 -23.19 16.09 -2.83
C PRO B 224 -23.89 14.82 -3.28
N GLU B 225 -24.71 14.90 -4.33
CA GLU B 225 -25.49 13.77 -4.86
C GLU B 225 -24.58 12.67 -5.40
N ALA B 226 -23.33 13.01 -5.74
CA ALA B 226 -22.32 12.03 -6.21
C ALA B 226 -22.12 10.93 -5.14
N ARG B 227 -22.19 11.33 -3.87
CA ARG B 227 -22.02 10.39 -2.76
C ARG B 227 -23.37 10.01 -2.11
N PHE B 228 -24.20 11.02 -1.80
CA PHE B 228 -25.44 10.87 -1.05
C PHE B 228 -26.68 11.13 -1.92
N SER B 229 -27.30 10.03 -2.36
CA SER B 229 -28.50 10.09 -3.19
C SER B 229 -29.31 8.80 -3.04
N SER B 230 -30.64 8.91 -3.19
CA SER B 230 -31.55 7.74 -3.08
C SER B 230 -32.24 7.58 -4.42
N TRP B 231 -32.03 6.40 -5.06
CA TRP B 231 -32.45 6.10 -6.41
C TRP B 231 -33.65 5.17 -6.47
N TYR B 232 -34.57 5.48 -7.37
CA TYR B 232 -35.73 4.65 -7.59
C TYR B 232 -35.80 4.37 -9.09
N GLU B 233 -35.71 3.08 -9.47
CA GLU B 233 -35.75 2.73 -10.88
C GLU B 233 -37.18 2.36 -11.32
N MET B 234 -37.64 2.98 -12.43
CA MET B 234 -38.97 2.68 -12.98
C MET B 234 -39.03 2.76 -14.50
N PHE B 235 -39.84 1.88 -15.12
CA PHE B 235 -40.03 1.87 -16.57
C PHE B 235 -41.23 2.79 -16.91
N PRO B 236 -41.03 3.91 -17.66
CA PRO B 236 -42.17 4.77 -18.06
C PRO B 236 -43.33 4.05 -18.74
N ARG B 237 -43.04 3.03 -19.61
CA ARG B 237 -44.09 2.27 -20.30
C ARG B 237 -45.03 1.51 -19.36
N SER B 238 -44.58 1.24 -18.12
CA SER B 238 -45.37 0.51 -17.12
C SER B 238 -46.23 1.45 -16.26
N THR B 239 -46.31 2.74 -16.61
CA THR B 239 -47.09 3.70 -15.79
C THR B 239 -48.49 3.98 -16.40
N GLY B 240 -48.86 3.22 -17.43
CA GLY B 240 -50.13 3.41 -18.15
C GLY B 240 -51.37 2.75 -17.58
N GLY B 241 -51.20 1.97 -16.53
CA GLY B 241 -52.30 1.24 -15.89
C GLY B 241 -52.89 0.14 -16.76
N TRP B 242 -54.22 -0.07 -16.63
CA TRP B 242 -54.91 -1.14 -17.35
C TRP B 242 -56.25 -0.63 -17.95
N ASP B 243 -56.78 -1.38 -18.91
CA ASP B 243 -58.11 -1.07 -19.46
C ASP B 243 -59.14 -1.87 -18.60
N ALA B 244 -60.45 -1.77 -18.92
CA ALA B 244 -61.54 -2.42 -18.19
C ALA B 244 -61.47 -3.95 -18.17
N GLU B 245 -60.72 -4.55 -19.12
CA GLU B 245 -60.56 -6.01 -19.19
C GLU B 245 -59.31 -6.51 -18.43
N GLY B 246 -58.57 -5.61 -17.81
CA GLY B 246 -57.35 -5.96 -17.07
C GLY B 246 -56.16 -6.15 -17.99
N ARG B 247 -56.18 -5.53 -19.17
CA ARG B 247 -55.08 -5.59 -20.11
C ARG B 247 -54.21 -4.37 -19.90
N PRO B 248 -52.89 -4.57 -19.69
CA PRO B 248 -51.99 -3.41 -19.52
C PRO B 248 -52.02 -2.44 -20.71
N VAL B 249 -52.01 -1.16 -20.41
CA VAL B 249 -52.00 -0.12 -21.44
C VAL B 249 -50.57 0.53 -21.39
N HIS B 250 -49.89 0.68 -22.56
CA HIS B 250 -48.54 1.29 -22.66
C HIS B 250 -48.57 2.72 -22.10
N GLY B 251 -47.70 2.99 -21.13
CA GLY B 251 -47.58 4.32 -20.53
C GLY B 251 -46.96 5.33 -21.45
N THR B 252 -47.01 6.63 -21.06
CA THR B 252 -46.43 7.74 -21.83
C THR B 252 -45.62 8.59 -20.86
N PHE B 253 -44.88 9.63 -21.36
CA PHE B 253 -44.18 10.54 -20.45
C PHE B 253 -45.17 11.28 -19.55
N ALA B 254 -46.42 11.48 -20.01
CA ALA B 254 -47.50 12.12 -19.23
C ALA B 254 -47.93 11.20 -18.05
N THR B 255 -48.13 9.89 -18.31
CA THR B 255 -48.51 8.97 -17.21
C THR B 255 -47.31 8.76 -16.26
N ALA B 256 -46.09 8.70 -16.81
CA ALA B 256 -44.85 8.54 -16.03
C ALA B 256 -44.69 9.71 -15.08
N ALA B 257 -45.00 10.94 -15.54
CA ALA B 257 -44.94 12.12 -14.67
C ALA B 257 -45.90 12.00 -13.48
N GLU B 258 -47.08 11.36 -13.67
CA GLU B 258 -48.09 11.16 -12.61
C GLU B 258 -47.67 10.10 -11.60
N ALA B 259 -46.72 9.22 -11.98
CA ALA B 259 -46.16 8.20 -11.10
C ALA B 259 -45.02 8.76 -10.20
N LEU B 260 -44.59 10.03 -10.42
CA LEU B 260 -43.48 10.68 -9.68
C LEU B 260 -43.78 11.19 -8.28
N PRO B 261 -44.98 11.78 -7.99
CA PRO B 261 -45.24 12.24 -6.60
C PRO B 261 -45.04 11.18 -5.51
N ARG B 262 -45.50 9.92 -5.71
CA ARG B 262 -45.27 8.89 -4.66
C ARG B 262 -43.78 8.56 -4.44
N ILE B 263 -42.97 8.62 -5.51
CA ILE B 263 -41.52 8.34 -5.44
C ILE B 263 -40.86 9.47 -4.64
N ALA B 264 -41.27 10.74 -4.87
CA ALA B 264 -40.73 11.87 -4.13
C ALA B 264 -41.18 11.78 -2.68
N ARG B 265 -42.42 11.31 -2.43
CA ARG B 265 -42.93 11.18 -1.07
C ARG B 265 -42.17 10.12 -0.28
N MET B 266 -41.67 9.06 -0.98
CA MET B 266 -40.85 8.03 -0.34
C MET B 266 -39.44 8.56 -0.01
N GLY B 267 -39.09 9.75 -0.46
CA GLY B 267 -37.78 10.34 -0.13
C GLY B 267 -36.66 10.03 -1.10
N PHE B 268 -36.99 9.48 -2.30
CA PHE B 268 -35.97 9.24 -3.31
C PHE B 268 -35.68 10.58 -4.04
N ASP B 269 -34.43 10.84 -4.47
CA ASP B 269 -34.14 12.10 -5.18
C ASP B 269 -33.67 11.87 -6.62
N VAL B 270 -33.45 10.61 -7.00
CA VAL B 270 -33.06 10.30 -8.37
C VAL B 270 -34.05 9.28 -8.92
N VAL B 271 -34.63 9.59 -10.09
CA VAL B 271 -35.49 8.64 -10.80
C VAL B 271 -34.70 8.08 -11.98
N TYR B 272 -34.42 6.77 -11.93
CA TYR B 272 -33.65 6.12 -12.96
C TYR B 272 -34.54 5.37 -13.95
N LEU B 273 -34.40 5.74 -15.24
CA LEU B 273 -35.18 5.13 -16.29
C LEU B 273 -34.36 4.24 -17.19
N PRO B 274 -34.82 3.00 -17.45
CA PRO B 274 -34.23 2.19 -18.55
C PRO B 274 -34.34 2.97 -19.88
N PRO B 275 -33.66 2.54 -20.96
CA PRO B 275 -33.66 3.35 -22.22
C PRO B 275 -35.05 3.74 -22.73
N ILE B 276 -35.21 5.01 -23.11
CA ILE B 276 -36.50 5.60 -23.54
C ILE B 276 -36.62 5.81 -25.08
N HIS B 277 -35.76 5.15 -25.85
CA HIS B 277 -35.68 5.35 -27.30
C HIS B 277 -36.57 4.33 -28.03
N PRO B 278 -36.72 4.41 -29.38
CA PRO B 278 -37.49 3.37 -30.09
C PRO B 278 -36.77 2.04 -29.92
N ILE B 279 -37.52 0.95 -29.93
CA ILE B 279 -37.01 -0.41 -29.70
C ILE B 279 -36.98 -1.18 -31.01
N GLY B 280 -35.88 -1.87 -31.27
CA GLY B 280 -35.71 -2.66 -32.48
C GLY B 280 -36.87 -3.58 -32.82
N LYS B 281 -37.21 -3.65 -34.11
CA LYS B 281 -38.30 -4.50 -34.59
C LYS B 281 -37.77 -5.83 -35.09
N VAL B 282 -36.46 -5.86 -35.45
CA VAL B 282 -35.77 -7.06 -35.95
C VAL B 282 -35.18 -7.82 -34.78
N HIS B 283 -35.44 -9.15 -34.70
CA HIS B 283 -34.94 -10.05 -33.64
C HIS B 283 -35.42 -9.60 -32.24
N ARG B 284 -36.60 -8.95 -32.17
CA ARG B 284 -37.19 -8.50 -30.91
C ARG B 284 -37.44 -9.66 -29.97
N LYS B 285 -37.07 -9.50 -28.68
CA LYS B 285 -37.31 -10.56 -27.70
C LYS B 285 -38.76 -10.55 -27.23
N GLY B 286 -39.32 -11.73 -26.99
CA GLY B 286 -40.67 -11.88 -26.47
C GLY B 286 -40.66 -11.97 -24.94
N ARG B 287 -41.83 -12.26 -24.36
CA ARG B 287 -42.03 -12.39 -22.92
C ARG B 287 -41.10 -13.39 -22.28
N ASN B 288 -40.67 -13.13 -21.02
CA ASN B 288 -39.78 -14.05 -20.30
C ASN B 288 -38.49 -14.43 -21.05
N ASN B 289 -37.86 -13.44 -21.71
CA ASN B 289 -36.61 -13.58 -22.46
C ASN B 289 -36.68 -14.58 -23.64
N SER B 290 -37.86 -14.69 -24.25
CA SER B 290 -38.05 -15.56 -25.41
C SER B 290 -37.36 -14.94 -26.64
N VAL B 291 -36.61 -15.76 -27.41
CA VAL B 291 -35.91 -15.31 -28.63
C VAL B 291 -36.84 -14.79 -29.74
N THR B 292 -38.12 -15.21 -29.75
CA THR B 292 -39.11 -14.75 -30.74
C THR B 292 -40.25 -13.95 -30.09
N ALA B 293 -40.48 -12.74 -30.61
CA ALA B 293 -41.57 -11.90 -30.12
C ALA B 293 -42.87 -12.27 -30.83
N ALA B 294 -43.99 -12.14 -30.12
CA ALA B 294 -45.32 -12.37 -30.65
C ALA B 294 -45.92 -10.99 -30.98
N PRO B 295 -46.91 -10.85 -31.91
CA PRO B 295 -47.46 -9.51 -32.17
C PRO B 295 -47.95 -8.81 -30.90
N GLY B 296 -47.63 -7.53 -30.78
CA GLY B 296 -47.96 -6.75 -29.59
C GLY B 296 -46.88 -6.76 -28.53
N ASP B 297 -45.90 -7.73 -28.59
CA ASP B 297 -44.78 -7.80 -27.62
C ASP B 297 -43.93 -6.51 -27.72
N VAL B 298 -43.64 -5.90 -26.57
CA VAL B 298 -42.94 -4.62 -26.49
C VAL B 298 -41.42 -4.67 -26.66
N GLY B 299 -40.84 -5.83 -26.40
CA GLY B 299 -39.40 -6.02 -26.49
C GLY B 299 -38.63 -5.36 -25.37
N SER B 300 -37.29 -5.53 -25.39
CA SER B 300 -36.40 -4.95 -24.38
C SER B 300 -36.06 -3.51 -24.70
N PRO B 301 -36.23 -2.57 -23.74
CA PRO B 301 -35.80 -1.18 -23.97
C PRO B 301 -34.31 -1.04 -24.32
N TRP B 302 -33.48 -2.04 -23.96
CA TRP B 302 -32.03 -2.02 -24.25
C TRP B 302 -31.71 -2.40 -25.71
N ALA B 303 -32.72 -2.81 -26.51
CA ALA B 303 -32.51 -3.11 -27.95
C ALA B 303 -32.80 -1.79 -28.67
N ILE B 304 -31.84 -0.86 -28.59
CA ILE B 304 -32.01 0.51 -29.04
C ILE B 304 -31.98 0.67 -30.55
N GLY B 305 -32.99 1.39 -31.05
CA GLY B 305 -33.09 1.82 -32.44
C GLY B 305 -33.98 1.05 -33.38
N SER B 306 -34.61 1.76 -34.30
CA SER B 306 -35.46 1.20 -35.37
C SER B 306 -35.57 2.28 -36.45
N ASP B 307 -36.46 2.08 -37.47
CA ASP B 307 -36.69 3.11 -38.50
C ASP B 307 -37.24 4.40 -37.93
N GLU B 308 -37.75 4.38 -36.69
CA GLU B 308 -38.29 5.58 -36.00
C GLU B 308 -37.20 6.46 -35.34
N GLY B 309 -35.97 5.93 -35.25
CA GLY B 309 -34.86 6.67 -34.65
C GLY B 309 -33.93 5.84 -33.78
N GLY B 310 -32.84 6.48 -33.35
CA GLY B 310 -31.80 5.87 -32.53
C GLY B 310 -31.72 6.40 -31.11
N HIS B 311 -30.47 6.61 -30.59
CA HIS B 311 -30.18 7.07 -29.22
C HIS B 311 -30.58 8.53 -28.96
N ASP B 312 -30.83 9.31 -30.00
CA ASP B 312 -31.23 10.72 -29.80
C ASP B 312 -32.75 10.90 -30.04
N ALA B 313 -33.47 9.78 -30.13
CA ALA B 313 -34.93 9.78 -30.34
C ALA B 313 -35.66 9.21 -29.11
N VAL B 314 -36.96 9.53 -28.97
CA VAL B 314 -37.84 8.99 -27.92
C VAL B 314 -38.76 7.91 -28.54
N HIS B 315 -39.12 6.87 -27.77
CA HIS B 315 -40.01 5.81 -28.24
C HIS B 315 -41.36 6.45 -28.64
N PRO B 316 -41.88 6.18 -29.87
CA PRO B 316 -43.15 6.82 -30.30
C PRO B 316 -44.33 6.64 -29.38
N GLN B 317 -44.45 5.46 -28.74
CA GLN B 317 -45.52 5.19 -27.77
C GLN B 317 -45.37 5.98 -26.46
N LEU B 318 -44.15 6.51 -26.15
CA LEU B 318 -43.98 7.33 -24.95
C LEU B 318 -44.37 8.78 -25.17
N GLY B 319 -44.22 9.24 -26.40
CA GLY B 319 -44.55 10.62 -26.75
C GLY B 319 -43.47 11.25 -27.61
N THR B 320 -43.33 12.58 -27.51
CA THR B 320 -42.32 13.33 -28.26
C THR B 320 -41.22 13.81 -27.31
N ILE B 321 -40.14 14.38 -27.88
CA ILE B 321 -39.05 14.97 -27.10
C ILE B 321 -39.59 16.12 -26.23
N GLU B 322 -40.66 16.81 -26.70
CA GLU B 322 -41.33 17.88 -25.93
C GLU B 322 -42.03 17.26 -24.71
N ASP B 323 -42.62 16.05 -24.85
CA ASP B 323 -43.28 15.34 -23.72
C ASP B 323 -42.24 14.94 -22.65
N PHE B 324 -41.03 14.54 -23.11
CA PHE B 324 -39.90 14.22 -22.23
C PHE B 324 -39.48 15.46 -21.46
N ASP B 325 -39.38 16.63 -22.13
CA ASP B 325 -39.01 17.90 -21.47
C ASP B 325 -39.98 18.25 -20.36
N GLU B 326 -41.28 17.96 -20.58
CA GLU B 326 -42.33 18.22 -19.58
CA GLU B 326 -42.31 18.23 -19.57
C GLU B 326 -42.20 17.23 -18.41
N PHE B 327 -41.77 15.99 -18.71
CA PHE B 327 -41.56 14.99 -17.65
C PHE B 327 -40.39 15.45 -16.73
N VAL B 328 -39.31 15.97 -17.34
CA VAL B 328 -38.12 16.46 -16.61
C VAL B 328 -38.51 17.66 -15.72
N ALA B 329 -39.33 18.58 -16.25
CA ALA B 329 -39.79 19.74 -15.48
C ALA B 329 -40.63 19.31 -14.29
N SER B 330 -41.53 18.30 -14.48
CA SER B 330 -42.36 17.72 -13.41
C SER B 330 -41.47 17.10 -12.34
N ALA B 331 -40.42 16.32 -12.77
CA ALA B 331 -39.49 15.72 -11.81
C ALA B 331 -38.79 16.78 -10.98
N ARG B 332 -38.31 17.86 -11.63
CA ARG B 332 -37.62 18.98 -10.96
C ARG B 332 -38.52 19.70 -9.95
N ASP B 333 -39.83 19.90 -10.29
CA ASP B 333 -40.80 20.55 -9.39
C ASP B 333 -41.04 19.73 -8.13
N LEU B 334 -40.83 18.40 -8.21
CA LEU B 334 -40.97 17.48 -7.08
C LEU B 334 -39.65 17.23 -6.33
N GLY B 335 -38.58 17.92 -6.75
CA GLY B 335 -37.26 17.80 -6.14
C GLY B 335 -36.52 16.54 -6.54
N LEU B 336 -36.84 15.99 -7.71
CA LEU B 336 -36.24 14.77 -8.25
C LEU B 336 -35.39 15.13 -9.47
N GLU B 337 -34.36 14.35 -9.72
CA GLU B 337 -33.62 14.54 -10.95
C GLU B 337 -33.62 13.24 -11.70
N VAL B 338 -33.57 13.32 -13.02
CA VAL B 338 -33.67 12.16 -13.89
C VAL B 338 -32.31 11.58 -14.22
N ALA B 339 -32.18 10.23 -14.14
CA ALA B 339 -30.98 9.52 -14.56
C ALA B 339 -31.43 8.67 -15.77
N LEU B 340 -30.71 8.79 -16.91
CA LEU B 340 -31.05 8.02 -18.07
C LEU B 340 -30.02 6.92 -18.24
N ASP B 341 -30.46 5.80 -18.79
CA ASP B 341 -29.62 4.67 -19.09
C ASP B 341 -28.86 4.95 -20.40
N LEU B 342 -27.53 4.78 -20.37
CA LEU B 342 -26.65 4.97 -21.53
C LEU B 342 -26.15 3.60 -21.94
N ALA B 343 -26.76 3.04 -23.00
CA ALA B 343 -26.50 1.70 -23.49
C ALA B 343 -25.87 1.79 -24.86
N LEU B 344 -24.55 1.55 -24.94
CA LEU B 344 -23.81 1.65 -26.20
C LEU B 344 -23.81 0.36 -26.98
N GLN B 345 -24.91 0.15 -27.72
CA GLN B 345 -25.20 -1.04 -28.51
C GLN B 345 -26.38 -0.67 -29.43
N CYS B 346 -26.71 -1.55 -30.39
CA CYS B 346 -27.72 -1.30 -31.42
C CYS B 346 -28.58 -2.48 -31.70
N ALA B 347 -29.87 -2.22 -31.93
CA ALA B 347 -30.75 -3.25 -32.45
C ALA B 347 -30.33 -3.41 -33.96
N PRO B 348 -30.56 -4.57 -34.65
CA PRO B 348 -30.17 -4.66 -36.08
C PRO B 348 -30.78 -3.59 -36.99
N ASP B 349 -31.93 -3.01 -36.60
CA ASP B 349 -32.61 -1.96 -37.37
C ASP B 349 -32.30 -0.54 -36.93
N HIS B 350 -31.32 -0.36 -35.99
CA HIS B 350 -30.91 0.99 -35.54
C HIS B 350 -30.37 1.76 -36.78
N PRO B 351 -30.61 3.07 -36.94
CA PRO B 351 -30.01 3.79 -38.10
C PRO B 351 -28.49 3.62 -38.30
N TRP B 352 -27.69 3.48 -37.21
CA TRP B 352 -26.22 3.31 -37.29
C TRP B 352 -25.83 2.01 -38.01
N ALA B 353 -26.65 0.95 -37.88
CA ALA B 353 -26.42 -0.36 -38.50
C ALA B 353 -26.41 -0.32 -40.04
N ARG B 354 -27.03 0.71 -40.65
CA ARG B 354 -27.06 0.90 -42.11
C ARG B 354 -26.10 2.03 -42.55
N GLU B 355 -26.11 3.15 -41.81
CA GLU B 355 -25.30 4.33 -42.09
C GLU B 355 -23.81 4.18 -41.74
N HIS B 356 -23.48 3.27 -40.78
CA HIS B 356 -22.10 3.10 -40.28
C HIS B 356 -21.70 1.64 -40.05
N PRO B 357 -21.51 0.82 -41.11
CA PRO B 357 -21.07 -0.58 -40.89
C PRO B 357 -19.68 -0.72 -40.27
N GLU B 358 -18.85 0.33 -40.34
CA GLU B 358 -17.50 0.35 -39.76
C GLU B 358 -17.53 0.30 -38.21
N TRP B 359 -18.67 0.67 -37.59
CA TRP B 359 -18.79 0.65 -36.13
C TRP B 359 -19.15 -0.74 -35.57
N PHE B 360 -19.00 -1.79 -36.39
CA PHE B 360 -19.34 -3.16 -35.99
C PHE B 360 -18.26 -4.14 -36.44
N THR B 361 -18.18 -5.30 -35.77
CA THR B 361 -17.24 -6.34 -36.15
C THR B 361 -17.97 -7.23 -37.16
N VAL B 362 -17.57 -7.11 -38.43
CA VAL B 362 -18.17 -7.89 -39.51
C VAL B 362 -17.34 -9.15 -39.67
N LEU B 363 -17.98 -10.31 -39.59
CA LEU B 363 -17.30 -11.60 -39.70
C LEU B 363 -16.93 -11.93 -41.17
N PRO B 364 -16.06 -12.93 -41.47
CA PRO B 364 -15.69 -13.21 -42.88
C PRO B 364 -16.87 -13.43 -43.84
N ASP B 365 -17.97 -14.06 -43.37
CA ASP B 365 -19.19 -14.29 -44.19
C ASP B 365 -20.11 -13.08 -44.36
N GLY B 366 -19.72 -11.93 -43.83
CA GLY B 366 -20.50 -10.70 -43.93
C GLY B 366 -21.46 -10.42 -42.77
N SER B 367 -21.66 -11.40 -41.88
CA SER B 367 -22.56 -11.21 -40.74
C SER B 367 -21.88 -10.53 -39.53
N ILE B 368 -22.71 -10.09 -38.56
CA ILE B 368 -22.26 -9.46 -37.31
C ILE B 368 -22.79 -10.36 -36.19
N ALA B 369 -21.91 -10.81 -35.26
CA ALA B 369 -22.34 -11.66 -34.14
C ALA B 369 -23.13 -10.85 -33.11
N TYR B 370 -24.20 -11.44 -32.53
CA TYR B 370 -24.99 -10.76 -31.53
C TYR B 370 -24.15 -10.53 -30.25
N ALA B 371 -24.49 -9.48 -29.47
CA ALA B 371 -23.75 -9.12 -28.25
C ALA B 371 -23.83 -10.19 -27.19
N GLU B 372 -22.72 -10.36 -26.44
CA GLU B 372 -22.58 -11.34 -25.37
C GLU B 372 -21.88 -10.76 -24.14
N ASN B 373 -22.17 -11.37 -22.99
CA ASN B 373 -21.59 -11.12 -21.67
C ASN B 373 -21.70 -12.50 -20.99
N PRO B 374 -20.84 -13.49 -21.40
CA PRO B 374 -20.98 -14.87 -20.86
C PRO B 374 -21.23 -15.02 -19.36
N PRO B 375 -22.25 -15.82 -18.95
CA PRO B 375 -23.11 -16.69 -19.79
C PRO B 375 -24.34 -16.02 -20.45
N LYS B 376 -24.52 -14.70 -20.28
CA LYS B 376 -25.67 -13.97 -20.85
C LYS B 376 -25.56 -13.74 -22.36
N LYS B 377 -26.66 -14.02 -23.10
CA LYS B 377 -26.77 -13.85 -24.54
C LYS B 377 -27.78 -12.74 -24.87
N TYR B 378 -27.40 -11.84 -25.80
CA TYR B 378 -28.27 -10.74 -26.19
C TYR B 378 -28.53 -10.80 -27.69
N GLN B 379 -29.38 -11.74 -28.11
CA GLN B 379 -29.76 -12.01 -29.51
C GLN B 379 -30.42 -10.82 -30.24
N ASP B 380 -31.00 -9.88 -29.48
CA ASP B 380 -31.68 -8.71 -30.02
C ASP B 380 -30.76 -7.51 -30.32
N ILE B 381 -29.43 -7.63 -30.10
CA ILE B 381 -28.52 -6.47 -30.29
C ILE B 381 -27.16 -6.77 -30.88
N TYR B 382 -26.55 -5.74 -31.47
CA TYR B 382 -25.18 -5.80 -31.95
C TYR B 382 -24.29 -5.03 -30.99
N PRO B 383 -23.10 -5.57 -30.62
CA PRO B 383 -22.16 -4.73 -29.87
C PRO B 383 -21.44 -3.76 -30.81
N LEU B 384 -21.01 -2.60 -30.32
CA LEU B 384 -20.27 -1.63 -31.14
C LEU B 384 -18.76 -1.96 -31.16
N ASN B 385 -18.05 -1.51 -32.22
CA ASN B 385 -16.60 -1.69 -32.36
C ASN B 385 -16.02 -0.28 -32.28
N PHE B 386 -15.17 -0.03 -31.29
CA PHE B 386 -14.58 1.30 -31.05
C PHE B 386 -13.19 1.44 -31.68
N ASP B 387 -12.65 0.34 -32.22
CA ASP B 387 -11.31 0.30 -32.80
C ASP B 387 -11.18 0.60 -34.30
N ASN B 388 -12.23 0.30 -35.10
CA ASN B 388 -12.23 0.53 -36.54
C ASN B 388 -12.20 2.01 -36.92
N ASP B 389 -13.09 2.81 -36.34
CA ASP B 389 -13.19 4.23 -36.63
C ASP B 389 -13.37 4.94 -35.29
N PRO B 390 -12.26 5.12 -34.52
CA PRO B 390 -12.38 5.75 -33.20
C PRO B 390 -12.96 7.15 -33.25
N ALA B 391 -12.43 8.05 -34.12
CA ALA B 391 -12.87 9.45 -34.21
C ALA B 391 -14.37 9.64 -34.50
N GLY B 392 -14.92 8.81 -35.38
CA GLY B 392 -16.33 8.84 -35.75
C GLY B 392 -17.26 8.44 -34.60
N ILE B 393 -17.04 7.25 -34.04
CA ILE B 393 -17.84 6.72 -32.94
C ILE B 393 -17.69 7.57 -31.64
N TYR B 394 -16.45 8.05 -31.31
CA TYR B 394 -16.26 8.89 -30.11
C TYR B 394 -17.12 10.15 -30.22
N GLN B 395 -17.06 10.83 -31.37
CA GLN B 395 -17.81 12.07 -31.63
C GLN B 395 -19.31 11.81 -31.64
N GLU B 396 -19.72 10.66 -32.16
CA GLU B 396 -21.14 10.34 -32.23
C GLU B 396 -21.75 10.09 -30.81
N VAL B 397 -21.06 9.30 -29.95
CA VAL B 397 -21.51 9.08 -28.55
C VAL B 397 -21.51 10.40 -27.78
N LEU B 398 -20.45 11.24 -27.97
CA LEU B 398 -20.39 12.55 -27.33
C LEU B 398 -21.63 13.40 -27.72
N ARG B 399 -22.02 13.33 -29.01
CA ARG B 399 -23.18 14.05 -29.54
C ARG B 399 -24.46 13.60 -28.83
N VAL B 400 -24.63 12.28 -28.65
CA VAL B 400 -25.81 11.68 -27.98
C VAL B 400 -25.91 12.14 -26.51
N VAL B 401 -24.79 12.07 -25.76
CA VAL B 401 -24.75 12.48 -24.36
C VAL B 401 -25.04 13.97 -24.22
N ARG B 402 -24.38 14.82 -25.04
CA ARG B 402 -24.60 16.29 -25.07
C ARG B 402 -26.08 16.59 -25.33
N PHE B 403 -26.70 15.85 -26.25
CA PHE B 403 -28.13 16.00 -26.57
C PHE B 403 -28.99 15.81 -25.30
N TRP B 404 -28.79 14.70 -24.56
CA TRP B 404 -29.57 14.43 -23.34
C TRP B 404 -29.30 15.44 -22.23
N ILE B 405 -28.05 15.94 -22.13
CA ILE B 405 -27.72 16.99 -21.15
C ILE B 405 -28.51 18.26 -21.44
N SER B 406 -28.63 18.63 -22.73
CA SER B 406 -29.37 19.82 -23.17
C SER B 406 -30.87 19.66 -22.87
N HIS B 407 -31.34 18.40 -22.71
CA HIS B 407 -32.72 18.13 -22.32
C HIS B 407 -32.90 17.92 -20.77
N GLY B 408 -31.94 18.43 -19.98
CA GLY B 408 -31.99 18.44 -18.52
C GLY B 408 -31.58 17.20 -17.75
N VAL B 409 -30.87 16.27 -18.41
CA VAL B 409 -30.36 15.05 -17.77
C VAL B 409 -28.88 15.25 -17.33
N ASN B 410 -28.65 15.22 -16.00
CA ASN B 410 -27.30 15.40 -15.43
C ASN B 410 -26.76 14.13 -14.79
N ILE B 411 -27.39 12.99 -15.03
CA ILE B 411 -26.94 11.71 -14.46
C ILE B 411 -27.16 10.65 -15.52
N PHE B 412 -26.16 9.80 -15.73
CA PHE B 412 -26.25 8.69 -16.64
C PHE B 412 -25.89 7.39 -15.95
N ARG B 413 -26.73 6.36 -16.09
CA ARG B 413 -26.43 5.04 -15.56
C ARG B 413 -25.87 4.31 -16.79
N VAL B 414 -24.58 3.95 -16.76
CA VAL B 414 -23.89 3.37 -17.91
C VAL B 414 -23.84 1.82 -17.87
N ASP B 415 -24.39 1.13 -18.91
CA ASP B 415 -24.42 -0.34 -18.94
C ASP B 415 -23.04 -0.91 -19.16
N ASN B 416 -22.72 -2.02 -18.46
CA ASN B 416 -21.50 -2.83 -18.59
C ASN B 416 -20.30 -2.03 -19.14
N PRO B 417 -19.79 -0.98 -18.43
CA PRO B 417 -18.65 -0.22 -18.98
C PRO B 417 -17.39 -1.06 -19.25
N HIS B 418 -17.26 -2.21 -18.56
CA HIS B 418 -16.13 -3.13 -18.71
C HIS B 418 -16.12 -3.89 -20.05
N THR B 419 -17.15 -3.69 -20.91
CA THR B 419 -17.18 -4.33 -22.23
C THR B 419 -16.74 -3.34 -23.32
N LYS B 420 -16.60 -2.04 -22.97
CA LYS B 420 -16.14 -1.01 -23.90
C LYS B 420 -14.68 -0.58 -23.54
N PRO B 421 -13.87 -0.04 -24.50
CA PRO B 421 -12.48 0.34 -24.15
C PRO B 421 -12.37 1.30 -22.98
N PRO B 422 -11.47 1.01 -22.01
CA PRO B 422 -11.35 1.88 -20.82
C PRO B 422 -10.97 3.32 -21.13
N ASN B 423 -10.13 3.52 -22.18
CA ASN B 423 -9.76 4.88 -22.59
C ASN B 423 -10.90 5.68 -23.21
N PHE B 424 -11.91 4.99 -23.76
CA PHE B 424 -13.08 5.70 -24.30
C PHE B 424 -13.82 6.40 -23.14
N TRP B 425 -14.07 5.67 -22.04
CA TRP B 425 -14.78 6.22 -20.87
C TRP B 425 -14.10 7.44 -20.29
N ALA B 426 -12.74 7.36 -20.15
CA ALA B 426 -11.94 8.49 -19.65
C ALA B 426 -12.10 9.70 -20.58
N TRP B 427 -12.03 9.47 -21.92
CA TRP B 427 -12.21 10.57 -22.90
C TRP B 427 -13.60 11.17 -22.79
N LEU B 428 -14.63 10.31 -22.81
CA LEU B 428 -16.03 10.75 -22.74
C LEU B 428 -16.31 11.53 -21.47
N ILE B 429 -15.94 10.96 -20.30
CA ILE B 429 -16.20 11.65 -19.02
C ILE B 429 -15.50 12.98 -18.95
N GLY B 430 -14.25 13.02 -19.45
CA GLY B 430 -13.44 14.25 -19.51
C GLY B 430 -14.08 15.33 -20.34
N GLN B 431 -14.51 14.99 -21.58
CA GLN B 431 -15.18 15.96 -22.47
C GLN B 431 -16.44 16.50 -21.84
N ILE B 432 -17.25 15.60 -21.26
CA ILE B 432 -18.51 16.01 -20.64
C ILE B 432 -18.31 16.90 -19.40
N LYS B 433 -17.46 16.47 -18.47
CA LYS B 433 -17.19 17.24 -17.24
C LYS B 433 -16.56 18.59 -17.45
N ASN B 434 -15.80 18.76 -18.57
CA ASN B 434 -15.25 20.09 -18.92
C ASN B 434 -16.32 21.04 -19.43
N GLU B 435 -17.43 20.51 -20.01
CA GLU B 435 -18.55 21.36 -20.44
C GLU B 435 -19.54 21.52 -19.30
N ASN B 436 -19.80 20.44 -18.52
CA ASN B 436 -20.73 20.54 -17.38
C ASN B 436 -20.22 19.68 -16.23
N PRO B 437 -19.54 20.29 -15.24
CA PRO B 437 -18.94 19.49 -14.15
C PRO B 437 -19.93 18.76 -13.21
N ASP B 438 -21.22 19.09 -13.32
CA ASP B 438 -22.28 18.49 -12.48
C ASP B 438 -22.89 17.22 -13.07
N VAL B 439 -22.42 16.78 -14.24
CA VAL B 439 -22.90 15.54 -14.87
C VAL B 439 -22.21 14.38 -14.17
N LEU B 440 -23.02 13.39 -13.73
CA LEU B 440 -22.54 12.24 -12.99
C LEU B 440 -22.77 10.94 -13.77
N PHE B 441 -21.93 9.96 -13.54
CA PHE B 441 -21.99 8.69 -14.25
C PHE B 441 -21.96 7.55 -13.26
N LEU B 442 -22.89 6.63 -13.36
CA LEU B 442 -22.92 5.44 -12.50
C LEU B 442 -22.51 4.27 -13.36
N SER B 443 -21.48 3.53 -12.92
CA SER B 443 -20.92 2.38 -13.61
C SER B 443 -21.63 1.08 -13.24
N GLU B 444 -22.29 0.43 -14.20
CA GLU B 444 -22.90 -0.88 -13.94
C GLU B 444 -21.93 -1.97 -14.39
N ALA B 445 -20.84 -2.10 -13.63
CA ALA B 445 -19.82 -3.09 -13.96
C ALA B 445 -19.75 -4.19 -12.93
N PHE B 446 -20.53 -5.27 -13.15
CA PHE B 446 -20.50 -6.43 -12.26
C PHE B 446 -19.36 -7.26 -12.81
N THR B 447 -18.14 -6.89 -12.41
CA THR B 447 -16.92 -7.52 -12.94
C THR B 447 -15.90 -7.76 -11.81
N ARG B 448 -14.72 -8.32 -12.16
CA ARG B 448 -13.61 -8.62 -11.24
C ARG B 448 -13.14 -7.31 -10.57
N PRO B 449 -12.61 -7.36 -9.32
CA PRO B 449 -12.20 -6.10 -8.62
C PRO B 449 -11.27 -5.15 -9.37
N ALA B 450 -10.23 -5.67 -10.07
CA ALA B 450 -9.33 -4.76 -10.80
C ALA B 450 -10.06 -3.87 -11.81
N ARG B 451 -11.06 -4.43 -12.52
CA ARG B 451 -11.81 -3.65 -13.52
C ARG B 451 -12.91 -2.80 -12.87
N LEU B 452 -13.56 -3.31 -11.82
CA LEU B 452 -14.60 -2.56 -11.09
C LEU B 452 -14.01 -1.26 -10.54
N TYR B 453 -12.92 -1.35 -9.74
CA TYR B 453 -12.22 -0.21 -9.16
C TYR B 453 -11.44 0.57 -10.19
N GLY B 454 -10.92 -0.11 -11.22
CA GLY B 454 -10.21 0.54 -12.32
C GLY B 454 -11.09 1.54 -13.05
N LEU B 455 -12.36 1.15 -13.29
CA LEU B 455 -13.34 2.03 -13.92
C LEU B 455 -13.69 3.20 -13.01
N ALA B 456 -13.79 2.94 -11.68
CA ALA B 456 -14.03 4.05 -10.71
C ALA B 456 -12.84 5.02 -10.77
N LYS B 457 -11.57 4.52 -10.80
CA LYS B 457 -10.35 5.37 -10.90
C LYS B 457 -10.37 6.26 -12.14
N LEU B 458 -10.84 5.71 -13.27
CA LEU B 458 -10.93 6.40 -14.57
C LEU B 458 -11.99 7.50 -14.65
N GLY B 459 -12.80 7.68 -13.59
CA GLY B 459 -13.77 8.78 -13.54
C GLY B 459 -15.24 8.45 -13.27
N PHE B 460 -15.59 7.19 -13.11
CA PHE B 460 -17.01 6.86 -12.81
C PHE B 460 -17.34 7.31 -11.39
N THR B 461 -18.34 8.20 -11.28
CA THR B 461 -18.79 8.86 -10.05
C THR B 461 -19.18 7.86 -8.99
N GLN B 462 -19.95 6.84 -9.41
CA GLN B 462 -20.47 5.79 -8.55
C GLN B 462 -20.31 4.47 -9.23
N SER B 463 -20.31 3.38 -8.45
CA SER B 463 -20.19 2.03 -9.00
C SER B 463 -21.23 1.10 -8.39
N TYR B 464 -21.82 0.19 -9.20
CA TYR B 464 -22.64 -0.90 -8.65
C TYR B 464 -21.61 -1.83 -7.96
N THR B 465 -22.06 -2.61 -6.97
CA THR B 465 -21.17 -3.45 -6.17
C THR B 465 -21.66 -4.89 -6.12
N TYR B 466 -21.01 -5.72 -5.30
CA TYR B 466 -21.42 -7.12 -5.12
C TYR B 466 -22.45 -7.25 -4.00
N PHE B 467 -22.99 -6.11 -3.51
CA PHE B 467 -23.96 -6.09 -2.40
C PHE B 467 -24.96 -7.24 -2.38
N THR B 468 -25.76 -7.40 -3.47
CA THR B 468 -26.82 -8.42 -3.52
C THR B 468 -26.36 -9.84 -3.19
N TRP B 469 -25.12 -10.18 -3.54
CA TRP B 469 -24.55 -11.50 -3.26
C TRP B 469 -23.79 -11.58 -1.92
N ARG B 470 -23.89 -10.55 -1.06
CA ARG B 470 -23.23 -10.59 0.25
C ARG B 470 -24.35 -10.74 1.26
N THR B 471 -24.55 -11.98 1.76
CA THR B 471 -25.68 -12.27 2.64
C THR B 471 -25.34 -12.78 4.04
N SER B 472 -24.19 -13.43 4.20
CA SER B 472 -23.77 -13.92 5.52
C SER B 472 -23.16 -12.77 6.32
N LYS B 473 -23.11 -12.91 7.66
CA LYS B 473 -22.51 -11.95 8.59
C LYS B 473 -21.06 -11.61 8.18
N TRP B 474 -20.26 -12.65 7.84
CA TRP B 474 -18.86 -12.52 7.41
C TRP B 474 -18.75 -11.74 6.08
N GLU B 475 -19.60 -12.10 5.10
CA GLU B 475 -19.64 -11.43 3.79
C GLU B 475 -19.99 -9.97 3.94
N LEU B 476 -21.01 -9.66 4.77
CA LEU B 476 -21.45 -8.26 4.98
C LEU B 476 -20.43 -7.44 5.75
N THR B 477 -19.72 -8.07 6.70
CA THR B 477 -18.67 -7.36 7.46
C THR B 477 -17.52 -6.99 6.54
N GLU B 478 -17.02 -7.98 5.77
CA GLU B 478 -15.94 -7.79 4.80
C GLU B 478 -16.34 -6.73 3.75
N PHE B 479 -17.59 -6.80 3.24
CA PHE B 479 -18.13 -5.85 2.25
C PHE B 479 -18.12 -4.40 2.79
N GLY B 480 -18.63 -4.19 4.01
CA GLY B 480 -18.68 -2.87 4.62
C GLY B 480 -17.30 -2.31 4.88
N GLN B 481 -16.38 -3.16 5.35
CA GLN B 481 -14.98 -2.76 5.60
C GLN B 481 -14.27 -2.40 4.28
N GLU B 482 -14.58 -3.13 3.19
CA GLU B 482 -14.01 -2.87 1.87
C GLU B 482 -14.49 -1.51 1.29
N ILE B 483 -15.80 -1.20 1.38
CA ILE B 483 -16.27 0.09 0.86
C ILE B 483 -15.67 1.29 1.63
N ALA B 484 -15.43 1.11 2.94
CA ALA B 484 -14.79 2.15 3.75
C ALA B 484 -13.34 2.33 3.27
N ALA B 485 -12.61 1.22 3.08
CA ALA B 485 -11.20 1.23 2.65
C ALA B 485 -10.98 1.78 1.23
N LYS B 486 -12.00 1.69 0.38
CA LYS B 486 -11.94 2.16 -1.02
C LYS B 486 -12.59 3.52 -1.19
N ALA B 487 -12.94 4.19 -0.09
CA ALA B 487 -13.63 5.49 -0.16
C ALA B 487 -12.97 6.54 -1.05
N ASP B 488 -11.62 6.63 -1.09
CA ASP B 488 -10.96 7.64 -1.94
C ASP B 488 -11.07 7.32 -3.44
N ILE B 489 -11.33 6.06 -3.78
CA ILE B 489 -11.30 5.54 -5.14
C ILE B 489 -12.68 5.37 -5.77
N ALA B 490 -13.67 4.92 -4.98
CA ALA B 490 -15.00 4.58 -5.52
C ALA B 490 -16.11 4.88 -4.54
N ARG B 491 -17.28 5.21 -5.10
CA ARG B 491 -18.46 5.48 -4.28
C ARG B 491 -19.49 4.40 -4.63
N PRO B 492 -19.93 3.59 -3.65
CA PRO B 492 -20.90 2.54 -3.97
C PRO B 492 -22.32 3.09 -4.13
N ASN B 493 -23.13 2.40 -4.92
CA ASN B 493 -24.56 2.66 -5.02
C ASN B 493 -25.19 1.32 -4.72
N LEU B 494 -25.75 1.15 -3.49
CA LEU B 494 -26.29 -0.17 -3.08
C LEU B 494 -27.76 -0.37 -3.48
N PHE B 495 -27.96 -1.07 -4.60
CA PHE B 495 -29.29 -1.42 -5.11
C PHE B 495 -29.69 -2.72 -4.44
N VAL B 496 -30.88 -2.73 -3.78
CA VAL B 496 -31.41 -3.93 -3.12
C VAL B 496 -31.78 -5.01 -4.15
N ASN B 497 -32.18 -4.54 -5.34
CA ASN B 497 -32.59 -5.37 -6.46
C ASN B 497 -32.43 -4.56 -7.71
N THR B 498 -32.45 -5.23 -8.87
CA THR B 498 -32.44 -4.55 -10.17
C THR B 498 -33.34 -5.40 -11.10
N PRO B 499 -33.74 -4.92 -12.31
CA PRO B 499 -34.52 -5.79 -13.23
C PRO B 499 -33.82 -7.10 -13.57
N ASP B 500 -32.47 -7.19 -13.40
CA ASP B 500 -31.68 -8.40 -13.68
C ASP B 500 -31.37 -9.20 -12.43
N ILE B 501 -31.63 -8.64 -11.23
CA ILE B 501 -31.25 -9.33 -9.99
C ILE B 501 -32.33 -9.45 -8.95
N LEU B 502 -32.85 -10.66 -8.81
CA LEU B 502 -33.77 -11.06 -7.74
C LEU B 502 -32.99 -12.16 -7.02
N HIS B 503 -32.28 -11.77 -5.96
CA HIS B 503 -31.40 -12.68 -5.24
C HIS B 503 -32.19 -13.78 -4.50
N GLU B 504 -31.60 -14.99 -4.42
CA GLU B 504 -32.21 -16.15 -3.76
C GLU B 504 -32.65 -15.86 -2.31
N SER B 505 -31.96 -14.93 -1.62
CA SER B 505 -32.28 -14.52 -0.25
C SER B 505 -33.65 -13.86 -0.21
N LEU B 506 -33.97 -13.01 -1.22
CA LEU B 506 -35.30 -12.36 -1.31
C LEU B 506 -36.39 -13.34 -1.73
N GLN B 507 -36.00 -14.33 -2.57
CA GLN B 507 -36.91 -15.38 -3.06
C GLN B 507 -37.42 -16.27 -1.91
N HIS B 508 -36.57 -16.55 -0.90
CA HIS B 508 -36.93 -17.45 0.21
C HIS B 508 -37.21 -16.82 1.57
N GLY B 509 -36.93 -15.52 1.75
CA GLY B 509 -37.04 -14.90 3.06
C GLY B 509 -38.30 -14.14 3.43
N GLY B 510 -39.23 -13.97 2.50
CA GLY B 510 -40.48 -13.26 2.73
C GLY B 510 -40.31 -11.77 3.00
N PRO B 511 -41.39 -11.08 3.48
CA PRO B 511 -41.30 -9.63 3.72
C PRO B 511 -40.18 -9.16 4.66
N GLY B 512 -39.87 -9.94 5.69
CA GLY B 512 -38.80 -9.64 6.65
C GLY B 512 -37.46 -9.42 5.98
N MET B 513 -37.10 -10.30 5.03
CA MET B 513 -35.87 -10.21 4.23
C MET B 513 -35.88 -8.94 3.37
N PHE B 514 -37.03 -8.53 2.82
CA PHE B 514 -37.13 -7.28 2.05
C PHE B 514 -36.77 -6.09 2.93
N ALA B 515 -37.24 -6.11 4.20
CA ALA B 515 -36.92 -5.06 5.16
C ALA B 515 -35.42 -5.11 5.57
N ILE B 516 -34.84 -6.33 5.77
CA ILE B 516 -33.43 -6.54 6.16
C ILE B 516 -32.48 -5.93 5.12
N ARG B 517 -32.68 -6.26 3.83
CA ARG B 517 -31.83 -5.77 2.74
C ARG B 517 -31.94 -4.25 2.58
N ALA B 518 -33.15 -3.68 2.78
CA ALA B 518 -33.33 -2.23 2.69
C ALA B 518 -32.57 -1.49 3.84
N VAL B 519 -32.56 -2.07 5.06
CA VAL B 519 -31.83 -1.46 6.19
C VAL B 519 -30.34 -1.44 5.85
N LEU B 520 -29.82 -2.58 5.39
CA LEU B 520 -28.42 -2.76 5.04
C LEU B 520 -27.96 -1.79 3.96
N ALA B 521 -28.75 -1.63 2.87
CA ALA B 521 -28.41 -0.76 1.75
C ALA B 521 -28.51 0.72 2.15
N ALA B 522 -29.56 1.09 2.86
CA ALA B 522 -29.75 2.49 3.24
C ALA B 522 -28.73 2.97 4.29
N THR B 523 -28.22 2.07 5.14
CA THR B 523 -27.28 2.47 6.20
C THR B 523 -25.82 2.21 5.90
N MET B 524 -25.51 1.26 5.00
CA MET B 524 -24.13 1.01 4.58
C MET B 524 -23.84 1.87 3.36
N GLY B 525 -24.86 2.14 2.52
CA GLY B 525 -24.70 2.91 1.29
C GLY B 525 -25.12 4.37 1.35
N PRO B 526 -24.16 5.33 1.25
CA PRO B 526 -24.56 6.75 1.16
C PRO B 526 -25.41 6.95 -0.11
N ALA B 527 -25.18 6.12 -1.12
CA ALA B 527 -26.08 6.06 -2.28
C ALA B 527 -26.71 4.67 -2.26
N TRP B 528 -28.02 4.61 -2.43
CA TRP B 528 -28.70 3.31 -2.45
C TRP B 528 -29.82 3.38 -3.46
N GLY B 529 -30.36 2.23 -3.82
CA GLY B 529 -31.41 2.19 -4.81
C GLY B 529 -32.38 1.05 -4.66
N VAL B 530 -33.55 1.23 -5.23
CA VAL B 530 -34.65 0.28 -5.21
C VAL B 530 -35.23 0.23 -6.63
N TYR B 531 -35.49 -0.98 -7.14
CA TYR B 531 -36.16 -1.11 -8.42
C TYR B 531 -37.65 -1.40 -8.13
N SER B 532 -38.55 -0.58 -8.73
CA SER B 532 -40.02 -0.67 -8.63
CA SER B 532 -40.01 -0.67 -8.60
C SER B 532 -40.55 -2.11 -8.51
N GLY B 533 -41.40 -2.34 -7.51
CA GLY B 533 -41.98 -3.67 -7.27
C GLY B 533 -41.38 -4.29 -6.03
N TYR B 534 -40.19 -3.79 -5.62
CA TYR B 534 -39.55 -4.28 -4.41
C TYR B 534 -40.48 -4.02 -3.23
N GLU B 535 -41.14 -2.86 -3.23
CA GLU B 535 -42.07 -2.48 -2.16
C GLU B 535 -43.35 -3.34 -2.10
N LEU B 536 -43.61 -4.18 -3.14
CA LEU B 536 -44.75 -5.10 -3.21
C LEU B 536 -44.29 -6.52 -2.92
N PHE B 537 -43.01 -6.68 -2.51
CA PHE B 537 -42.42 -7.96 -2.14
C PHE B 537 -42.38 -8.97 -3.30
N GLU B 538 -42.14 -8.49 -4.55
CA GLU B 538 -42.07 -9.36 -5.75
C GLU B 538 -40.90 -10.26 -5.57
N ASN B 539 -41.15 -11.58 -5.52
CA ASN B 539 -40.09 -12.54 -5.18
C ASN B 539 -40.05 -13.81 -6.03
N GLN B 540 -40.85 -13.87 -7.09
CA GLN B 540 -40.91 -15.08 -7.90
C GLN B 540 -39.92 -15.08 -9.05
N PRO B 541 -39.01 -16.07 -9.08
CA PRO B 541 -38.04 -16.15 -10.18
C PRO B 541 -38.67 -16.81 -11.42
N VAL B 542 -38.01 -16.69 -12.58
CA VAL B 542 -38.52 -17.28 -13.83
C VAL B 542 -38.56 -18.82 -13.74
N ARG B 543 -37.55 -19.40 -13.09
CA ARG B 543 -37.43 -20.85 -12.84
C ARG B 543 -36.56 -21.07 -11.59
N PRO B 544 -36.67 -22.20 -10.84
CA PRO B 544 -35.80 -22.38 -9.66
C PRO B 544 -34.32 -22.36 -10.04
N GLY B 545 -33.52 -21.66 -9.23
CA GLY B 545 -32.09 -21.49 -9.43
C GLY B 545 -31.70 -20.28 -10.28
N SER B 546 -32.69 -19.46 -10.68
CA SER B 546 -32.45 -18.26 -11.49
C SER B 546 -32.55 -16.99 -10.64
N GLU B 547 -31.92 -15.90 -11.11
CA GLU B 547 -32.00 -14.57 -10.46
C GLU B 547 -32.83 -13.60 -11.29
N GLU B 548 -33.50 -14.14 -12.33
CA GLU B 548 -34.39 -13.38 -13.21
C GLU B 548 -35.81 -13.40 -12.63
N TYR B 549 -36.52 -12.25 -12.70
CA TYR B 549 -37.91 -12.14 -12.25
C TYR B 549 -38.83 -12.89 -13.23
N LEU B 550 -39.86 -13.56 -12.70
CA LEU B 550 -40.88 -14.20 -13.56
C LEU B 550 -41.70 -13.05 -14.14
N ASN B 551 -42.04 -13.11 -15.45
CA ASN B 551 -42.77 -12.07 -16.17
C ASN B 551 -42.02 -10.74 -16.08
N SER B 552 -40.69 -10.83 -16.29
CA SER B 552 -39.78 -9.69 -16.19
C SER B 552 -40.30 -8.49 -16.94
N GLU B 553 -40.28 -7.32 -16.28
CA GLU B 553 -40.67 -6.04 -16.85
C GLU B 553 -39.78 -5.64 -18.07
N LYS B 554 -38.60 -6.28 -18.21
CA LYS B 554 -37.70 -6.01 -19.32
C LYS B 554 -38.37 -6.41 -20.65
N TYR B 555 -39.31 -7.37 -20.62
CA TYR B 555 -39.95 -7.91 -21.83
C TYR B 555 -41.47 -7.71 -21.93
N GLU B 556 -42.11 -7.12 -20.89
CA GLU B 556 -43.54 -6.90 -20.92
C GLU B 556 -43.92 -5.71 -20.04
N LEU B 557 -45.09 -5.12 -20.30
CA LEU B 557 -45.64 -4.04 -19.49
C LEU B 557 -45.94 -4.60 -18.11
N ARG B 558 -45.51 -3.90 -17.06
CA ARG B 558 -45.76 -4.31 -15.69
C ARG B 558 -46.38 -3.21 -14.85
N PRO B 559 -47.63 -2.75 -15.17
CA PRO B 559 -48.30 -1.76 -14.30
C PRO B 559 -48.51 -2.33 -12.91
N ARG B 560 -48.50 -1.46 -11.88
CA ARG B 560 -48.65 -1.92 -10.50
C ARG B 560 -49.52 -0.95 -9.73
N ASP B 561 -50.42 -1.47 -8.89
CA ASP B 561 -51.26 -0.58 -8.09
C ASP B 561 -50.67 -0.45 -6.70
N PHE B 562 -49.73 0.49 -6.57
CA PHE B 562 -49.04 0.77 -5.31
C PHE B 562 -49.99 1.25 -4.21
N GLU B 563 -50.97 2.11 -4.57
CA GLU B 563 -51.95 2.69 -3.61
C GLU B 563 -52.87 1.66 -2.97
N SER B 564 -53.27 0.61 -3.74
CA SER B 564 -54.12 -0.45 -3.19
C SER B 564 -53.34 -1.34 -2.25
N ALA B 565 -52.05 -1.63 -2.55
CA ALA B 565 -51.21 -2.44 -1.65
C ALA B 565 -50.95 -1.67 -0.34
N LEU B 566 -50.75 -0.35 -0.43
CA LEU B 566 -50.54 0.55 0.70
C LEU B 566 -51.77 0.49 1.62
N ALA B 567 -52.98 0.71 1.04
CA ALA B 567 -54.28 0.68 1.74
C ALA B 567 -54.52 -0.63 2.49
N ARG B 568 -54.01 -1.73 1.97
CA ARG B 568 -54.15 -3.08 2.53
C ARG B 568 -53.06 -3.46 3.53
N GLY B 569 -52.12 -2.57 3.82
CA GLY B 569 -50.97 -2.83 4.70
C GLY B 569 -50.07 -3.91 4.15
N GLU B 570 -49.95 -3.99 2.83
CA GLU B 570 -49.17 -5.04 2.16
C GLU B 570 -47.99 -4.45 1.36
N SER B 571 -47.52 -3.26 1.80
CA SER B 571 -46.47 -2.52 1.11
C SER B 571 -45.30 -2.15 1.99
N LEU B 572 -44.07 -2.14 1.41
CA LEU B 572 -42.88 -1.68 2.12
C LEU B 572 -42.70 -0.16 1.90
N GLU B 573 -43.60 0.49 1.15
CA GLU B 573 -43.55 1.95 0.90
C GLU B 573 -43.40 2.80 2.21
N PRO B 574 -44.19 2.57 3.30
CA PRO B 574 -43.95 3.32 4.57
C PRO B 574 -42.55 3.12 5.15
N PHE B 575 -42.02 1.89 5.13
CA PHE B 575 -40.70 1.59 5.67
C PHE B 575 -39.57 2.25 4.84
N LEU B 576 -39.68 2.19 3.48
CA LEU B 576 -38.71 2.83 2.59
C LEU B 576 -38.71 4.33 2.86
N THR B 577 -39.91 4.90 3.11
CA THR B 577 -40.08 6.33 3.42
C THR B 577 -39.32 6.67 4.71
N ARG B 578 -39.49 5.84 5.75
CA ARG B 578 -38.82 6.01 7.04
C ARG B 578 -37.29 5.95 6.90
N LEU B 579 -36.77 4.99 6.12
CA LEU B 579 -35.32 4.86 5.88
C LEU B 579 -34.74 6.14 5.26
N ASN B 580 -35.42 6.70 4.24
CA ASN B 580 -34.99 7.97 3.62
C ASN B 580 -35.10 9.15 4.58
N GLU B 581 -36.10 9.16 5.49
CA GLU B 581 -36.20 10.23 6.50
C GLU B 581 -35.04 10.14 7.49
N ILE B 582 -34.67 8.91 7.93
CA ILE B 582 -33.56 8.67 8.89
C ILE B 582 -32.24 9.15 8.24
N ARG B 583 -32.07 8.86 6.92
CA ARG B 583 -30.88 9.28 6.17
C ARG B 583 -30.76 10.79 6.14
N ARG B 584 -31.86 11.50 5.88
CA ARG B 584 -31.87 12.97 5.82
C ARG B 584 -31.62 13.60 7.19
N LEU B 585 -32.06 12.95 8.27
CA LEU B 585 -31.87 13.48 9.63
C LEU B 585 -30.46 13.18 10.19
N HIS B 586 -29.78 12.13 9.67
CA HIS B 586 -28.47 11.73 10.16
C HIS B 586 -27.29 11.84 9.17
N PRO B 587 -26.52 12.95 9.19
CA PRO B 587 -25.37 13.07 8.25
C PRO B 587 -24.28 12.01 8.38
N ALA B 588 -24.31 11.20 9.46
CA ALA B 588 -23.37 10.07 9.62
C ALA B 588 -23.60 9.10 8.45
N LEU B 589 -24.86 8.98 7.98
CA LEU B 589 -25.25 8.08 6.88
C LEU B 589 -24.79 8.52 5.47
N ARG B 590 -24.19 9.74 5.35
CA ARG B 590 -23.55 10.22 4.10
C ARG B 590 -22.13 9.64 4.02
N GLU B 591 -21.58 9.14 5.15
CA GLU B 591 -20.20 8.70 5.25
C GLU B 591 -19.89 7.28 4.79
N LEU B 592 -18.69 7.08 4.28
CA LEU B 592 -18.20 5.78 3.89
C LEU B 592 -17.05 5.32 4.80
N ARG B 593 -16.05 6.20 4.97
CA ARG B 593 -14.83 5.90 5.71
CA ARG B 593 -14.83 5.89 5.72
C ARG B 593 -14.97 5.68 7.22
N THR B 594 -16.11 6.10 7.82
CA THR B 594 -16.31 5.99 9.27
C THR B 594 -17.02 4.72 9.75
N ILE B 595 -17.29 3.75 8.83
CA ILE B 595 -17.96 2.51 9.23
CA ILE B 595 -17.93 2.46 9.15
C ILE B 595 -17.06 1.68 10.16
N ARG B 596 -17.64 1.22 11.27
CA ARG B 596 -16.92 0.39 12.24
C ARG B 596 -17.89 -0.66 12.72
N PHE B 597 -17.46 -1.90 12.68
CA PHE B 597 -18.25 -3.05 13.13
C PHE B 597 -18.01 -3.35 14.60
N HIS B 598 -19.10 -3.62 15.33
CA HIS B 598 -19.02 -3.95 16.75
C HIS B 598 -19.34 -5.43 16.98
N HIS B 599 -18.78 -6.00 18.06
CA HIS B 599 -18.97 -7.41 18.37
C HIS B 599 -20.34 -7.71 18.95
N VAL B 600 -21.06 -8.63 18.31
CA VAL B 600 -22.35 -9.11 18.77
C VAL B 600 -22.30 -10.63 18.71
N ASP B 601 -22.42 -11.30 19.88
CA ASP B 601 -22.24 -12.75 19.98
C ASP B 601 -23.37 -13.65 19.44
N ASN B 602 -23.72 -13.45 18.15
CA ASN B 602 -24.74 -14.21 17.42
C ASN B 602 -24.45 -14.04 15.92
N ASP B 603 -24.23 -15.17 15.21
CA ASP B 603 -23.94 -15.24 13.77
C ASP B 603 -25.04 -14.70 12.87
N ALA B 604 -26.25 -14.52 13.42
CA ALA B 604 -27.39 -14.02 12.67
C ALA B 604 -27.66 -12.55 12.99
N LEU B 605 -26.78 -11.89 13.80
CA LEU B 605 -26.90 -10.48 14.14
C LEU B 605 -25.65 -9.72 13.70
N LEU B 606 -25.81 -8.49 13.19
CA LEU B 606 -24.71 -7.67 12.68
C LEU B 606 -24.84 -6.28 13.26
N ALA B 607 -23.72 -5.70 13.69
CA ALA B 607 -23.77 -4.37 14.29
C ALA B 607 -22.65 -3.48 13.77
N TYR B 608 -22.96 -2.24 13.42
CA TYR B 608 -21.97 -1.32 12.88
C TYR B 608 -22.40 0.09 13.11
N SER B 609 -21.43 0.99 13.29
CA SER B 609 -21.73 2.39 13.49
C SER B 609 -21.06 3.22 12.39
N LYS B 610 -21.51 4.47 12.24
CA LYS B 610 -20.92 5.48 11.38
C LYS B 610 -20.98 6.78 12.14
N PHE B 611 -20.08 7.73 11.84
CA PHE B 611 -20.16 9.06 12.41
C PHE B 611 -19.90 10.11 11.35
N ASP B 612 -20.39 11.34 11.60
CA ASP B 612 -20.15 12.47 10.75
C ASP B 612 -19.03 13.31 11.37
N PRO B 613 -17.83 13.44 10.73
CA PRO B 613 -16.77 14.27 11.32
C PRO B 613 -17.12 15.76 11.35
N GLY B 614 -18.10 16.16 10.55
CA GLY B 614 -18.53 17.55 10.47
C GLY B 614 -19.37 18.05 11.64
N THR B 615 -20.36 17.25 12.11
CA THR B 615 -21.29 17.61 13.20
C THR B 615 -21.16 16.76 14.46
N GLY B 616 -20.60 15.57 14.35
CA GLY B 616 -20.51 14.65 15.47
C GLY B 616 -21.66 13.65 15.51
N ASP B 617 -22.65 13.79 14.57
CA ASP B 617 -23.79 12.87 14.40
C ASP B 617 -23.28 11.44 14.34
N THR B 618 -23.87 10.53 15.12
CA THR B 618 -23.43 9.13 15.23
C THR B 618 -24.64 8.24 15.21
N VAL B 619 -24.55 7.13 14.45
CA VAL B 619 -25.63 6.17 14.28
C VAL B 619 -25.06 4.78 14.47
N LEU B 620 -25.81 3.92 15.15
CA LEU B 620 -25.42 2.54 15.35
C LEU B 620 -26.58 1.68 14.88
N VAL B 621 -26.27 0.71 14.01
CA VAL B 621 -27.27 -0.19 13.43
C VAL B 621 -27.04 -1.56 14.01
N VAL B 622 -28.13 -2.21 14.48
CA VAL B 622 -28.12 -3.61 14.93
C VAL B 622 -29.20 -4.22 14.06
N VAL B 623 -28.83 -5.19 13.22
CA VAL B 623 -29.77 -5.77 12.26
C VAL B 623 -29.68 -7.31 12.29
N THR B 624 -30.83 -7.99 12.16
CA THR B 624 -30.85 -9.45 12.10
C THR B 624 -30.75 -9.92 10.66
N LEU B 625 -30.13 -11.06 10.45
CA LEU B 625 -30.06 -11.69 9.14
C LEU B 625 -31.04 -12.88 9.05
N ASN B 626 -31.79 -13.12 10.14
CA ASN B 626 -32.80 -14.18 10.22
C ASN B 626 -34.18 -13.54 10.06
N PRO B 627 -34.85 -13.71 8.90
CA PRO B 627 -36.15 -13.05 8.72
C PRO B 627 -37.34 -13.79 9.34
N PHE B 628 -37.11 -14.99 9.88
CA PHE B 628 -38.17 -15.84 10.42
C PHE B 628 -38.32 -15.78 11.94
N GLY B 629 -37.32 -16.24 12.67
CA GLY B 629 -37.36 -16.28 14.13
C GLY B 629 -36.62 -15.15 14.81
N ALA B 630 -36.93 -14.94 16.10
CA ALA B 630 -36.27 -13.92 16.93
C ALA B 630 -34.81 -14.31 17.21
N GLU B 631 -33.97 -13.29 17.43
CA GLU B 631 -32.54 -13.45 17.67
C GLU B 631 -32.15 -12.53 18.80
N GLU B 632 -31.36 -13.05 19.74
CA GLU B 632 -30.90 -12.27 20.88
C GLU B 632 -29.42 -12.46 21.10
N ALA B 633 -28.78 -11.50 21.80
CA ALA B 633 -27.34 -11.57 22.11
C ALA B 633 -26.90 -10.42 22.97
N THR B 634 -25.59 -10.44 23.29
CA THR B 634 -24.94 -9.36 24.00
CA THR B 634 -24.92 -9.38 24.01
C THR B 634 -24.08 -8.60 23.00
N LEU B 635 -24.28 -7.28 22.93
CA LEU B 635 -23.58 -6.39 22.05
C LEU B 635 -22.46 -5.69 22.82
N TRP B 636 -21.21 -5.97 22.43
CA TRP B 636 -19.99 -5.41 23.02
C TRP B 636 -19.53 -4.22 22.17
N LEU B 637 -19.78 -3.00 22.67
CA LEU B 637 -19.40 -1.78 21.97
C LEU B 637 -17.93 -1.46 22.12
N ASP B 638 -17.31 -1.00 21.01
CA ASP B 638 -15.93 -0.52 20.95
C ASP B 638 -16.12 0.95 21.31
N MET B 639 -16.11 1.24 22.63
CA MET B 639 -16.40 2.57 23.18
C MET B 639 -15.56 3.74 22.68
N PRO B 640 -14.21 3.64 22.54
CA PRO B 640 -13.44 4.79 22.01
C PRO B 640 -13.82 5.16 20.58
N GLU B 641 -14.28 4.18 19.77
CA GLU B 641 -14.77 4.42 18.40
C GLU B 641 -16.06 5.24 18.42
N LEU B 642 -16.75 5.26 19.58
CA LEU B 642 -17.98 6.02 19.79
C LEU B 642 -17.70 7.30 20.60
N GLY B 643 -16.41 7.57 20.80
CA GLY B 643 -15.88 8.70 21.54
C GLY B 643 -16.10 8.63 23.03
N MET B 644 -16.27 7.40 23.57
CA MET B 644 -16.54 7.22 25.01
C MET B 644 -15.55 6.32 25.72
N GLU B 645 -15.62 6.32 27.07
CA GLU B 645 -14.80 5.49 27.96
C GLU B 645 -15.56 4.16 28.23
N PRO B 646 -14.88 3.01 28.46
CA PRO B 646 -15.60 1.74 28.73
C PRO B 646 -16.71 1.77 29.80
N TYR B 647 -16.55 2.54 30.89
CA TYR B 647 -17.58 2.60 31.95
C TYR B 647 -18.60 3.73 31.84
N ASP B 648 -18.67 4.38 30.67
CA ASP B 648 -19.66 5.42 30.41
C ASP B 648 -21.00 4.75 30.13
N ARG B 649 -22.06 5.39 30.59
CA ARG B 649 -23.42 4.94 30.32
C ARG B 649 -24.07 6.07 29.58
N PHE B 650 -24.95 5.74 28.63
CA PHE B 650 -25.51 6.78 27.75
C PHE B 650 -26.87 6.39 27.22
N TRP B 651 -27.66 7.40 26.82
CA TRP B 651 -28.99 7.18 26.25
C TRP B 651 -28.96 7.13 24.72
N VAL B 652 -29.74 6.19 24.16
CA VAL B 652 -29.94 5.96 22.71
C VAL B 652 -31.44 6.06 22.43
N ARG B 653 -31.79 6.41 21.18
CA ARG B 653 -33.16 6.47 20.72
C ARG B 653 -33.22 5.69 19.41
N ASP B 654 -34.09 4.69 19.35
CA ASP B 654 -34.28 3.90 18.14
C ASP B 654 -35.13 4.72 17.15
N GLU B 655 -34.59 4.99 15.96
CA GLU B 655 -35.31 5.77 14.95
C GLU B 655 -36.46 4.98 14.28
N ILE B 656 -36.45 3.65 14.40
CA ILE B 656 -37.49 2.79 13.84
C ILE B 656 -38.77 2.83 14.73
N THR B 657 -38.62 2.60 16.05
CA THR B 657 -39.74 2.51 17.01
C THR B 657 -39.95 3.73 17.89
N GLY B 658 -38.90 4.53 18.08
CA GLY B 658 -38.92 5.69 18.97
C GLY B 658 -38.55 5.30 20.40
N GLU B 659 -38.29 3.99 20.64
CA GLU B 659 -37.93 3.46 21.96
C GLU B 659 -36.56 3.99 22.40
N GLU B 660 -36.45 4.36 23.69
CA GLU B 660 -35.22 4.88 24.27
C GLU B 660 -34.64 3.91 25.30
N TYR B 661 -33.33 3.69 25.25
CA TYR B 661 -32.65 2.77 26.17
C TYR B 661 -31.40 3.42 26.74
N GLN B 662 -31.01 3.01 27.96
CA GLN B 662 -29.76 3.45 28.54
C GLN B 662 -28.82 2.28 28.34
N TRP B 663 -27.74 2.53 27.60
CA TRP B 663 -26.75 1.50 27.31
C TRP B 663 -25.40 1.85 27.90
N GLY B 664 -24.50 0.89 27.83
CA GLY B 664 -23.10 0.98 28.20
C GLY B 664 -22.24 0.20 27.21
N GLN B 665 -21.14 -0.39 27.71
CA GLN B 665 -20.21 -1.18 26.92
C GLN B 665 -20.73 -2.56 26.51
N ALA B 666 -21.66 -3.13 27.28
CA ALA B 666 -22.21 -4.47 26.99
C ALA B 666 -23.70 -4.42 27.18
N ASN B 667 -24.44 -4.68 26.09
CA ASN B 667 -25.89 -4.53 26.11
C ASN B 667 -26.62 -5.70 25.53
N TYR B 668 -27.77 -6.03 26.13
CA TYR B 668 -28.64 -7.09 25.63
C TYR B 668 -29.37 -6.54 24.44
N VAL B 669 -29.43 -7.33 23.36
CA VAL B 669 -30.14 -6.96 22.15
C VAL B 669 -31.03 -8.10 21.73
N ARG B 670 -32.26 -7.77 21.34
CA ARG B 670 -33.21 -8.76 20.84
C ARG B 670 -33.96 -8.20 19.64
N LEU B 671 -33.93 -8.94 18.55
CA LEU B 671 -34.66 -8.53 17.36
C LEU B 671 -35.65 -9.60 16.93
N ASP B 672 -36.91 -9.20 16.80
CA ASP B 672 -38.00 -10.07 16.35
C ASP B 672 -38.43 -9.52 14.98
N PRO B 673 -38.22 -10.29 13.89
CA PRO B 673 -38.60 -9.78 12.55
C PRO B 673 -40.07 -9.39 12.38
N ALA B 674 -40.98 -9.93 13.23
CA ALA B 674 -42.41 -9.62 13.21
C ALA B 674 -42.69 -8.17 13.68
N LYS B 675 -41.82 -7.60 14.54
CA LYS B 675 -41.95 -6.22 15.05
C LYS B 675 -41.02 -5.26 14.30
N ALA B 676 -39.70 -5.55 14.31
CA ALA B 676 -38.66 -4.75 13.66
C ALA B 676 -37.45 -5.62 13.34
N VAL B 677 -36.92 -5.51 12.11
CA VAL B 677 -35.75 -6.33 11.70
C VAL B 677 -34.43 -5.67 12.16
N ALA B 678 -34.52 -4.43 12.66
CA ALA B 678 -33.30 -3.71 13.08
C ALA B 678 -33.61 -2.57 14.04
N HIS B 679 -32.58 -2.16 14.80
CA HIS B 679 -32.55 -0.95 15.61
C HIS B 679 -31.62 -0.02 14.81
N VAL B 680 -32.01 1.24 14.62
CA VAL B 680 -31.19 2.25 13.97
C VAL B 680 -31.15 3.37 15.00
N LEU B 681 -30.07 3.39 15.81
CA LEU B 681 -29.96 4.25 16.99
C LEU B 681 -29.27 5.57 16.83
N ASN B 682 -29.91 6.63 17.31
CA ASN B 682 -29.26 7.93 17.38
C ASN B 682 -28.41 7.82 18.65
N MET B 683 -27.10 7.95 18.50
CA MET B 683 -26.10 7.80 19.55
C MET B 683 -25.65 9.16 20.06
N PRO B 684 -24.94 9.25 21.22
CA PRO B 684 -24.44 10.57 21.66
C PRO B 684 -23.47 11.14 20.62
N LEU B 685 -23.49 12.47 20.49
CA LEU B 685 -22.62 13.20 19.57
C LEU B 685 -21.17 12.96 19.93
N ILE B 686 -20.31 12.79 18.91
CA ILE B 686 -18.88 12.65 19.20
C ILE B 686 -18.31 14.08 19.22
N PRO B 687 -17.62 14.49 20.32
CA PRO B 687 -17.05 15.88 20.35
C PRO B 687 -16.05 16.15 19.23
N ALA B 688 -15.91 17.44 18.78
CA ALA B 688 -15.07 17.87 17.66
C ALA B 688 -13.63 17.33 17.63
N ASP B 689 -12.93 17.41 18.77
CA ASP B 689 -11.56 16.94 18.97
C ASP B 689 -11.46 15.43 18.72
N LYS B 690 -12.39 14.67 19.32
CA LYS B 690 -12.41 13.22 19.19
C LYS B 690 -12.81 12.75 17.79
N ARG B 691 -13.79 13.43 17.14
CA ARG B 691 -14.23 12.98 15.81
C ARG B 691 -13.15 13.15 14.72
N LEU B 692 -12.36 14.24 14.77
CA LEU B 692 -11.25 14.44 13.83
C LEU B 692 -10.13 13.41 14.05
N GLN B 693 -9.89 13.00 15.31
CA GLN B 693 -8.94 11.94 15.65
C GLN B 693 -9.40 10.58 15.13
N LEU B 694 -10.70 10.28 15.29
CA LEU B 694 -11.24 8.99 14.83
C LEU B 694 -11.28 8.92 13.29
N LEU B 695 -11.19 10.07 12.63
CA LEU B 695 -11.17 10.14 11.17
C LEU B 695 -9.75 9.90 10.59
N ARG B 696 -8.70 9.88 11.45
CA ARG B 696 -7.32 9.68 10.98
C ARG B 696 -7.09 8.38 10.23
N ARG B 697 -6.23 8.42 9.18
CA ARG B 697 -5.94 7.29 8.28
C ARG B 697 -5.07 6.18 8.87
N GLU B 698 -4.12 6.53 9.75
CA GLU B 698 -3.19 5.58 10.35
C GLU B 698 -2.78 6.00 11.75
C1 GLC C . 28.34 5.14 18.02
C2 GLC C . 28.81 4.03 18.95
C3 GLC C . 28.81 4.39 20.40
C4 GLC C . 29.31 5.82 20.61
C5 GLC C . 28.28 6.78 19.99
C6 GLC C . 28.74 8.21 19.89
O1 GLC C . 27.31 4.70 17.27
O2 GLC C . 28.10 2.82 18.70
O3 GLC C . 29.61 3.39 21.07
O4 GLC C . 29.40 6.17 22.00
O5 GLC C . 27.89 6.45 18.61
O6 GLC C . 29.80 8.25 18.99
H1 GLC C . 29.07 5.34 17.42
H2 GLC C . 29.73 3.85 18.69
H3 GLC C . 27.89 4.32 20.72
H4 GLC C . 30.16 5.92 20.16
H5 GLC C . 27.48 6.76 20.55
H61 GLC C . 29.03 8.53 20.75
H62 GLC C . 28.01 8.76 19.56
HO1 GLC C . 27.59 4.08 16.75
HO2 GLC C . 27.28 2.94 18.87
HO3 GLC C . 30.42 3.43 20.81
HO6 GLC C . 29.50 8.16 18.19
C1 GLC C . 30.63 5.97 22.58
C2 GLC C . 30.48 5.85 24.10
C3 GLC C . 30.16 7.16 24.76
C4 GLC C . 31.13 8.25 24.37
C5 GLC C . 31.09 8.40 22.85
C6 GLC C . 31.99 9.50 22.32
O2 GLC C . 29.43 4.89 24.36
O3 GLC C . 30.14 6.97 26.21
O4 GLC C . 30.79 9.49 25.00
O5 GLC C . 31.51 7.10 22.23
O6 GLC C . 33.34 9.22 22.66
H1 GLC C . 31.04 5.16 22.25
H2 GLC C . 31.30 5.52 24.47
H3 GLC C . 29.27 7.43 24.47
H4 GLC C . 32.02 7.98 24.64
H5 GLC C . 30.19 8.59 22.59
H61 GLC C . 31.91 9.54 21.35
H62 GLC C . 31.72 10.35 22.69
HO2 GLC C . 28.67 5.20 24.11
HO3 GLC C . 30.93 6.90 26.50
HO4 GLC C . 30.00 9.48 25.31
HO6 GLC C . 33.66 8.65 22.11
C1 GLC D . -27.77 -3.52 -18.96
C2 GLC D . -29.04 -4.02 -18.30
C3 GLC D . -29.49 -5.37 -18.78
C4 GLC D . -29.34 -5.49 -20.29
C5 GLC D . -27.86 -5.51 -20.61
C6 GLC D . -27.58 -5.50 -22.08
O1 GLC D . -26.86 -3.23 -18.01
O2 GLC D . -28.96 -3.93 -16.87
O3 GLC D . -30.87 -5.55 -18.38
O4 GLC D . -29.94 -6.72 -20.78
O5 GLC D . -27.12 -4.37 -20.02
O6 GLC D . -28.07 -4.31 -22.61
H1 GLC D . -28.00 -2.69 -19.38
H2 GLC D . -29.74 -3.39 -18.55
H3 GLC D . -28.95 -6.06 -18.35
H4 GLC D . -29.76 -4.72 -20.71
H5 GLC D . -27.48 -6.33 -20.23
H61 GLC D . -26.62 -5.53 -22.23
H62 GLC D . -27.99 -6.26 -22.52
HO1 GLC D . -26.09 -3.13 -18.36
HO2 GLC D . -28.86 -4.70 -16.51
HO3 GLC D . -31.35 -4.93 -18.68
HO6 GLC D . -28.69 -4.50 -23.17
C1 GLC D . -31.26 -6.60 -21.20
C2 GLC D . -31.93 -7.98 -21.17
C3 GLC D . -31.42 -8.88 -22.25
C4 GLC D . -31.50 -8.24 -23.61
C5 GLC D . -30.71 -6.94 -23.59
C6 GLC D . -30.70 -6.22 -24.91
O2 GLC D . -31.70 -8.61 -19.90
O3 GLC D . -32.22 -10.11 -22.26
O4 GLC D . -30.99 -9.09 -24.64
O5 GLC D . -31.32 -6.04 -22.57
O6 GLC D . -32.03 -5.86 -25.26
H1 GLC D . -31.78 -6.02 -20.62
H2 GLC D . -32.89 -7.86 -21.29
H3 GLC D . -30.50 -9.11 -22.05
H4 GLC D . -32.43 -8.02 -23.80
H5 GLC D . -29.80 -7.16 -23.34
H61 GLC D . -30.17 -5.42 -24.82
H62 GLC D . -30.31 -6.79 -25.59
HO2 GLC D . -30.86 -8.63 -19.73
HO3 GLC D . -31.95 -10.62 -21.64
HO4 GLC D . -30.38 -9.59 -24.34
HO6 GLC D . -32.00 -5.30 -25.90
P PO4 E . -0.54 -15.79 -7.76
O1 PO4 E . -1.04 -14.55 -8.60
O2 PO4 E . -1.75 -16.31 -6.92
O3 PO4 E . 0.01 -16.92 -8.68
O4 PO4 E . 0.61 -15.33 -6.81
P PO4 F . 14.63 7.94 18.91
O1 PO4 F . 13.13 8.33 19.11
O2 PO4 F . 15.11 8.38 17.52
O3 PO4 F . 14.77 6.39 19.05
O4 PO4 F . 15.51 8.63 19.99
NA NA G . -9.51 -15.68 -43.55
NA NA H . 3.23 1.57 -15.08
NA NA I . 29.22 -1.26 27.08
NA NA J . 22.48 -21.79 29.24
NA NA K . 31.83 -7.64 30.75
NA NA L . 16.61 -9.53 -1.20
NA NA M . -0.67 -5.51 -8.87
NA NA N . 30.12 0.79 20.04
NA NA O . 42.54 -10.62 22.08
NA NA P . 42.21 30.10 10.95
NA NA Q . 33.02 -7.09 27.80
CL CL R . 39.56 -8.44 19.94
OH2 1PE S . 42.18 31.12 8.59
C12 1PE S . 43.14 30.66 7.65
C22 1PE S . 44.49 30.47 8.32
OH3 1PE S . 44.31 29.69 9.48
C13 1PE S . 45.10 28.32 11.28
C23 1PE S . 45.48 29.29 10.14
OH4 1PE S . 44.08 28.90 12.06
C14 1PE S . 42.62 28.89 13.97
C24 1PE S . 43.71 28.14 13.19
OH5 1PE S . 41.60 29.31 13.09
C15 1PE S . 39.43 30.29 12.84
C25 1PE S . 40.55 29.91 13.79
OH6 1PE S . 39.99 30.82 11.67
C16 1PE S . 39.00 31.70 9.70
C26 1PE S . 39.29 31.92 11.17
OH7 1PE S . 40.01 32.32 8.96
C1 PGE T . 9.14 -37.37 14.17
O1 PGE T . 7.93 -37.19 13.45
C2 PGE T . 10.34 -36.88 13.36
O2 PGE T . 10.96 -35.77 13.99
C3 PGE T . 12.35 -35.72 14.04
C4 PGE T . 12.81 -35.73 15.51
O4 PGE T . 15.36 -34.50 18.90
C6 PGE T . 15.16 -34.73 17.53
C5 PGE T . 13.73 -34.30 17.17
O3 PGE T . 13.49 -34.54 15.80
O1 PG4 U . 45.74 0.10 0.50
C1 PG4 U . 45.95 0.24 -0.87
C2 PG4 U . 44.71 -0.23 -1.64
O2 PG4 U . 44.40 0.74 -2.61
C3 PG4 U . 43.35 0.42 -3.47
C4 PG4 U . 42.34 1.56 -3.45
O3 PG4 U . 42.30 2.20 -4.70
C5 PG4 U . 41.00 2.62 -5.06
C6 PG4 U . 41.03 4.03 -5.65
O4 PG4 U . 40.63 4.96 -4.66
C7 PG4 U . 39.75 5.96 -5.11
C8 PG4 U . 39.65 7.03 -4.03
O5 PG4 U . 38.50 7.80 -4.27
O1 PG4 V . 34.66 -10.15 36.94
C1 PG4 V . 34.65 -8.80 36.60
C2 PG4 V . 34.30 -8.65 35.11
O2 PG4 V . 35.47 -8.83 34.35
C3 PG4 V . 35.33 -8.62 32.97
C4 PG4 V . 36.36 -7.58 32.53
O3 PG4 V . 37.66 -8.00 32.80
C5 PG4 V . 38.61 -6.98 32.57
C6 PG4 V . 39.95 -7.39 33.18
O4 PG4 V . 39.84 -7.29 34.57
C7 PG4 V . 40.97 -6.78 35.23
C8 PG4 V . 41.46 -7.81 36.26
O5 PG4 V . 40.61 -7.83 37.38
O1 PG4 W . 48.68 8.52 22.40
C1 PG4 W . 48.13 9.67 23.00
C2 PG4 W . 46.92 9.31 23.86
O2 PG4 W . 46.96 7.97 24.24
C3 PG4 W . 47.05 7.72 25.61
C4 PG4 W . 46.61 6.27 25.84
O3 PG4 W . 47.31 5.69 26.93
C5 PG4 W . 48.37 4.84 26.58
C6 PG4 W . 48.02 3.39 26.94
O4 PG4 W . 49.02 2.54 26.43
C7 PG4 W . 48.94 1.24 26.97
C8 PG4 W . 50.35 0.64 27.07
O5 PG4 W . 50.77 0.12 25.84
C1 PEG X . -1.58 -8.03 -43.03
O1 PEG X . -2.21 -7.14 -43.91
C2 PEG X . -2.40 -9.31 -42.92
O2 PEG X . -3.76 -8.97 -42.81
C3 PEG X . -4.53 -9.93 -42.15
C4 PEG X . -5.99 -9.75 -42.55
O4 PEG X . -6.40 -8.45 -42.23
C1 PEG Y . -8.70 -12.41 -15.66
O1 PEG Y . -9.03 -13.67 -15.13
C2 PEG Y . -7.30 -12.43 -16.25
O2 PEG Y . -6.41 -12.86 -15.26
C3 PEG Y . -5.07 -12.81 -15.67
C4 PEG Y . -4.21 -13.25 -14.50
O4 PEG Y . -4.42 -14.63 -14.34
C1 PEG Z . 15.26 -0.10 22.81
O1 PEG Z . 16.04 -0.46 23.93
C2 PEG Z . 16.00 1.02 22.08
O2 PEG Z . 15.69 0.94 20.72
C3 PEG Z . 15.58 2.18 20.08
C4 PEG Z . 14.50 2.09 19.01
O4 PEG Z . 13.58 3.14 19.23
C1 EDO AA . 10.67 -1.10 19.63
O1 EDO AA . 10.72 -0.37 18.43
C2 EDO AA . 12.09 -1.37 20.14
O2 EDO AA . 12.00 -2.06 21.36
C1 EDO BA . 27.96 -23.89 23.70
O1 EDO BA . 26.71 -24.23 24.23
C2 EDO BA . 29.03 -24.03 24.78
O2 EDO BA . 30.17 -24.68 24.27
C1 EDO CA . 7.49 12.65 16.71
O1 EDO CA . 6.19 12.62 16.19
C2 EDO CA . 7.88 11.23 17.12
O2 EDO CA . 7.78 11.07 18.52
C1 EDO DA . 7.59 -2.14 -1.10
O1 EDO DA . 7.87 -3.05 -2.12
C2 EDO DA . 8.26 -0.81 -1.45
O2 EDO DA . 7.33 0.22 -1.21
C1 EDO EA . 35.11 26.60 4.67
O1 EDO EA . 34.59 26.83 5.96
C2 EDO EA . 36.47 25.90 4.77
O2 EDO EA . 36.46 24.74 3.97
C1 EDO FA . 24.23 17.10 13.96
O1 EDO FA . 25.55 16.67 13.86
C2 EDO FA . 23.79 17.53 12.57
O2 EDO FA . 22.48 18.00 12.62
C1 EDO GA . 19.37 -9.52 -16.79
O1 EDO GA . 18.09 -10.04 -17.07
C2 EDO GA . 20.41 -10.52 -17.26
O2 EDO GA . 20.98 -10.05 -18.45
C1 EDO HA . 7.70 -15.02 -12.60
O1 EDO HA . 7.17 -15.84 -13.62
C2 EDO HA . 7.17 -15.53 -11.27
O2 EDO HA . 8.05 -15.12 -10.24
P PO4 IA . -2.84 8.40 15.26
O1 PO4 IA . -3.99 8.11 14.23
O2 PO4 IA . -2.57 7.13 16.13
O3 PO4 IA . -3.28 9.60 16.17
O4 PO4 IA . -1.52 8.74 14.47
P PO4 JA . -16.20 -10.78 -15.54
O1 PO4 JA . -17.32 -10.91 -16.60
O2 PO4 JA . -15.14 -11.96 -15.70
O3 PO4 JA . -16.81 -10.87 -14.10
O4 PO4 JA . -15.51 -9.43 -15.73
NA NA KA . 5.18 14.75 -0.83
NA NA LA . -10.95 3.45 -27.41
NA NA MA . 13.22 15.14 15.07
NA NA NA . 2.21 8.31 6.41
NA NA OA . 9.04 13.22 13.11
NA NA PA . -25.46 5.20 4.47
NA NA QA . -15.06 12.05 5.70
NA NA RA . -22.71 13.99 1.00
CL CL SA . -12.52 10.57 -16.12
C1 PGE TA . -59.19 -0.91 -14.88
O1 PGE TA . -59.00 0.37 -14.31
C2 PGE TA . -59.19 -1.95 -13.76
O2 PGE TA . -58.18 -2.91 -13.99
C3 PGE TA . -57.10 -2.74 -13.14
C4 PGE TA . -56.41 -4.04 -12.79
O4 PGE TA . -55.71 -3.61 -8.43
C6 PGE TA . -55.59 -2.88 -9.61
C5 PGE TA . -55.19 -3.82 -10.73
O3 PGE TA . -56.39 -4.10 -11.39
OH2 1PE UA . -48.78 -15.40 -7.00
C12 1PE UA . -49.60 -15.68 -8.11
C22 1PE UA . -48.73 -16.36 -9.17
OH3 1PE UA . -47.83 -15.42 -9.67
C13 1PE UA . -46.27 -14.76 -11.35
C23 1PE UA . -47.49 -15.62 -11.01
OH4 1PE UA . -46.57 -13.42 -11.12
C14 1PE UA . -46.39 -11.20 -11.90
C24 1PE UA . -45.66 -12.52 -11.69
OH5 1PE UA . -46.88 -11.14 -13.21
C15 1PE UA . -48.37 -10.19 -14.83
C25 1PE UA . -47.70 -10.04 -13.46
OH6 1PE UA . -49.33 -11.22 -14.78
C16 1PE UA . -51.54 -11.86 -15.53
C26 1PE UA . -50.66 -10.78 -14.89
OH7 1PE UA . -51.47 -13.03 -14.76
C1 PEG VA . -44.10 -11.14 -8.47
O1 PEG VA . -43.26 -12.15 -7.97
C2 PEG VA . -45.30 -10.93 -7.54
O2 PEG VA . -44.99 -11.32 -6.24
C3 PEG VA . -46.03 -11.96 -5.53
C4 PEG VA . -46.43 -11.10 -4.34
O4 PEG VA . -46.82 -9.83 -4.81
C1 EDO WA . -17.90 -10.45 14.28
O1 EDO WA . -18.09 -11.75 14.78
C2 EDO WA . -18.36 -9.46 15.36
O2 EDO WA . -19.76 -9.52 15.51
C1 EDO XA . -14.93 9.53 -0.44
O1 EDO XA . -15.43 9.06 -1.66
C2 EDO XA . -13.55 10.11 -0.65
O2 EDO XA . -13.42 11.33 0.01
C1 EDO YA . 1.41 24.05 11.55
O1 EDO YA . 1.04 22.71 11.76
C2 EDO YA . 0.82 24.52 10.22
O2 EDO YA . 1.50 25.63 9.72
#